data_7AKT
# 
_entry.id   7AKT 
# 
_audit_conform.dict_name       mmcif_pdbx.dic 
_audit_conform.dict_version    5.384 
_audit_conform.dict_location   http://mmcif.pdb.org/dictionaries/ascii/mmcif_pdbx.dic 
# 
loop_
_database_2.database_id 
_database_2.database_code 
_database_2.pdbx_database_accession 
_database_2.pdbx_DOI 
PDB   7AKT         pdb_00007akt 10.2210/pdb7akt/pdb 
WWPDB D_1292111538 ?            ?                   
# 
loop_
_pdbx_audit_revision_history.ordinal 
_pdbx_audit_revision_history.data_content_type 
_pdbx_audit_revision_history.major_revision 
_pdbx_audit_revision_history.minor_revision 
_pdbx_audit_revision_history.revision_date 
1 'Structure model' 1 0 2021-10-13 
2 'Structure model' 1 1 2024-01-31 
# 
_pdbx_audit_revision_details.ordinal             1 
_pdbx_audit_revision_details.revision_ordinal    1 
_pdbx_audit_revision_details.data_content_type   'Structure model' 
_pdbx_audit_revision_details.provider            repository 
_pdbx_audit_revision_details.type                'Initial release' 
_pdbx_audit_revision_details.description         ? 
_pdbx_audit_revision_details.details             ? 
# 
loop_
_pdbx_audit_revision_group.ordinal 
_pdbx_audit_revision_group.revision_ordinal 
_pdbx_audit_revision_group.data_content_type 
_pdbx_audit_revision_group.group 
1 2 'Structure model' 'Data collection'        
2 2 'Structure model' 'Refinement description' 
# 
loop_
_pdbx_audit_revision_category.ordinal 
_pdbx_audit_revision_category.revision_ordinal 
_pdbx_audit_revision_category.data_content_type 
_pdbx_audit_revision_category.category 
1 2 'Structure model' chem_comp_atom                
2 2 'Structure model' chem_comp_bond                
3 2 'Structure model' diffrn_source                 
4 2 'Structure model' pdbx_initial_refinement_model 
# 
_pdbx_audit_revision_item.ordinal             1 
_pdbx_audit_revision_item.revision_ordinal    2 
_pdbx_audit_revision_item.data_content_type   'Structure model' 
_pdbx_audit_revision_item.item                '_diffrn_source.pdbx_synchrotron_site' 
# 
_pdbx_database_status.status_code                     REL 
_pdbx_database_status.status_code_sf                  REL 
_pdbx_database_status.status_code_mr                  ? 
_pdbx_database_status.entry_id                        7AKT 
_pdbx_database_status.recvd_initial_deposition_date   2020-10-02 
_pdbx_database_status.SG_entry                        N 
_pdbx_database_status.deposit_site                    PDBE 
_pdbx_database_status.process_site                    PDBE 
_pdbx_database_status.status_code_cs                  ? 
_pdbx_database_status.status_code_nmr_data            ? 
_pdbx_database_status.methods_development_category    ? 
_pdbx_database_status.pdb_format_compatible           Y 
# 
loop_
_audit_author.name 
_audit_author.pdbx_ordinal 
_audit_author.identifier_ORCID 
'Kurisu, G.'      1 0000-0002-5354-0807 
'Ohnishi, Y.'     2 ?                   
'Engelbrecht, V.' 3 0000-0002-7544-5472 
'Happe, T.'       4 0000-0003-1206-5234 
# 
_citation.abstract                  ? 
_citation.abstract_id_CAS           ? 
_citation.book_id_ISBN              ? 
_citation.book_publisher            ? 
_citation.book_publisher_city       ? 
_citation.book_title                ? 
_citation.coordinate_linkage        ? 
_citation.country                   ? 
_citation.database_id_Medline       ? 
_citation.details                   ? 
_citation.id                        primary 
_citation.journal_abbrev            'To Be Published' 
_citation.journal_id_ASTM           ? 
_citation.journal_id_CSD            0353 
_citation.journal_id_ISSN           ? 
_citation.journal_full              ? 
_citation.journal_issue             ? 
_citation.journal_volume            ? 
_citation.language                  ? 
_citation.page_first                ? 
_citation.page_last                 ? 
_citation.title                     'Ferredoxin 2.0: an electron transfer protein designed into a photosystem I-driven hydrogenase' 
_citation.year                      ? 
_citation.database_id_CSD           ? 
_citation.pdbx_database_id_DOI      ? 
_citation.pdbx_database_id_PubMed   ? 
_citation.unpublished_flag          ? 
# 
loop_
_citation_author.citation_id 
_citation_author.name 
_citation_author.ordinal 
_citation_author.identifier_ORCID 
primary 'Engelbrecht, V.'   1  0000-0002-7544-5472 
primary 'Hemschemeier, A.'  2  0000-0001-8879-3348 
primary 'Heghmanns, M.'     3  ?                   
primary 'Thomsen, J.'       4  ?                   
primary 'Rutz, A.'          5  ?                   
primary 'Yadav, S.'         6  ?                   
primary 'Ohnishi, Y.'       7  ?                   
primary 'Apfel, U.-P.'      8  ?                   
primary 'Kasanmascheff, M.' 9  ?                   
primary 'Kurisu, G.'        10 ?                   
primary 'Happe, T.'         11 ?                   
# 
loop_
_entity.id 
_entity.type 
_entity.src_method 
_entity.pdbx_description 
_entity.formula_weight 
_entity.pdbx_number_of_molecules 
_entity.pdbx_ec 
_entity.pdbx_mutation 
_entity.pdbx_fragment 
_entity.details 
1 polymer     man 'Ferredoxin, chloroplastic'  11715.953 1  ? 'A39G, A41V' ? ? 
2 non-polymer syn 'FE2/S2 (INORGANIC) CLUSTER' 175.820   1  ? ?            ? ? 
3 non-polymer syn BENZAMIDINE                  120.152   2  ? ?            ? ? 
4 non-polymer syn 'SODIUM ION'                 22.990    1  ? ?            ? ? 
5 non-polymer syn 'CHLORIDE ION'               35.453    1  ? ?            ? ? 
6 water       nat water                        18.015    78 ? ?            ? ? 
# 
_entity_poly.entity_id                      1 
_entity_poly.type                           'polypeptide(L)' 
_entity_poly.nstd_linkage                   no 
_entity_poly.nstd_monomer                   no 
_entity_poly.pdbx_seq_one_letter_code       
;MASWSHPQFEKIEGRYKVTLKTPSGDKTIECPADTYILDAAEEAGLDLPYSCRGGVCSSCAGKVAAGTVDQSDQSFLDDA
QMGNGFVLTCVAYPTSDCTIQTHQEEALY
;
_entity_poly.pdbx_seq_one_letter_code_can   
;MASWSHPQFEKIEGRYKVTLKTPSGDKTIECPADTYILDAAEEAGLDLPYSCRGGVCSSCAGKVAAGTVDQSDQSFLDDA
QMGNGFVLTCVAYPTSDCTIQTHQEEALY
;
_entity_poly.pdbx_strand_id                 A 
_entity_poly.pdbx_target_identifier         ? 
# 
loop_
_pdbx_entity_nonpoly.entity_id 
_pdbx_entity_nonpoly.name 
_pdbx_entity_nonpoly.comp_id 
2 'FE2/S2 (INORGANIC) CLUSTER' FES 
3 BENZAMIDINE                  BEN 
4 'SODIUM ION'                 NA  
5 'CHLORIDE ION'               CL  
6 water                        HOH 
# 
loop_
_entity_poly_seq.entity_id 
_entity_poly_seq.num 
_entity_poly_seq.mon_id 
_entity_poly_seq.hetero 
1 1   MET n 
1 2   ALA n 
1 3   SER n 
1 4   TRP n 
1 5   SER n 
1 6   HIS n 
1 7   PRO n 
1 8   GLN n 
1 9   PHE n 
1 10  GLU n 
1 11  LYS n 
1 12  ILE n 
1 13  GLU n 
1 14  GLY n 
1 15  ARG n 
1 16  TYR n 
1 17  LYS n 
1 18  VAL n 
1 19  THR n 
1 20  LEU n 
1 21  LYS n 
1 22  THR n 
1 23  PRO n 
1 24  SER n 
1 25  GLY n 
1 26  ASP n 
1 27  LYS n 
1 28  THR n 
1 29  ILE n 
1 30  GLU n 
1 31  CYS n 
1 32  PRO n 
1 33  ALA n 
1 34  ASP n 
1 35  THR n 
1 36  TYR n 
1 37  ILE n 
1 38  LEU n 
1 39  ASP n 
1 40  ALA n 
1 41  ALA n 
1 42  GLU n 
1 43  GLU n 
1 44  ALA n 
1 45  GLY n 
1 46  LEU n 
1 47  ASP n 
1 48  LEU n 
1 49  PRO n 
1 50  TYR n 
1 51  SER n 
1 52  CYS n 
1 53  ARG n 
1 54  GLY n 
1 55  GLY n 
1 56  VAL n 
1 57  CYS n 
1 58  SER n 
1 59  SER n 
1 60  CYS n 
1 61  ALA n 
1 62  GLY n 
1 63  LYS n 
1 64  VAL n 
1 65  ALA n 
1 66  ALA n 
1 67  GLY n 
1 68  THR n 
1 69  VAL n 
1 70  ASP n 
1 71  GLN n 
1 72  SER n 
1 73  ASP n 
1 74  GLN n 
1 75  SER n 
1 76  PHE n 
1 77  LEU n 
1 78  ASP n 
1 79  ASP n 
1 80  ALA n 
1 81  GLN n 
1 82  MET n 
1 83  GLY n 
1 84  ASN n 
1 85  GLY n 
1 86  PHE n 
1 87  VAL n 
1 88  LEU n 
1 89  THR n 
1 90  CYS n 
1 91  VAL n 
1 92  ALA n 
1 93  TYR n 
1 94  PRO n 
1 95  THR n 
1 96  SER n 
1 97  ASP n 
1 98  CYS n 
1 99  THR n 
1 100 ILE n 
1 101 GLN n 
1 102 THR n 
1 103 HIS n 
1 104 GLN n 
1 105 GLU n 
1 106 GLU n 
1 107 ALA n 
1 108 LEU n 
1 109 TYR n 
# 
_entity_src_gen.entity_id                          1 
_entity_src_gen.pdbx_src_id                        1 
_entity_src_gen.pdbx_alt_source_flag               sample 
_entity_src_gen.pdbx_seq_type                      'Biological sequence' 
_entity_src_gen.pdbx_beg_seq_num                   1 
_entity_src_gen.pdbx_end_seq_num                   109 
_entity_src_gen.gene_src_common_name               ? 
_entity_src_gen.gene_src_genus                     ? 
_entity_src_gen.pdbx_gene_src_gene                 PETF 
_entity_src_gen.gene_src_species                   ? 
_entity_src_gen.gene_src_strain                    ? 
_entity_src_gen.gene_src_tissue                    ? 
_entity_src_gen.gene_src_tissue_fraction           ? 
_entity_src_gen.gene_src_details                   ? 
_entity_src_gen.pdbx_gene_src_fragment             ? 
_entity_src_gen.pdbx_gene_src_scientific_name      'Chlamydomonas reinhardtii' 
_entity_src_gen.pdbx_gene_src_ncbi_taxonomy_id     3055 
_entity_src_gen.pdbx_gene_src_variant              ? 
_entity_src_gen.pdbx_gene_src_cell_line            ? 
_entity_src_gen.pdbx_gene_src_atcc                 ? 
_entity_src_gen.pdbx_gene_src_organ                ? 
_entity_src_gen.pdbx_gene_src_organelle            ? 
_entity_src_gen.pdbx_gene_src_cell                 ? 
_entity_src_gen.pdbx_gene_src_cellular_location    ? 
_entity_src_gen.host_org_common_name               ? 
_entity_src_gen.pdbx_host_org_scientific_name      'Escherichia coli BL21(DE3)' 
_entity_src_gen.pdbx_host_org_ncbi_taxonomy_id     469008 
_entity_src_gen.host_org_genus                     ? 
_entity_src_gen.pdbx_host_org_gene                 ? 
_entity_src_gen.pdbx_host_org_organ                ? 
_entity_src_gen.host_org_species                   ? 
_entity_src_gen.pdbx_host_org_tissue               ? 
_entity_src_gen.pdbx_host_org_tissue_fraction      ? 
_entity_src_gen.pdbx_host_org_strain               ? 
_entity_src_gen.pdbx_host_org_variant              Rosetta 
_entity_src_gen.pdbx_host_org_cell_line            ? 
_entity_src_gen.pdbx_host_org_atcc                 ? 
_entity_src_gen.pdbx_host_org_culture_collection   ? 
_entity_src_gen.pdbx_host_org_cell                 ? 
_entity_src_gen.pdbx_host_org_organelle            ? 
_entity_src_gen.pdbx_host_org_cellular_location    ? 
_entity_src_gen.pdbx_host_org_vector_type          ? 
_entity_src_gen.pdbx_host_org_vector               ? 
_entity_src_gen.host_org_details                   ? 
_entity_src_gen.expression_system_id               ? 
_entity_src_gen.plasmid_name                       ? 
_entity_src_gen.plasmid_details                    ? 
_entity_src_gen.pdbx_description                   ? 
# 
loop_
_chem_comp.id 
_chem_comp.type 
_chem_comp.mon_nstd_flag 
_chem_comp.name 
_chem_comp.pdbx_synonyms 
_chem_comp.formula 
_chem_comp.formula_weight 
ALA 'L-peptide linking' y ALANINE                      ? 'C3 H7 N O2'     89.093  
ARG 'L-peptide linking' y ARGININE                     ? 'C6 H15 N4 O2 1' 175.209 
ASN 'L-peptide linking' y ASPARAGINE                   ? 'C4 H8 N2 O3'    132.118 
ASP 'L-peptide linking' y 'ASPARTIC ACID'              ? 'C4 H7 N O4'     133.103 
BEN non-polymer         . BENZAMIDINE                  ? 'C7 H8 N2'       120.152 
CL  non-polymer         . 'CHLORIDE ION'               ? 'Cl -1'          35.453  
CYS 'L-peptide linking' y CYSTEINE                     ? 'C3 H7 N O2 S'   121.158 
FES non-polymer         . 'FE2/S2 (INORGANIC) CLUSTER' ? 'Fe2 S2'         175.820 
GLN 'L-peptide linking' y GLUTAMINE                    ? 'C5 H10 N2 O3'   146.144 
GLU 'L-peptide linking' y 'GLUTAMIC ACID'              ? 'C5 H9 N O4'     147.129 
GLY 'peptide linking'   y GLYCINE                      ? 'C2 H5 N O2'     75.067  
HIS 'L-peptide linking' y HISTIDINE                    ? 'C6 H10 N3 O2 1' 156.162 
HOH non-polymer         . WATER                        ? 'H2 O'           18.015  
ILE 'L-peptide linking' y ISOLEUCINE                   ? 'C6 H13 N O2'    131.173 
LEU 'L-peptide linking' y LEUCINE                      ? 'C6 H13 N O2'    131.173 
LYS 'L-peptide linking' y LYSINE                       ? 'C6 H15 N2 O2 1' 147.195 
MET 'L-peptide linking' y METHIONINE                   ? 'C5 H11 N O2 S'  149.211 
NA  non-polymer         . 'SODIUM ION'                 ? 'Na 1'           22.990  
PHE 'L-peptide linking' y PHENYLALANINE                ? 'C9 H11 N O2'    165.189 
PRO 'L-peptide linking' y PROLINE                      ? 'C5 H9 N O2'     115.130 
SER 'L-peptide linking' y SERINE                       ? 'C3 H7 N O3'     105.093 
THR 'L-peptide linking' y THREONINE                    ? 'C4 H9 N O3'     119.119 
TRP 'L-peptide linking' y TRYPTOPHAN                   ? 'C11 H12 N2 O2'  204.225 
TYR 'L-peptide linking' y TYROSINE                     ? 'C9 H11 N O3'    181.189 
VAL 'L-peptide linking' y VALINE                       ? 'C5 H11 N O2'    117.146 
# 
loop_
_pdbx_poly_seq_scheme.asym_id 
_pdbx_poly_seq_scheme.entity_id 
_pdbx_poly_seq_scheme.seq_id 
_pdbx_poly_seq_scheme.mon_id 
_pdbx_poly_seq_scheme.ndb_seq_num 
_pdbx_poly_seq_scheme.pdb_seq_num 
_pdbx_poly_seq_scheme.auth_seq_num 
_pdbx_poly_seq_scheme.pdb_mon_id 
_pdbx_poly_seq_scheme.auth_mon_id 
_pdbx_poly_seq_scheme.pdb_strand_id 
_pdbx_poly_seq_scheme.pdb_ins_code 
_pdbx_poly_seq_scheme.hetero 
A 1 1   MET 1   -14 ?   ?   ?   A . n 
A 1 2   ALA 2   -13 ?   ?   ?   A . n 
A 1 3   SER 3   -12 -11 SER ALA A . n 
A 1 4   TRP 4   -11 -10 TRP TRP A . n 
A 1 5   SER 5   -10 -9  SER SER A . n 
A 1 6   HIS 6   -9  -8  HIS HIS A . n 
A 1 7   PRO 7   -8  -7  PRO PRO A . n 
A 1 8   GLN 8   -7  -6  GLN GLN A . n 
A 1 9   PHE 9   -6  -5  PHE PHE A . n 
A 1 10  GLU 10  -5  -4  GLU GLU A . n 
A 1 11  LYS 11  -4  -3  LYS LYS A . n 
A 1 12  ILE 12  -3  -2  ILE ILE A . n 
A 1 13  GLU 13  -2  -1  GLU GLU A . n 
A 1 14  GLY 14  -1  0   GLY GLY A . n 
A 1 15  ARG 15  0   1   ARG ARG A . n 
A 1 16  TYR 16  1   2   TYR TYR A . n 
A 1 17  LYS 17  2   3   LYS LYS A . n 
A 1 18  VAL 18  3   4   VAL VAL A . n 
A 1 19  THR 19  4   5   THR THR A . n 
A 1 20  LEU 20  5   6   LEU LEU A . n 
A 1 21  LYS 21  6   7   LYS LYS A . n 
A 1 22  THR 22  7   8   THR THR A . n 
A 1 23  PRO 23  8   9   PRO PRO A . n 
A 1 24  SER 24  9   10  SER SER A . n 
A 1 25  GLY 25  10  11  GLY GLY A . n 
A 1 26  ASP 26  11  12  ASP ASP A . n 
A 1 27  LYS 27  12  13  LYS LYS A . n 
A 1 28  THR 28  13  14  THR THR A . n 
A 1 29  ILE 29  14  15  ILE ILE A . n 
A 1 30  GLU 30  15  16  GLU GLU A . n 
A 1 31  CYS 31  16  17  CYS CYS A . n 
A 1 32  PRO 32  17  18  PRO PRO A . n 
A 1 33  ALA 33  18  19  ALA ALA A . n 
A 1 34  ASP 34  19  20  ASP ASP A . n 
A 1 35  THR 35  20  21  THR THR A . n 
A 1 36  TYR 36  21  22  TYR TYR A . n 
A 1 37  ILE 37  22  23  ILE ILE A . n 
A 1 38  LEU 38  23  24  LEU LEU A . n 
A 1 39  ASP 39  24  25  ASP ASP A . n 
A 1 40  ALA 40  25  26  ALA ALA A . n 
A 1 41  ALA 41  26  27  ALA ALA A . n 
A 1 42  GLU 42  27  28  GLU GLU A . n 
A 1 43  GLU 43  28  29  GLU GLU A . n 
A 1 44  ALA 44  29  30  ALA ALA A . n 
A 1 45  GLY 45  30  31  GLY GLY A . n 
A 1 46  LEU 46  31  32  LEU LEU A . n 
A 1 47  ASP 47  32  33  ASP ASP A . n 
A 1 48  LEU 48  33  34  LEU LEU A . n 
A 1 49  PRO 49  34  35  PRO PRO A . n 
A 1 50  TYR 50  35  36  TYR TYR A . n 
A 1 51  SER 51  36  37  SER SER A . n 
A 1 52  CYS 52  37  38  CYS CYS A . n 
A 1 53  ARG 53  38  39  ARG ARG A . n 
A 1 54  GLY 54  39  40  GLY GLY A . n 
A 1 55  GLY 55  40  41  GLY GLY A . n 
A 1 56  VAL 56  41  42  VAL VAL A . n 
A 1 57  CYS 57  42  43  CYS CYS A . n 
A 1 58  SER 58  43  44  SER SER A . n 
A 1 59  SER 59  44  45  SER SER A . n 
A 1 60  CYS 60  45  46  CYS CYS A . n 
A 1 61  ALA 61  46  47  ALA ALA A . n 
A 1 62  GLY 62  47  48  GLY GLY A . n 
A 1 63  LYS 63  48  49  LYS LYS A . n 
A 1 64  VAL 64  49  50  VAL VAL A . n 
A 1 65  ALA 65  50  51  ALA ALA A . n 
A 1 66  ALA 66  51  52  ALA ALA A . n 
A 1 67  GLY 67  52  53  GLY GLY A . n 
A 1 68  THR 68  53  54  THR THR A . n 
A 1 69  VAL 69  54  55  VAL VAL A . n 
A 1 70  ASP 70  55  56  ASP ASP A . n 
A 1 71  GLN 71  56  57  GLN GLN A . n 
A 1 72  SER 72  57  58  SER SER A . n 
A 1 73  ASP 73  58  59  ASP ASP A . n 
A 1 74  GLN 74  59  60  GLN GLN A . n 
A 1 75  SER 75  60  61  SER SER A . n 
A 1 76  PHE 76  61  62  PHE PHE A . n 
A 1 77  LEU 77  62  63  LEU LEU A . n 
A 1 78  ASP 78  63  64  ASP ASP A . n 
A 1 79  ASP 79  64  65  ASP ASP A . n 
A 1 80  ALA 80  65  66  ALA ALA A . n 
A 1 81  GLN 81  66  67  GLN GLN A . n 
A 1 82  MET 82  67  68  MET MET A . n 
A 1 83  GLY 83  68  69  GLY GLY A . n 
A 1 84  ASN 84  69  70  ASN ASN A . n 
A 1 85  GLY 85  70  71  GLY GLY A . n 
A 1 86  PHE 86  71  72  PHE PHE A . n 
A 1 87  VAL 87  72  73  VAL VAL A . n 
A 1 88  LEU 88  73  74  LEU LEU A . n 
A 1 89  THR 89  74  75  THR THR A . n 
A 1 90  CYS 90  75  76  CYS CYS A . n 
A 1 91  VAL 91  76  77  VAL VAL A . n 
A 1 92  ALA 92  77  78  ALA ALA A . n 
A 1 93  TYR 93  78  79  TYR TYR A . n 
A 1 94  PRO 94  79  80  PRO PRO A . n 
A 1 95  THR 95  80  81  THR THR A . n 
A 1 96  SER 96  81  82  SER SER A . n 
A 1 97  ASP 97  82  83  ASP ASP A . n 
A 1 98  CYS 98  83  84  CYS CYS A . n 
A 1 99  THR 99  84  85  THR THR A . n 
A 1 100 ILE 100 85  86  ILE ILE A . n 
A 1 101 GLN 101 86  87  GLN GLN A . n 
A 1 102 THR 102 87  88  THR THR A . n 
A 1 103 HIS 103 88  89  HIS HIS A . n 
A 1 104 GLN 104 89  90  GLN GLN A . n 
A 1 105 GLU 105 90  91  GLU GLU A . n 
A 1 106 GLU 106 91  92  GLU GLU A . n 
A 1 107 ALA 107 92  93  ALA ALA A . n 
A 1 108 LEU 108 93  94  LEU LEU A . n 
A 1 109 TYR 109 94  95  TYR TYR A . n 
# 
loop_
_pdbx_nonpoly_scheme.asym_id 
_pdbx_nonpoly_scheme.entity_id 
_pdbx_nonpoly_scheme.mon_id 
_pdbx_nonpoly_scheme.ndb_seq_num 
_pdbx_nonpoly_scheme.pdb_seq_num 
_pdbx_nonpoly_scheme.auth_seq_num 
_pdbx_nonpoly_scheme.pdb_mon_id 
_pdbx_nonpoly_scheme.auth_mon_id 
_pdbx_nonpoly_scheme.pdb_strand_id 
_pdbx_nonpoly_scheme.pdb_ins_code 
B 2 FES 1  101 121 FES FES A . 
C 3 BEN 1  102 152 BEN BEN A . 
D 3 BEN 1  103 201 BEN BEN A . 
E 4 NA  1  104 1   NA  NA  A . 
F 5 CL  1  105 1   CL  CL  A . 
G 6 HOH 1  201 60  HOH HOH A . 
G 6 HOH 2  202 23  HOH HOH A . 
G 6 HOH 3  203 83  HOH HOH A . 
G 6 HOH 4  204 71  HOH HOH A . 
G 6 HOH 5  205 14  HOH HOH A . 
G 6 HOH 6  206 2   HOH HOH A . 
G 6 HOH 7  207 61  HOH HOH A . 
G 6 HOH 8  208 25  HOH HOH A . 
G 6 HOH 9  209 33  HOH HOH A . 
G 6 HOH 10 210 21  HOH HOH A . 
G 6 HOH 11 211 28  HOH HOH A . 
G 6 HOH 12 212 34  HOH HOH A . 
G 6 HOH 13 213 81  HOH HOH A . 
G 6 HOH 14 214 48  HOH HOH A . 
G 6 HOH 15 215 79  HOH HOH A . 
G 6 HOH 16 216 16  HOH HOH A . 
G 6 HOH 17 217 70  HOH HOH A . 
G 6 HOH 18 218 22  HOH HOH A . 
G 6 HOH 19 219 63  HOH HOH A . 
G 6 HOH 20 220 9   HOH HOH A . 
G 6 HOH 21 221 13  HOH HOH A . 
G 6 HOH 22 222 51  HOH HOH A . 
G 6 HOH 23 223 55  HOH HOH A . 
G 6 HOH 24 224 30  HOH HOH A . 
G 6 HOH 25 225 68  HOH HOH A . 
G 6 HOH 26 226 59  HOH HOH A . 
G 6 HOH 27 227 31  HOH HOH A . 
G 6 HOH 28 228 84  HOH HOH A . 
G 6 HOH 29 229 41  HOH HOH A . 
G 6 HOH 30 230 19  HOH HOH A . 
G 6 HOH 31 231 26  HOH HOH A . 
G 6 HOH 32 232 43  HOH HOH A . 
G 6 HOH 33 233 35  HOH HOH A . 
G 6 HOH 34 234 6   HOH HOH A . 
G 6 HOH 35 235 18  HOH HOH A . 
G 6 HOH 36 236 56  HOH HOH A . 
G 6 HOH 37 237 36  HOH HOH A . 
G 6 HOH 38 238 15  HOH HOH A . 
G 6 HOH 39 239 78  HOH HOH A . 
G 6 HOH 40 240 27  HOH HOH A . 
G 6 HOH 41 241 39  HOH HOH A . 
G 6 HOH 42 242 42  HOH HOH A . 
G 6 HOH 43 243 66  HOH HOH A . 
G 6 HOH 44 244 45  HOH HOH A . 
G 6 HOH 45 245 82  HOH HOH A . 
G 6 HOH 46 246 52  HOH HOH A . 
G 6 HOH 47 247 46  HOH HOH A . 
G 6 HOH 48 248 17  HOH HOH A . 
G 6 HOH 49 249 75  HOH HOH A . 
G 6 HOH 50 250 7   HOH HOH A . 
G 6 HOH 51 251 58  HOH HOH A . 
G 6 HOH 52 252 74  HOH HOH A . 
G 6 HOH 53 253 32  HOH HOH A . 
G 6 HOH 54 254 38  HOH HOH A . 
G 6 HOH 55 255 73  HOH HOH A . 
G 6 HOH 56 256 3   HOH HOH A . 
G 6 HOH 57 257 57  HOH HOH A . 
G 6 HOH 58 258 72  HOH HOH A . 
G 6 HOH 59 259 50  HOH HOH A . 
G 6 HOH 60 260 53  HOH HOH A . 
G 6 HOH 61 261 29  HOH HOH A . 
G 6 HOH 62 262 80  HOH HOH A . 
G 6 HOH 63 263 8   HOH HOH A . 
G 6 HOH 64 264 40  HOH HOH A . 
G 6 HOH 65 265 37  HOH HOH A . 
G 6 HOH 66 266 10  HOH HOH A . 
G 6 HOH 67 267 69  HOH HOH A . 
G 6 HOH 68 268 85  HOH HOH A . 
G 6 HOH 69 269 49  HOH HOH A . 
G 6 HOH 70 270 12  HOH HOH A . 
G 6 HOH 71 271 54  HOH HOH A . 
G 6 HOH 72 272 67  HOH HOH A . 
G 6 HOH 73 273 64  HOH HOH A . 
G 6 HOH 74 274 47  HOH HOH A . 
G 6 HOH 75 275 65  HOH HOH A . 
G 6 HOH 76 276 44  HOH HOH A . 
G 6 HOH 77 277 86  HOH HOH A . 
G 6 HOH 78 278 77  HOH HOH A . 
# 
loop_
_pdbx_unobs_or_zero_occ_atoms.id 
_pdbx_unobs_or_zero_occ_atoms.PDB_model_num 
_pdbx_unobs_or_zero_occ_atoms.polymer_flag 
_pdbx_unobs_or_zero_occ_atoms.occupancy_flag 
_pdbx_unobs_or_zero_occ_atoms.auth_asym_id 
_pdbx_unobs_or_zero_occ_atoms.auth_comp_id 
_pdbx_unobs_or_zero_occ_atoms.auth_seq_id 
_pdbx_unobs_or_zero_occ_atoms.PDB_ins_code 
_pdbx_unobs_or_zero_occ_atoms.auth_atom_id 
_pdbx_unobs_or_zero_occ_atoms.label_alt_id 
_pdbx_unobs_or_zero_occ_atoms.label_asym_id 
_pdbx_unobs_or_zero_occ_atoms.label_comp_id 
_pdbx_unobs_or_zero_occ_atoms.label_seq_id 
_pdbx_unobs_or_zero_occ_atoms.label_atom_id 
1  1 Y 1 A SER -12 ? OG  ? A SER 3  OG  
2  1 Y 1 A GLU -5  ? CG  ? A GLU 10 CG  
3  1 Y 1 A GLU -5  ? CD  ? A GLU 10 CD  
4  1 Y 1 A GLU -5  ? OE1 ? A GLU 10 OE1 
5  1 Y 1 A GLU -5  ? OE2 ? A GLU 10 OE2 
6  1 Y 1 A ILE -3  ? CG1 ? A ILE 12 CG1 
7  1 Y 1 A ILE -3  ? CG2 ? A ILE 12 CG2 
8  1 Y 1 A ILE -3  ? CD1 ? A ILE 12 CD1 
9  1 Y 1 A GLU -2  ? CG  ? A GLU 13 CG  
10 1 Y 1 A GLU -2  ? CD  ? A GLU 13 CD  
11 1 Y 1 A GLU -2  ? OE1 ? A GLU 13 OE1 
12 1 Y 1 A GLU -2  ? OE2 ? A GLU 13 OE2 
13 1 Y 1 A ARG 0   ? CD  ? A ARG 15 CD  
14 1 Y 1 A ARG 0   ? NE  ? A ARG 15 NE  
15 1 Y 1 A ARG 0   ? CZ  ? A ARG 15 CZ  
16 1 Y 1 A ARG 0   ? NH1 ? A ARG 15 NH1 
17 1 Y 1 A ARG 0   ? NH2 ? A ARG 15 NH2 
18 1 Y 1 A LYS 2   ? CE  ? A LYS 17 CE  
19 1 Y 1 A LYS 2   ? NZ  ? A LYS 17 NZ  
20 1 Y 1 A GLU 15  ? CG  ? A GLU 30 CG  
21 1 Y 1 A GLU 15  ? CD  ? A GLU 30 CD  
22 1 Y 1 A GLU 15  ? OE1 ? A GLU 30 OE1 
23 1 Y 1 A GLU 15  ? OE2 ? A GLU 30 OE2 
24 1 Y 1 A LYS 48  ? CE  ? A LYS 63 CE  
25 1 Y 1 A LYS 48  ? NZ  ? A LYS 63 NZ  
# 
loop_
_software.citation_id 
_software.classification 
_software.compiler_name 
_software.compiler_version 
_software.contact_author 
_software.contact_author_email 
_software.date 
_software.description 
_software.dependencies 
_software.hardware 
_software.language 
_software.location 
_software.mods 
_software.name 
_software.os 
_software.os_version 
_software.type 
_software.version 
_software.pdbx_ordinal 
? 'data processing' ? ? ? ? ? ? ? ? ? ? ? XDS    ? ? ? .                   1 
? 'data reduction'  ? ? ? ? ? ? ? ? ? ? ? XDS    ? ? ? .                   2 
? 'data scaling'    ? ? ? ? ? ? ? ? ? ? ? XSCALE ? ? ? .                   3 
? phasing           ? ? ? ? ? ? ? ? ? ? ? PHENIX ? ? ? .                   4 
? refinement        ? ? ? ? ? ? ? ? ? ? ? PHENIX ? ? ? 'Version 1.14-3260' 5 
# 
_cell.angle_alpha                  90.00 
_cell.angle_alpha_esd              ? 
_cell.angle_beta                   112.13 
_cell.angle_beta_esd               ? 
_cell.angle_gamma                  90.00 
_cell.angle_gamma_esd              ? 
_cell.entry_id                     7AKT 
_cell.details                      ? 
_cell.formula_units_Z              ? 
_cell.length_a                     25.966 
_cell.length_a_esd                 ? 
_cell.length_b                     51.231 
_cell.length_b_esd                 ? 
_cell.length_c                     32.255 
_cell.length_c_esd                 ? 
_cell.volume                       ? 
_cell.volume_esd                   ? 
_cell.Z_PDB                        2 
_cell.reciprocal_angle_alpha       ? 
_cell.reciprocal_angle_beta        ? 
_cell.reciprocal_angle_gamma       ? 
_cell.reciprocal_angle_alpha_esd   ? 
_cell.reciprocal_angle_beta_esd    ? 
_cell.reciprocal_angle_gamma_esd   ? 
_cell.reciprocal_length_a          ? 
_cell.reciprocal_length_b          ? 
_cell.reciprocal_length_c          ? 
_cell.reciprocal_length_a_esd      ? 
_cell.reciprocal_length_b_esd      ? 
_cell.reciprocal_length_c_esd      ? 
_cell.pdbx_unique_axis             ? 
# 
_symmetry.entry_id                         7AKT 
_symmetry.cell_setting                     ? 
_symmetry.Int_Tables_number                4 
_symmetry.space_group_name_Hall            ? 
_symmetry.space_group_name_H-M             'P 1 21 1' 
_symmetry.pdbx_full_space_group_name_H-M   ? 
# 
_exptl.absorpt_coefficient_mu     ? 
_exptl.absorpt_correction_T_max   ? 
_exptl.absorpt_correction_T_min   ? 
_exptl.absorpt_correction_type    ? 
_exptl.absorpt_process_details    ? 
_exptl.entry_id                   7AKT 
_exptl.crystals_number            1 
_exptl.details                    ? 
_exptl.method                     'X-RAY DIFFRACTION' 
_exptl.method_details             ? 
# 
_exptl_crystal.colour                      ? 
_exptl_crystal.density_diffrn              ? 
_exptl_crystal.density_Matthews            1.70 
_exptl_crystal.density_method              ? 
_exptl_crystal.density_percent_sol         27.49 
_exptl_crystal.description                 ? 
_exptl_crystal.F_000                       ? 
_exptl_crystal.id                          1 
_exptl_crystal.preparation                 ? 
_exptl_crystal.size_max                    ? 
_exptl_crystal.size_mid                    ? 
_exptl_crystal.size_min                    ? 
_exptl_crystal.size_rad                    ? 
_exptl_crystal.colour_lustre               ? 
_exptl_crystal.colour_modifier             ? 
_exptl_crystal.colour_primary              ? 
_exptl_crystal.density_meas                ? 
_exptl_crystal.density_meas_esd            ? 
_exptl_crystal.density_meas_gt             ? 
_exptl_crystal.density_meas_lt             ? 
_exptl_crystal.density_meas_temp           ? 
_exptl_crystal.density_meas_temp_esd       ? 
_exptl_crystal.density_meas_temp_gt        ? 
_exptl_crystal.density_meas_temp_lt        ? 
_exptl_crystal.pdbx_crystal_image_url      ? 
_exptl_crystal.pdbx_crystal_image_format   ? 
_exptl_crystal.pdbx_mosaicity              ? 
_exptl_crystal.pdbx_mosaicity_esd          ? 
# 
_exptl_crystal_grow.apparatus       ? 
_exptl_crystal_grow.atmosphere      ? 
_exptl_crystal_grow.crystal_id      1 
_exptl_crystal_grow.details         ? 
_exptl_crystal_grow.method          'VAPOR DIFFUSION, HANGING DROP' 
_exptl_crystal_grow.method_ref      ? 
_exptl_crystal_grow.pH              5.6 
_exptl_crystal_grow.pressure        ? 
_exptl_crystal_grow.pressure_esd    ? 
_exptl_crystal_grow.seeding         ? 
_exptl_crystal_grow.seeding_ref     ? 
_exptl_crystal_grow.temp            281.15 
_exptl_crystal_grow.temp_details    ? 
_exptl_crystal_grow.temp_esd        ? 
_exptl_crystal_grow.time            ? 
_exptl_crystal_grow.pdbx_details    
'2 % (w/v) benzamidine hydrochloride, 1.8 M (NH4)2SO4 and 0.2 M NaSCN in 0.1 M sodium citrate buffer' 
_exptl_crystal_grow.pdbx_pH_range   ? 
# 
_diffrn.ambient_environment              ? 
_diffrn.ambient_temp                     100 
_diffrn.ambient_temp_details             ? 
_diffrn.ambient_temp_esd                 ? 
_diffrn.crystal_id                       1 
_diffrn.crystal_support                  ? 
_diffrn.crystal_treatment                ? 
_diffrn.details                          ? 
_diffrn.id                               1 
_diffrn.ambient_pressure                 ? 
_diffrn.ambient_pressure_esd             ? 
_diffrn.ambient_pressure_gt              ? 
_diffrn.ambient_pressure_lt              ? 
_diffrn.ambient_temp_gt                  ? 
_diffrn.ambient_temp_lt                  ? 
_diffrn.pdbx_serial_crystal_experiment   N 
# 
_diffrn_detector.details                      ? 
_diffrn_detector.detector                     PIXEL 
_diffrn_detector.diffrn_id                    1 
_diffrn_detector.type                         'DECTRIS EIGER X 16M' 
_diffrn_detector.area_resol_mean              ? 
_diffrn_detector.dtime                        ? 
_diffrn_detector.pdbx_frames_total            ? 
_diffrn_detector.pdbx_collection_time_total   ? 
_diffrn_detector.pdbx_collection_date         2020-06-19 
_diffrn_detector.pdbx_frequency               ? 
# 
_diffrn_radiation.collimation                      ? 
_diffrn_radiation.diffrn_id                        1 
_diffrn_radiation.filter_edge                      ? 
_diffrn_radiation.inhomogeneity                    ? 
_diffrn_radiation.monochromator                    ? 
_diffrn_radiation.polarisn_norm                    ? 
_diffrn_radiation.polarisn_ratio                   ? 
_diffrn_radiation.probe                            ? 
_diffrn_radiation.type                             ? 
_diffrn_radiation.xray_symbol                      ? 
_diffrn_radiation.wavelength_id                    1 
_diffrn_radiation.pdbx_monochromatic_or_laue_m_l   M 
_diffrn_radiation.pdbx_wavelength_list             ? 
_diffrn_radiation.pdbx_wavelength                  ? 
_diffrn_radiation.pdbx_diffrn_protocol             'SINGLE WAVELENGTH' 
_diffrn_radiation.pdbx_analyzer                    ? 
_diffrn_radiation.pdbx_scattering_type             x-ray 
# 
_diffrn_radiation_wavelength.id           1 
_diffrn_radiation_wavelength.wavelength   0.9 
_diffrn_radiation_wavelength.wt           1.0 
# 
_diffrn_source.current                     ? 
_diffrn_source.details                     ? 
_diffrn_source.diffrn_id                   1 
_diffrn_source.power                       ? 
_diffrn_source.size                        ? 
_diffrn_source.source                      SYNCHROTRON 
_diffrn_source.target                      ? 
_diffrn_source.type                        'SPRING-8 BEAMLINE BL44XU' 
_diffrn_source.voltage                     ? 
_diffrn_source.take-off_angle              ? 
_diffrn_source.pdbx_wavelength_list        0.9 
_diffrn_source.pdbx_wavelength             ? 
_diffrn_source.pdbx_synchrotron_beamline   BL44XU 
_diffrn_source.pdbx_synchrotron_site       SPring-8 
# 
_reflns.B_iso_Wilson_estimate            ? 
_reflns.entry_id                         7AKT 
_reflns.data_reduction_details           ? 
_reflns.data_reduction_method            ? 
_reflns.d_resolution_high                1.11 
_reflns.d_resolution_low                 25.9 
_reflns.details                          ? 
_reflns.limit_h_max                      ? 
_reflns.limit_h_min                      ? 
_reflns.limit_k_max                      ? 
_reflns.limit_k_min                      ? 
_reflns.limit_l_max                      ? 
_reflns.limit_l_min                      ? 
_reflns.number_all                       ? 
_reflns.number_obs                       31128 
_reflns.observed_criterion               ? 
_reflns.observed_criterion_F_max         ? 
_reflns.observed_criterion_F_min         ? 
_reflns.observed_criterion_I_max         ? 
_reflns.observed_criterion_I_min         ? 
_reflns.observed_criterion_sigma_F       ? 
_reflns.observed_criterion_sigma_I       ? 
_reflns.percent_possible_obs             99.4 
_reflns.R_free_details                   ? 
_reflns.Rmerge_F_all                     ? 
_reflns.Rmerge_F_obs                     ? 
_reflns.Friedel_coverage                 ? 
_reflns.number_gt                        ? 
_reflns.threshold_expression             ? 
_reflns.pdbx_redundancy                  3.38 
_reflns.pdbx_Rmerge_I_obs                0.065 
_reflns.pdbx_Rmerge_I_all                ? 
_reflns.pdbx_Rsym_value                  ? 
_reflns.pdbx_netI_over_av_sigmaI         ? 
_reflns.pdbx_netI_over_sigmaI            8.92 
_reflns.pdbx_res_netI_over_av_sigmaI_2   ? 
_reflns.pdbx_res_netI_over_sigmaI_2      ? 
_reflns.pdbx_chi_squared                 ? 
_reflns.pdbx_scaling_rejects             ? 
_reflns.pdbx_d_res_high_opt              ? 
_reflns.pdbx_d_res_low_opt               ? 
_reflns.pdbx_d_res_opt_method            ? 
_reflns.phase_calculation_details        ? 
_reflns.pdbx_Rrim_I_all                  ? 
_reflns.pdbx_Rpim_I_all                  ? 
_reflns.pdbx_d_opt                       ? 
_reflns.pdbx_number_measured_all         ? 
_reflns.pdbx_diffrn_id                   1 
_reflns.pdbx_ordinal                     1 
_reflns.pdbx_CC_half                     0.997 
_reflns.pdbx_CC_star                     ? 
_reflns.pdbx_R_split                     ? 
# 
_reflns_shell.d_res_high                  1.11 
_reflns_shell.d_res_low                   1.14 
_reflns_shell.meanI_over_sigI_all         ? 
_reflns_shell.meanI_over_sigI_obs         ? 
_reflns_shell.number_measured_all         ? 
_reflns_shell.number_measured_obs         ? 
_reflns_shell.number_possible             ? 
_reflns_shell.number_unique_all           ? 
_reflns_shell.number_unique_obs           2302 
_reflns_shell.percent_possible_all        ? 
_reflns_shell.percent_possible_obs        ? 
_reflns_shell.Rmerge_F_all                ? 
_reflns_shell.Rmerge_F_obs                ? 
_reflns_shell.Rmerge_I_all                ? 
_reflns_shell.Rmerge_I_obs                0.783 
_reflns_shell.meanI_over_sigI_gt          ? 
_reflns_shell.meanI_over_uI_all           ? 
_reflns_shell.meanI_over_uI_gt            ? 
_reflns_shell.number_measured_gt          ? 
_reflns_shell.number_unique_gt            ? 
_reflns_shell.percent_possible_gt         ? 
_reflns_shell.Rmerge_F_gt                 ? 
_reflns_shell.Rmerge_I_gt                 ? 
_reflns_shell.pdbx_redundancy             ? 
_reflns_shell.pdbx_Rsym_value             ? 
_reflns_shell.pdbx_chi_squared            ? 
_reflns_shell.pdbx_netI_over_sigmaI_all   ? 
_reflns_shell.pdbx_netI_over_sigmaI_obs   ? 
_reflns_shell.pdbx_Rrim_I_all             ? 
_reflns_shell.pdbx_Rpim_I_all             ? 
_reflns_shell.pdbx_rejects                ? 
_reflns_shell.pdbx_ordinal                1 
_reflns_shell.pdbx_diffrn_id              1 
_reflns_shell.pdbx_CC_half                0.566 
_reflns_shell.pdbx_CC_star                ? 
_reflns_shell.pdbx_R_split                ? 
# 
_refine.aniso_B[1][1]                            ? 
_refine.aniso_B[1][2]                            ? 
_refine.aniso_B[1][3]                            ? 
_refine.aniso_B[2][2]                            ? 
_refine.aniso_B[2][3]                            ? 
_refine.aniso_B[3][3]                            ? 
_refine.B_iso_max                                ? 
_refine.B_iso_mean                               ? 
_refine.B_iso_min                                ? 
_refine.correlation_coeff_Fo_to_Fc               ? 
_refine.correlation_coeff_Fo_to_Fc_free          ? 
_refine.details                                  ? 
_refine.diff_density_max                         ? 
_refine.diff_density_max_esd                     ? 
_refine.diff_density_min                         ? 
_refine.diff_density_min_esd                     ? 
_refine.diff_density_rms                         ? 
_refine.diff_density_rms_esd                     ? 
_refine.entry_id                                 7AKT 
_refine.pdbx_refine_id                           'X-RAY DIFFRACTION' 
_refine.ls_abs_structure_details                 ? 
_refine.ls_abs_structure_Flack                   ? 
_refine.ls_abs_structure_Flack_esd               ? 
_refine.ls_abs_structure_Rogers                  ? 
_refine.ls_abs_structure_Rogers_esd              ? 
_refine.ls_d_res_high                            1.11 
_refine.ls_d_res_low                             25.810 
_refine.ls_extinction_coef                       ? 
_refine.ls_extinction_coef_esd                   ? 
_refine.ls_extinction_expression                 ? 
_refine.ls_extinction_method                     ? 
_refine.ls_goodness_of_fit_all                   ? 
_refine.ls_goodness_of_fit_all_esd               ? 
_refine.ls_goodness_of_fit_obs                   ? 
_refine.ls_goodness_of_fit_obs_esd               ? 
_refine.ls_hydrogen_treatment                    ? 
_refine.ls_matrix_type                           ? 
_refine.ls_number_constraints                    ? 
_refine.ls_number_parameters                     ? 
_refine.ls_number_reflns_all                     ? 
_refine.ls_number_reflns_obs                     31103 
_refine.ls_number_reflns_R_free                  3140 
_refine.ls_number_reflns_R_work                  ? 
_refine.ls_number_restraints                     ? 
_refine.ls_percent_reflns_obs                    98.66 
_refine.ls_percent_reflns_R_free                 10.10 
_refine.ls_R_factor_all                          ? 
_refine.ls_R_factor_obs                          0.1767 
_refine.ls_R_factor_R_free                       0.1913 
_refine.ls_R_factor_R_free_error                 ? 
_refine.ls_R_factor_R_free_error_details         ? 
_refine.ls_R_factor_R_work                       0.1750 
_refine.ls_R_Fsqd_factor_obs                     ? 
_refine.ls_R_I_factor_obs                        ? 
_refine.ls_redundancy_reflns_all                 ? 
_refine.ls_redundancy_reflns_obs                 ? 
_refine.ls_restrained_S_all                      ? 
_refine.ls_restrained_S_obs                      ? 
_refine.ls_shift_over_esd_max                    ? 
_refine.ls_shift_over_esd_mean                   ? 
_refine.ls_structure_factor_coef                 ? 
_refine.ls_weighting_details                     ? 
_refine.ls_weighting_scheme                      ? 
_refine.ls_wR_factor_all                         ? 
_refine.ls_wR_factor_obs                         ? 
_refine.ls_wR_factor_R_free                      ? 
_refine.ls_wR_factor_R_work                      ? 
_refine.occupancy_max                            ? 
_refine.occupancy_min                            ? 
_refine.solvent_model_details                    'FLAT BULK SOLVENT MODEL' 
_refine.solvent_model_param_bsol                 ? 
_refine.solvent_model_param_ksol                 ? 
_refine.pdbx_R_complete                          ? 
_refine.ls_R_factor_gt                           ? 
_refine.ls_goodness_of_fit_gt                    ? 
_refine.ls_goodness_of_fit_ref                   ? 
_refine.ls_shift_over_su_max                     ? 
_refine.ls_shift_over_su_max_lt                  ? 
_refine.ls_shift_over_su_mean                    ? 
_refine.ls_shift_over_su_mean_lt                 ? 
_refine.pdbx_ls_sigma_I                          ? 
_refine.pdbx_ls_sigma_F                          1.55 
_refine.pdbx_ls_sigma_Fsqd                       ? 
_refine.pdbx_data_cutoff_high_absF               ? 
_refine.pdbx_data_cutoff_high_rms_absF           ? 
_refine.pdbx_data_cutoff_low_absF                ? 
_refine.pdbx_isotropic_thermal_model             ? 
_refine.pdbx_ls_cross_valid_method               NONE 
_refine.pdbx_method_to_determine_struct          'MOLECULAR REPLACEMENT' 
_refine.pdbx_starting_model                      6LK1 
_refine.pdbx_stereochemistry_target_values       ML 
_refine.pdbx_R_Free_selection_details            ? 
_refine.pdbx_stereochem_target_val_spec_case     ? 
_refine.pdbx_overall_ESU_R                       ? 
_refine.pdbx_overall_ESU_R_Free                  ? 
_refine.pdbx_solvent_vdw_probe_radii             1.11 
_refine.pdbx_solvent_ion_probe_radii             ? 
_refine.pdbx_solvent_shrinkage_radii             0.90 
_refine.pdbx_real_space_R                        ? 
_refine.pdbx_density_correlation                 ? 
_refine.pdbx_pd_number_of_powder_patterns        ? 
_refine.pdbx_pd_number_of_points                 ? 
_refine.pdbx_pd_meas_number_of_points            ? 
_refine.pdbx_pd_proc_ls_prof_R_factor            ? 
_refine.pdbx_pd_proc_ls_prof_wR_factor           ? 
_refine.pdbx_pd_Marquardt_correlation_coeff      ? 
_refine.pdbx_pd_Fsqrd_R_factor                   ? 
_refine.pdbx_pd_ls_matrix_band_width             ? 
_refine.pdbx_overall_phase_error                 20.11 
_refine.pdbx_overall_SU_R_free_Cruickshank_DPI   ? 
_refine.pdbx_overall_SU_R_free_Blow_DPI          ? 
_refine.pdbx_overall_SU_R_Blow_DPI               ? 
_refine.pdbx_TLS_residual_ADP_flag               ? 
_refine.pdbx_diffrn_id                           1 
_refine.overall_SU_B                             ? 
_refine.overall_SU_ML                            0.17 
_refine.overall_SU_R_Cruickshank_DPI             ? 
_refine.overall_SU_R_free                        ? 
_refine.overall_FOM_free_R_set                   ? 
_refine.overall_FOM_work_R_set                   ? 
_refine.pdbx_average_fsc_overall                 ? 
_refine.pdbx_average_fsc_work                    ? 
_refine.pdbx_average_fsc_free                    ? 
# 
_refine_hist.pdbx_refine_id                   'X-RAY DIFFRACTION' 
_refine_hist.cycle_id                         LAST 
_refine_hist.pdbx_number_atoms_protein        779 
_refine_hist.pdbx_number_atoms_nucleic_acid   0 
_refine_hist.pdbx_number_atoms_ligand         24 
_refine_hist.number_atoms_solvent             78 
_refine_hist.number_atoms_total               881 
_refine_hist.d_res_high                       1.11 
_refine_hist.d_res_low                        25.810 
# 
loop_
_refine_ls_restr.pdbx_refine_id 
_refine_ls_restr.criterion 
_refine_ls_restr.dev_ideal 
_refine_ls_restr.dev_ideal_target 
_refine_ls_restr.number 
_refine_ls_restr.rejects 
_refine_ls_restr.type 
_refine_ls_restr.weight 
_refine_ls_restr.pdbx_restraint_function 
'X-RAY DIFFRACTION' ? 0.007 ? 889  ? f_bond_d           ? ? 
'X-RAY DIFFRACTION' ? 1.247 ? 1221 ? f_angle_d          ? ? 
'X-RAY DIFFRACTION' ? 9.806 ? 458  ? f_dihedral_angle_d ? ? 
'X-RAY DIFFRACTION' ? 0.083 ? 133  ? f_chiral_restr     ? ? 
'X-RAY DIFFRACTION' ? 0.006 ? 167  ? f_plane_restr      ? ? 
# 
loop_
_refine_ls_shell.pdbx_refine_id 
_refine_ls_shell.d_res_high 
_refine_ls_shell.d_res_low 
_refine_ls_shell.number_reflns_all 
_refine_ls_shell.number_reflns_obs 
_refine_ls_shell.number_reflns_R_free 
_refine_ls_shell.number_reflns_R_work 
_refine_ls_shell.percent_reflns_obs 
_refine_ls_shell.percent_reflns_R_free 
_refine_ls_shell.R_factor_all 
_refine_ls_shell.R_factor_obs 
_refine_ls_shell.R_factor_R_free 
_refine_ls_shell.R_factor_R_free_error 
_refine_ls_shell.R_factor_R_work 
_refine_ls_shell.redundancy_reflns_all 
_refine_ls_shell.redundancy_reflns_obs 
_refine_ls_shell.wR_factor_all 
_refine_ls_shell.wR_factor_obs 
_refine_ls_shell.wR_factor_R_free 
_refine_ls_shell.wR_factor_R_work 
_refine_ls_shell.pdbx_R_complete 
_refine_ls_shell.pdbx_total_number_of_bins_used 
_refine_ls_shell.pdbx_phase_error 
_refine_ls_shell.pdbx_fsc_work 
_refine_ls_shell.pdbx_fsc_free 
'X-RAY DIFFRACTION' 1.11   1.1201 . . 102 1025 79.00  . . . 0.5664 . 0.5532 . . . . . . . . . . . 
'X-RAY DIFFRACTION' 1.1201 1.1384 . . 154 1269 99.00  . . . 0.4036 . 0.4036 . . . . . . . . . . . 
'X-RAY DIFFRACTION' 1.1384 1.1581 . . 131 1271 100.00 . . . 0.3716 . 0.3476 . . . . . . . . . . . 
'X-RAY DIFFRACTION' 1.1581 1.1791 . . 152 1294 99.00  . . . 0.2814 . 0.2800 . . . . . . . . . . . 
'X-RAY DIFFRACTION' 1.1791 1.2018 . . 148 1226 100.00 . . . 0.2583 . 0.2473 . . . . . . . . . . . 
'X-RAY DIFFRACTION' 1.2018 1.2263 . . 137 1307 100.00 . . . 0.2749 . 0.2267 . . . . . . . . . . . 
'X-RAY DIFFRACTION' 1.2263 1.2530 . . 139 1277 100.00 . . . 0.2243 . 0.2111 . . . . . . . . . . . 
'X-RAY DIFFRACTION' 1.2530 1.2822 . . 146 1295 99.00  . . . 0.2044 . 0.1992 . . . . . . . . . . . 
'X-RAY DIFFRACTION' 1.2822 1.3142 . . 150 1261 100.00 . . . 0.2113 . 0.2013 . . . . . . . . . . . 
'X-RAY DIFFRACTION' 1.3142 1.3498 . . 140 1283 100.00 . . . 0.2199 . 0.1989 . . . . . . . . . . . 
'X-RAY DIFFRACTION' 1.3498 1.3895 . . 147 1275 100.00 . . . 0.2037 . 0.1957 . . . . . . . . . . . 
'X-RAY DIFFRACTION' 1.3895 1.4343 . . 144 1305 100.00 . . . 0.2079 . 0.1842 . . . . . . . . . . . 
'X-RAY DIFFRACTION' 1.4343 1.4856 . . 135 1268 100.00 . . . 0.1742 . 0.1648 . . . . . . . . . . . 
'X-RAY DIFFRACTION' 1.4856 1.5450 . . 149 1280 100.00 . . . 0.1783 . 0.1593 . . . . . . . . . . . 
'X-RAY DIFFRACTION' 1.5450 1.6153 . . 152 1280 99.00  . . . 0.1543 . 0.1542 . . . . . . . . . . . 
'X-RAY DIFFRACTION' 1.6153 1.7005 . . 142 1288 100.00 . . . 0.1728 . 0.1526 . . . . . . . . . . . 
'X-RAY DIFFRACTION' 1.7005 1.8070 . . 143 1276 100.00 . . . 0.1829 . 0.1523 . . . . . . . . . . . 
'X-RAY DIFFRACTION' 1.8070 1.9465 . . 147 1285 100.00 . . . 0.1684 . 0.1536 . . . . . . . . . . . 
'X-RAY DIFFRACTION' 1.9465 2.1423 . . 146 1296 100.00 . . . 0.1565 . 0.1535 . . . . . . . . . . . 
'X-RAY DIFFRACTION' 2.1423 2.4521 . . 138 1292 100.00 . . . 0.1664 . 0.1587 . . . . . . . . . . . 
'X-RAY DIFFRACTION' 2.4521 3.0885 . . 146 1293 100.00 . . . 0.2184 . 0.1712 . . . . . . . . . . . 
'X-RAY DIFFRACTION' 3.0885 25.81  . . 152 1317 99.00  . . . 0.1738 . 0.1594 . . . . . . . . . . . 
# 
_struct.entry_id                     7AKT 
_struct.title                        'CrPetF variant - A39G_A41V' 
_struct.pdbx_model_details           ? 
_struct.pdbx_formula_weight          ? 
_struct.pdbx_formula_weight_method   ? 
_struct.pdbx_model_type_details      ? 
_struct.pdbx_CASP_flag               N 
# 
_struct_keywords.entry_id        7AKT 
_struct_keywords.text            'ferredoxin, ELECTRON TRANSPORT' 
_struct_keywords.pdbx_keywords   'ELECTRON TRANSPORT' 
# 
loop_
_struct_asym.id 
_struct_asym.pdbx_blank_PDB_chainid_flag 
_struct_asym.pdbx_modified 
_struct_asym.entity_id 
_struct_asym.details 
A N N 1 ? 
B N N 2 ? 
C N N 3 ? 
D N N 3 ? 
E N N 4 ? 
F N N 5 ? 
G N N 6 ? 
# 
_struct_ref.id                         1 
_struct_ref.db_name                    UNP 
_struct_ref.db_code                    FER_CHLRE 
_struct_ref.pdbx_db_accession          P07839 
_struct_ref.pdbx_db_isoform            ? 
_struct_ref.entity_id                  1 
_struct_ref.pdbx_seq_one_letter_code   
;YKVTLKTPSGDKTIECPADTYILDAAEEAGLDLPYSCRAGACSSCAGKVAAGTVDQSDQSFLDDAQMGNGFVLTCVAYPT
SDCTIQTHQEEALY
;
_struct_ref.pdbx_align_begin           33 
# 
_struct_ref_seq.align_id                      1 
_struct_ref_seq.ref_id                        1 
_struct_ref_seq.pdbx_PDB_id_code              7AKT 
_struct_ref_seq.pdbx_strand_id                A 
_struct_ref_seq.seq_align_beg                 16 
_struct_ref_seq.pdbx_seq_align_beg_ins_code   ? 
_struct_ref_seq.seq_align_end                 109 
_struct_ref_seq.pdbx_seq_align_end_ins_code   ? 
_struct_ref_seq.pdbx_db_accession             P07839 
_struct_ref_seq.db_align_beg                  33 
_struct_ref_seq.pdbx_db_align_beg_ins_code    ? 
_struct_ref_seq.db_align_end                  126 
_struct_ref_seq.pdbx_db_align_end_ins_code    ? 
_struct_ref_seq.pdbx_auth_seq_align_beg       1 
_struct_ref_seq.pdbx_auth_seq_align_end       94 
# 
loop_
_struct_ref_seq_dif.align_id 
_struct_ref_seq_dif.pdbx_pdb_id_code 
_struct_ref_seq_dif.mon_id 
_struct_ref_seq_dif.pdbx_pdb_strand_id 
_struct_ref_seq_dif.seq_num 
_struct_ref_seq_dif.pdbx_pdb_ins_code 
_struct_ref_seq_dif.pdbx_seq_db_name 
_struct_ref_seq_dif.pdbx_seq_db_accession_code 
_struct_ref_seq_dif.db_mon_id 
_struct_ref_seq_dif.pdbx_seq_db_seq_num 
_struct_ref_seq_dif.details 
_struct_ref_seq_dif.pdbx_auth_seq_num 
_struct_ref_seq_dif.pdbx_ordinal 
1 7AKT MET A 1  ? UNP P07839 ?   ?  'initiating methionine' -14 1  
1 7AKT ALA A 2  ? UNP P07839 ?   ?  'expression tag'        -13 2  
1 7AKT SER A 3  ? UNP P07839 ?   ?  'expression tag'        -12 3  
1 7AKT TRP A 4  ? UNP P07839 ?   ?  'expression tag'        -11 4  
1 7AKT SER A 5  ? UNP P07839 ?   ?  'expression tag'        -10 5  
1 7AKT HIS A 6  ? UNP P07839 ?   ?  'expression tag'        -9  6  
1 7AKT PRO A 7  ? UNP P07839 ?   ?  'expression tag'        -8  7  
1 7AKT GLN A 8  ? UNP P07839 ?   ?  'expression tag'        -7  8  
1 7AKT PHE A 9  ? UNP P07839 ?   ?  'expression tag'        -6  9  
1 7AKT GLU A 10 ? UNP P07839 ?   ?  'expression tag'        -5  10 
1 7AKT LYS A 11 ? UNP P07839 ?   ?  'expression tag'        -4  11 
1 7AKT ILE A 12 ? UNP P07839 ?   ?  'expression tag'        -3  12 
1 7AKT GLU A 13 ? UNP P07839 ?   ?  'expression tag'        -2  13 
1 7AKT GLY A 14 ? UNP P07839 ?   ?  'expression tag'        -1  14 
1 7AKT ARG A 15 ? UNP P07839 ?   ?  'expression tag'        0   15 
1 7AKT GLY A 54 ? UNP P07839 ALA 71 'engineered mutation'   39  16 
1 7AKT VAL A 56 ? UNP P07839 ALA 73 'engineered mutation'   41  17 
# 
_pdbx_struct_assembly.id                   1 
_pdbx_struct_assembly.details              author_defined_assembly 
_pdbx_struct_assembly.method_details       ? 
_pdbx_struct_assembly.oligomeric_details   monomeric 
_pdbx_struct_assembly.oligomeric_count     1 
# 
loop_
_pdbx_struct_assembly_prop.biol_id 
_pdbx_struct_assembly_prop.type 
_pdbx_struct_assembly_prop.value 
_pdbx_struct_assembly_prop.details 
1 'ABSA (A^2)' 710  ? 
1 MORE         -25  ? 
1 'SSA (A^2)'  6230 ? 
# 
_pdbx_struct_assembly_gen.assembly_id       1 
_pdbx_struct_assembly_gen.oper_expression   1 
_pdbx_struct_assembly_gen.asym_id_list      A,B,C,D,E,F,G 
# 
_pdbx_struct_assembly_auth_evidence.id                     1 
_pdbx_struct_assembly_auth_evidence.assembly_id            1 
_pdbx_struct_assembly_auth_evidence.experimental_support   none 
_pdbx_struct_assembly_auth_evidence.details                ? 
# 
_pdbx_struct_oper_list.id                   1 
_pdbx_struct_oper_list.type                 'identity operation' 
_pdbx_struct_oper_list.name                 1_555 
_pdbx_struct_oper_list.symmetry_operation   x,y,z 
_pdbx_struct_oper_list.matrix[1][1]         1.0000000000 
_pdbx_struct_oper_list.matrix[1][2]         0.0000000000 
_pdbx_struct_oper_list.matrix[1][3]         0.0000000000 
_pdbx_struct_oper_list.vector[1]            0.0000000000 
_pdbx_struct_oper_list.matrix[2][1]         0.0000000000 
_pdbx_struct_oper_list.matrix[2][2]         1.0000000000 
_pdbx_struct_oper_list.matrix[2][3]         0.0000000000 
_pdbx_struct_oper_list.vector[2]            0.0000000000 
_pdbx_struct_oper_list.matrix[3][1]         0.0000000000 
_pdbx_struct_oper_list.matrix[3][2]         0.0000000000 
_pdbx_struct_oper_list.matrix[3][3]         1.0000000000 
_pdbx_struct_oper_list.vector[3]            0.0000000000 
# 
loop_
_struct_conf.conf_type_id 
_struct_conf.id 
_struct_conf.pdbx_PDB_helix_id 
_struct_conf.beg_label_comp_id 
_struct_conf.beg_label_asym_id 
_struct_conf.beg_label_seq_id 
_struct_conf.pdbx_beg_PDB_ins_code 
_struct_conf.end_label_comp_id 
_struct_conf.end_label_asym_id 
_struct_conf.end_label_seq_id 
_struct_conf.pdbx_end_PDB_ins_code 
_struct_conf.beg_auth_comp_id 
_struct_conf.beg_auth_asym_id 
_struct_conf.beg_auth_seq_id 
_struct_conf.end_auth_comp_id 
_struct_conf.end_auth_asym_id 
_struct_conf.end_auth_seq_id 
_struct_conf.pdbx_PDB_helix_class 
_struct_conf.details 
_struct_conf.pdbx_PDB_helix_length 
HELX_P HELX_P1 AA1 GLN A 8   ? GLU A 13  ? GLN A -7 GLU A -2 1 ? 6 
HELX_P HELX_P2 AA2 TYR A 36  ? ALA A 44  ? TYR A 21 ALA A 29 1 ? 9 
HELX_P HELX_P3 AA3 ASP A 78  ? ASN A 84  ? ASP A 63 ASN A 69 1 ? 7 
HELX_P HELX_P4 AA4 CYS A 90  ? ALA A 92  ? CYS A 75 ALA A 77 5 ? 3 
HELX_P HELX_P5 AA5 GLN A 104 ? LEU A 108 ? GLN A 89 LEU A 93 5 ? 5 
# 
_struct_conf_type.id          HELX_P 
_struct_conf_type.criteria    ? 
_struct_conf_type.reference   ? 
# 
loop_
_struct_conn.id 
_struct_conn.conn_type_id 
_struct_conn.pdbx_leaving_atom_flag 
_struct_conn.pdbx_PDB_id 
_struct_conn.ptnr1_label_asym_id 
_struct_conn.ptnr1_label_comp_id 
_struct_conn.ptnr1_label_seq_id 
_struct_conn.ptnr1_label_atom_id 
_struct_conn.pdbx_ptnr1_label_alt_id 
_struct_conn.pdbx_ptnr1_PDB_ins_code 
_struct_conn.pdbx_ptnr1_standard_comp_id 
_struct_conn.ptnr1_symmetry 
_struct_conn.ptnr2_label_asym_id 
_struct_conn.ptnr2_label_comp_id 
_struct_conn.ptnr2_label_seq_id 
_struct_conn.ptnr2_label_atom_id 
_struct_conn.pdbx_ptnr2_label_alt_id 
_struct_conn.pdbx_ptnr2_PDB_ins_code 
_struct_conn.ptnr1_auth_asym_id 
_struct_conn.ptnr1_auth_comp_id 
_struct_conn.ptnr1_auth_seq_id 
_struct_conn.ptnr2_auth_asym_id 
_struct_conn.ptnr2_auth_comp_id 
_struct_conn.ptnr2_auth_seq_id 
_struct_conn.ptnr2_symmetry 
_struct_conn.pdbx_ptnr3_label_atom_id 
_struct_conn.pdbx_ptnr3_label_seq_id 
_struct_conn.pdbx_ptnr3_label_comp_id 
_struct_conn.pdbx_ptnr3_label_asym_id 
_struct_conn.pdbx_ptnr3_label_alt_id 
_struct_conn.pdbx_ptnr3_PDB_ins_code 
_struct_conn.details 
_struct_conn.pdbx_dist_value 
_struct_conn.pdbx_value_order 
_struct_conn.pdbx_role 
metalc1 metalc ? ? A ASP 34 OD2 ? ? ? 1_555 E NA  . NA  ? ? A ASP 19  A NA  104 1_555 ? ? ? ? ? ? ? 2.665 ? ? 
metalc2 metalc ? ? A CYS 52 SG  ? ? ? 1_555 B FES . FE1 ? ? A CYS 37  A FES 101 1_555 ? ? ? ? ? ? ? 2.321 ? ? 
metalc3 metalc ? ? A CYS 57 SG  ? ? ? 1_555 B FES . FE1 ? ? A CYS 42  A FES 101 1_555 ? ? ? ? ? ? ? 2.260 ? ? 
metalc4 metalc ? ? A CYS 60 SG  ? ? ? 1_555 B FES . FE2 ? ? A CYS 45  A FES 101 1_555 ? ? ? ? ? ? ? 2.287 ? ? 
metalc5 metalc ? ? A CYS 90 SG  ? ? ? 1_555 B FES . FE2 ? ? A CYS 75  A FES 101 1_555 ? ? ? ? ? ? ? 2.292 ? ? 
metalc6 metalc ? ? E NA  .  NA  ? ? ? 1_555 G HOH . O   ? ? A NA  104 A HOH 205 1_455 ? ? ? ? ? ? ? 2.637 ? ? 
metalc7 metalc ? ? E NA  .  NA  ? ? ? 1_555 G HOH . O   ? ? A NA  104 A HOH 229 1_455 ? ? ? ? ? ? ? 2.732 ? ? 
# 
_struct_conn_type.id          metalc 
_struct_conn_type.criteria    ? 
_struct_conn_type.reference   ? 
# 
loop_
_pdbx_struct_conn_angle.id 
_pdbx_struct_conn_angle.ptnr1_label_atom_id 
_pdbx_struct_conn_angle.ptnr1_label_alt_id 
_pdbx_struct_conn_angle.ptnr1_label_asym_id 
_pdbx_struct_conn_angle.ptnr1_label_comp_id 
_pdbx_struct_conn_angle.ptnr1_label_seq_id 
_pdbx_struct_conn_angle.ptnr1_auth_atom_id 
_pdbx_struct_conn_angle.ptnr1_auth_asym_id 
_pdbx_struct_conn_angle.ptnr1_auth_comp_id 
_pdbx_struct_conn_angle.ptnr1_auth_seq_id 
_pdbx_struct_conn_angle.ptnr1_PDB_ins_code 
_pdbx_struct_conn_angle.ptnr1_symmetry 
_pdbx_struct_conn_angle.ptnr2_label_atom_id 
_pdbx_struct_conn_angle.ptnr2_label_alt_id 
_pdbx_struct_conn_angle.ptnr2_label_asym_id 
_pdbx_struct_conn_angle.ptnr2_label_comp_id 
_pdbx_struct_conn_angle.ptnr2_label_seq_id 
_pdbx_struct_conn_angle.ptnr2_auth_atom_id 
_pdbx_struct_conn_angle.ptnr2_auth_asym_id 
_pdbx_struct_conn_angle.ptnr2_auth_comp_id 
_pdbx_struct_conn_angle.ptnr2_auth_seq_id 
_pdbx_struct_conn_angle.ptnr2_PDB_ins_code 
_pdbx_struct_conn_angle.ptnr2_symmetry 
_pdbx_struct_conn_angle.ptnr3_label_atom_id 
_pdbx_struct_conn_angle.ptnr3_label_alt_id 
_pdbx_struct_conn_angle.ptnr3_label_asym_id 
_pdbx_struct_conn_angle.ptnr3_label_comp_id 
_pdbx_struct_conn_angle.ptnr3_label_seq_id 
_pdbx_struct_conn_angle.ptnr3_auth_atom_id 
_pdbx_struct_conn_angle.ptnr3_auth_asym_id 
_pdbx_struct_conn_angle.ptnr3_auth_comp_id 
_pdbx_struct_conn_angle.ptnr3_auth_seq_id 
_pdbx_struct_conn_angle.ptnr3_PDB_ins_code 
_pdbx_struct_conn_angle.ptnr3_symmetry 
_pdbx_struct_conn_angle.value 
_pdbx_struct_conn_angle.value_esd 
1  OD2 ? A ASP 34 ? A ASP 19  ? 1_555 NA  ? E NA  . ? A NA  104 ? 1_555 O  ? G HOH .  ? A HOH 205 ? 1_455 92.5  ? 
2  OD2 ? A ASP 34 ? A ASP 19  ? 1_555 NA  ? E NA  . ? A NA  104 ? 1_555 O  ? G HOH .  ? A HOH 229 ? 1_455 94.3  ? 
3  O   ? G HOH .  ? A HOH 205 ? 1_455 NA  ? E NA  . ? A NA  104 ? 1_555 O  ? G HOH .  ? A HOH 229 ? 1_455 82.1  ? 
4  SG  ? A CYS 52 ? A CYS 37  ? 1_555 FE1 ? B FES . ? A FES 101 ? 1_555 S1 ? B FES .  ? A FES 101 ? 1_555 117.7 ? 
5  SG  ? A CYS 52 ? A CYS 37  ? 1_555 FE1 ? B FES . ? A FES 101 ? 1_555 S2 ? B FES .  ? A FES 101 ? 1_555 99.9  ? 
6  S1  ? B FES .  ? A FES 101 ? 1_555 FE1 ? B FES . ? A FES 101 ? 1_555 S2 ? B FES .  ? A FES 101 ? 1_555 102.8 ? 
7  SG  ? A CYS 52 ? A CYS 37  ? 1_555 FE1 ? B FES . ? A FES 101 ? 1_555 SG ? A CYS 57 ? A CYS 42  ? 1_555 108.1 ? 
8  S1  ? B FES .  ? A FES 101 ? 1_555 FE1 ? B FES . ? A FES 101 ? 1_555 SG ? A CYS 57 ? A CYS 42  ? 1_555 107.5 ? 
9  S2  ? B FES .  ? A FES 101 ? 1_555 FE1 ? B FES . ? A FES 101 ? 1_555 SG ? A CYS 57 ? A CYS 42  ? 1_555 121.4 ? 
10 SG  ? A CYS 60 ? A CYS 45  ? 1_555 FE2 ? B FES . ? A FES 101 ? 1_555 S1 ? B FES .  ? A FES 101 ? 1_555 112.1 ? 
11 SG  ? A CYS 60 ? A CYS 45  ? 1_555 FE2 ? B FES . ? A FES 101 ? 1_555 S2 ? B FES .  ? A FES 101 ? 1_555 111.9 ? 
12 S1  ? B FES .  ? A FES 101 ? 1_555 FE2 ? B FES . ? A FES 101 ? 1_555 S2 ? B FES .  ? A FES 101 ? 1_555 105.0 ? 
13 SG  ? A CYS 60 ? A CYS 45  ? 1_555 FE2 ? B FES . ? A FES 101 ? 1_555 SG ? A CYS 90 ? A CYS 75  ? 1_555 108.5 ? 
14 S1  ? B FES .  ? A FES 101 ? 1_555 FE2 ? B FES . ? A FES 101 ? 1_555 SG ? A CYS 90 ? A CYS 75  ? 1_555 114.7 ? 
15 S2  ? B FES .  ? A FES 101 ? 1_555 FE2 ? B FES . ? A FES 101 ? 1_555 SG ? A CYS 90 ? A CYS 75  ? 1_555 104.4 ? 
# 
loop_
_struct_sheet.id 
_struct_sheet.type 
_struct_sheet.number_strands 
_struct_sheet.details 
AA1 ? 5 ? 
AA2 ? 2 ? 
# 
loop_
_struct_sheet_order.sheet_id 
_struct_sheet_order.range_id_1 
_struct_sheet_order.range_id_2 
_struct_sheet_order.offset 
_struct_sheet_order.sense 
AA1 1 2 ? anti-parallel 
AA1 2 3 ? parallel      
AA1 3 4 ? anti-parallel 
AA1 4 5 ? anti-parallel 
AA2 1 2 ? anti-parallel 
# 
loop_
_struct_sheet_range.sheet_id 
_struct_sheet_range.id 
_struct_sheet_range.beg_label_comp_id 
_struct_sheet_range.beg_label_asym_id 
_struct_sheet_range.beg_label_seq_id 
_struct_sheet_range.pdbx_beg_PDB_ins_code 
_struct_sheet_range.end_label_comp_id 
_struct_sheet_range.end_label_asym_id 
_struct_sheet_range.end_label_seq_id 
_struct_sheet_range.pdbx_end_PDB_ins_code 
_struct_sheet_range.beg_auth_comp_id 
_struct_sheet_range.beg_auth_asym_id 
_struct_sheet_range.beg_auth_seq_id 
_struct_sheet_range.end_auth_comp_id 
_struct_sheet_range.end_auth_asym_id 
_struct_sheet_range.end_auth_seq_id 
AA1 1 GLY A 25 ? CYS A 31  ? GLY A 10 CYS A 16 
AA1 2 TYR A 16 ? THR A 22  ? TYR A 1  THR A 7  
AA1 3 CYS A 98 ? GLN A 101 ? CYS A 83 GLN A 86 
AA1 4 ALA A 61 ? ALA A 66  ? ALA A 46 ALA A 51 
AA1 5 PHE A 86 ? LEU A 88  ? PHE A 71 LEU A 73 
AA2 1 VAL A 69 ? ASP A 70  ? VAL A 54 ASP A 55 
AA2 2 TYR A 93 ? PRO A 94  ? TYR A 78 PRO A 79 
# 
loop_
_pdbx_struct_sheet_hbond.sheet_id 
_pdbx_struct_sheet_hbond.range_id_1 
_pdbx_struct_sheet_hbond.range_id_2 
_pdbx_struct_sheet_hbond.range_1_label_atom_id 
_pdbx_struct_sheet_hbond.range_1_label_comp_id 
_pdbx_struct_sheet_hbond.range_1_label_asym_id 
_pdbx_struct_sheet_hbond.range_1_label_seq_id 
_pdbx_struct_sheet_hbond.range_1_PDB_ins_code 
_pdbx_struct_sheet_hbond.range_1_auth_atom_id 
_pdbx_struct_sheet_hbond.range_1_auth_comp_id 
_pdbx_struct_sheet_hbond.range_1_auth_asym_id 
_pdbx_struct_sheet_hbond.range_1_auth_seq_id 
_pdbx_struct_sheet_hbond.range_2_label_atom_id 
_pdbx_struct_sheet_hbond.range_2_label_comp_id 
_pdbx_struct_sheet_hbond.range_2_label_asym_id 
_pdbx_struct_sheet_hbond.range_2_label_seq_id 
_pdbx_struct_sheet_hbond.range_2_PDB_ins_code 
_pdbx_struct_sheet_hbond.range_2_auth_atom_id 
_pdbx_struct_sheet_hbond.range_2_auth_comp_id 
_pdbx_struct_sheet_hbond.range_2_auth_asym_id 
_pdbx_struct_sheet_hbond.range_2_auth_seq_id 
AA1 1 2 O ILE A 29  ? O ILE A 14 N VAL A 18 ? N VAL A 3  
AA1 2 3 N THR A 19  ? N THR A 4  O CYS A 98 ? O CYS A 83 
AA1 3 4 O GLN A 101 ? O GLN A 86 N LYS A 63 ? N LYS A 48 
AA1 4 5 N GLY A 62  ? N GLY A 47 O VAL A 87 ? O VAL A 72 
AA2 1 2 N ASP A 70  ? N ASP A 55 O TYR A 93 ? O TYR A 78 
# 
_pdbx_validate_torsion.id              1 
_pdbx_validate_torsion.PDB_model_num   1 
_pdbx_validate_torsion.auth_comp_id    SER 
_pdbx_validate_torsion.auth_asym_id    A 
_pdbx_validate_torsion.auth_seq_id     36 
_pdbx_validate_torsion.PDB_ins_code    ? 
_pdbx_validate_torsion.label_alt_id    ? 
_pdbx_validate_torsion.phi             -145.56 
_pdbx_validate_torsion.psi             -65.16 
# 
_pdbx_entry_details.entry_id                 7AKT 
_pdbx_entry_details.has_ligand_of_interest   Y 
_pdbx_entry_details.compound_details         ? 
_pdbx_entry_details.source_details           ? 
_pdbx_entry_details.nonpolymer_details       ? 
_pdbx_entry_details.sequence_details         ? 
# 
loop_
_pdbx_unobs_or_zero_occ_residues.id 
_pdbx_unobs_or_zero_occ_residues.PDB_model_num 
_pdbx_unobs_or_zero_occ_residues.polymer_flag 
_pdbx_unobs_or_zero_occ_residues.occupancy_flag 
_pdbx_unobs_or_zero_occ_residues.auth_asym_id 
_pdbx_unobs_or_zero_occ_residues.auth_comp_id 
_pdbx_unobs_or_zero_occ_residues.auth_seq_id 
_pdbx_unobs_or_zero_occ_residues.PDB_ins_code 
_pdbx_unobs_or_zero_occ_residues.label_asym_id 
_pdbx_unobs_or_zero_occ_residues.label_comp_id 
_pdbx_unobs_or_zero_occ_residues.label_seq_id 
1 1 Y 1 A MET -14 ? A MET 1 
2 1 Y 1 A ALA -13 ? A ALA 2 
# 
loop_
_chem_comp_atom.comp_id 
_chem_comp_atom.atom_id 
_chem_comp_atom.type_symbol 
_chem_comp_atom.pdbx_aromatic_flag 
_chem_comp_atom.pdbx_stereo_config 
_chem_comp_atom.pdbx_ordinal 
ALA N    N  N N 1   
ALA CA   C  N S 2   
ALA C    C  N N 3   
ALA O    O  N N 4   
ALA CB   C  N N 5   
ALA OXT  O  N N 6   
ALA H    H  N N 7   
ALA H2   H  N N 8   
ALA HA   H  N N 9   
ALA HB1  H  N N 10  
ALA HB2  H  N N 11  
ALA HB3  H  N N 12  
ALA HXT  H  N N 13  
ARG N    N  N N 14  
ARG CA   C  N S 15  
ARG C    C  N N 16  
ARG O    O  N N 17  
ARG CB   C  N N 18  
ARG CG   C  N N 19  
ARG CD   C  N N 20  
ARG NE   N  N N 21  
ARG CZ   C  N N 22  
ARG NH1  N  N N 23  
ARG NH2  N  N N 24  
ARG OXT  O  N N 25  
ARG H    H  N N 26  
ARG H2   H  N N 27  
ARG HA   H  N N 28  
ARG HB2  H  N N 29  
ARG HB3  H  N N 30  
ARG HG2  H  N N 31  
ARG HG3  H  N N 32  
ARG HD2  H  N N 33  
ARG HD3  H  N N 34  
ARG HE   H  N N 35  
ARG HH11 H  N N 36  
ARG HH12 H  N N 37  
ARG HH21 H  N N 38  
ARG HH22 H  N N 39  
ARG HXT  H  N N 40  
ASN N    N  N N 41  
ASN CA   C  N S 42  
ASN C    C  N N 43  
ASN O    O  N N 44  
ASN CB   C  N N 45  
ASN CG   C  N N 46  
ASN OD1  O  N N 47  
ASN ND2  N  N N 48  
ASN OXT  O  N N 49  
ASN H    H  N N 50  
ASN H2   H  N N 51  
ASN HA   H  N N 52  
ASN HB2  H  N N 53  
ASN HB3  H  N N 54  
ASN HD21 H  N N 55  
ASN HD22 H  N N 56  
ASN HXT  H  N N 57  
ASP N    N  N N 58  
ASP CA   C  N S 59  
ASP C    C  N N 60  
ASP O    O  N N 61  
ASP CB   C  N N 62  
ASP CG   C  N N 63  
ASP OD1  O  N N 64  
ASP OD2  O  N N 65  
ASP OXT  O  N N 66  
ASP H    H  N N 67  
ASP H2   H  N N 68  
ASP HA   H  N N 69  
ASP HB2  H  N N 70  
ASP HB3  H  N N 71  
ASP HD2  H  N N 72  
ASP HXT  H  N N 73  
BEN C1   C  Y N 74  
BEN C2   C  Y N 75  
BEN C3   C  Y N 76  
BEN C4   C  Y N 77  
BEN C5   C  Y N 78  
BEN C6   C  Y N 79  
BEN C    C  N N 80  
BEN N1   N  N N 81  
BEN N2   N  N N 82  
BEN H2   H  N N 83  
BEN H3   H  N N 84  
BEN H4   H  N N 85  
BEN H5   H  N N 86  
BEN H6   H  N N 87  
BEN HN1  H  N N 88  
BEN HN21 H  N N 89  
BEN HN22 H  N N 90  
CL  CL   CL N N 91  
CYS N    N  N N 92  
CYS CA   C  N R 93  
CYS C    C  N N 94  
CYS O    O  N N 95  
CYS CB   C  N N 96  
CYS SG   S  N N 97  
CYS OXT  O  N N 98  
CYS H    H  N N 99  
CYS H2   H  N N 100 
CYS HA   H  N N 101 
CYS HB2  H  N N 102 
CYS HB3  H  N N 103 
CYS HG   H  N N 104 
CYS HXT  H  N N 105 
FES FE1  FE N N 106 
FES FE2  FE N N 107 
FES S1   S  N N 108 
FES S2   S  N N 109 
GLN N    N  N N 110 
GLN CA   C  N S 111 
GLN C    C  N N 112 
GLN O    O  N N 113 
GLN CB   C  N N 114 
GLN CG   C  N N 115 
GLN CD   C  N N 116 
GLN OE1  O  N N 117 
GLN NE2  N  N N 118 
GLN OXT  O  N N 119 
GLN H    H  N N 120 
GLN H2   H  N N 121 
GLN HA   H  N N 122 
GLN HB2  H  N N 123 
GLN HB3  H  N N 124 
GLN HG2  H  N N 125 
GLN HG3  H  N N 126 
GLN HE21 H  N N 127 
GLN HE22 H  N N 128 
GLN HXT  H  N N 129 
GLU N    N  N N 130 
GLU CA   C  N S 131 
GLU C    C  N N 132 
GLU O    O  N N 133 
GLU CB   C  N N 134 
GLU CG   C  N N 135 
GLU CD   C  N N 136 
GLU OE1  O  N N 137 
GLU OE2  O  N N 138 
GLU OXT  O  N N 139 
GLU H    H  N N 140 
GLU H2   H  N N 141 
GLU HA   H  N N 142 
GLU HB2  H  N N 143 
GLU HB3  H  N N 144 
GLU HG2  H  N N 145 
GLU HG3  H  N N 146 
GLU HE2  H  N N 147 
GLU HXT  H  N N 148 
GLY N    N  N N 149 
GLY CA   C  N N 150 
GLY C    C  N N 151 
GLY O    O  N N 152 
GLY OXT  O  N N 153 
GLY H    H  N N 154 
GLY H2   H  N N 155 
GLY HA2  H  N N 156 
GLY HA3  H  N N 157 
GLY HXT  H  N N 158 
HIS N    N  N N 159 
HIS CA   C  N S 160 
HIS C    C  N N 161 
HIS O    O  N N 162 
HIS CB   C  N N 163 
HIS CG   C  Y N 164 
HIS ND1  N  Y N 165 
HIS CD2  C  Y N 166 
HIS CE1  C  Y N 167 
HIS NE2  N  Y N 168 
HIS OXT  O  N N 169 
HIS H    H  N N 170 
HIS H2   H  N N 171 
HIS HA   H  N N 172 
HIS HB2  H  N N 173 
HIS HB3  H  N N 174 
HIS HD1  H  N N 175 
HIS HD2  H  N N 176 
HIS HE1  H  N N 177 
HIS HE2  H  N N 178 
HIS HXT  H  N N 179 
HOH O    O  N N 180 
HOH H1   H  N N 181 
HOH H2   H  N N 182 
ILE N    N  N N 183 
ILE CA   C  N S 184 
ILE C    C  N N 185 
ILE O    O  N N 186 
ILE CB   C  N S 187 
ILE CG1  C  N N 188 
ILE CG2  C  N N 189 
ILE CD1  C  N N 190 
ILE OXT  O  N N 191 
ILE H    H  N N 192 
ILE H2   H  N N 193 
ILE HA   H  N N 194 
ILE HB   H  N N 195 
ILE HG12 H  N N 196 
ILE HG13 H  N N 197 
ILE HG21 H  N N 198 
ILE HG22 H  N N 199 
ILE HG23 H  N N 200 
ILE HD11 H  N N 201 
ILE HD12 H  N N 202 
ILE HD13 H  N N 203 
ILE HXT  H  N N 204 
LEU N    N  N N 205 
LEU CA   C  N S 206 
LEU C    C  N N 207 
LEU O    O  N N 208 
LEU CB   C  N N 209 
LEU CG   C  N N 210 
LEU CD1  C  N N 211 
LEU CD2  C  N N 212 
LEU OXT  O  N N 213 
LEU H    H  N N 214 
LEU H2   H  N N 215 
LEU HA   H  N N 216 
LEU HB2  H  N N 217 
LEU HB3  H  N N 218 
LEU HG   H  N N 219 
LEU HD11 H  N N 220 
LEU HD12 H  N N 221 
LEU HD13 H  N N 222 
LEU HD21 H  N N 223 
LEU HD22 H  N N 224 
LEU HD23 H  N N 225 
LEU HXT  H  N N 226 
LYS N    N  N N 227 
LYS CA   C  N S 228 
LYS C    C  N N 229 
LYS O    O  N N 230 
LYS CB   C  N N 231 
LYS CG   C  N N 232 
LYS CD   C  N N 233 
LYS CE   C  N N 234 
LYS NZ   N  N N 235 
LYS OXT  O  N N 236 
LYS H    H  N N 237 
LYS H2   H  N N 238 
LYS HA   H  N N 239 
LYS HB2  H  N N 240 
LYS HB3  H  N N 241 
LYS HG2  H  N N 242 
LYS HG3  H  N N 243 
LYS HD2  H  N N 244 
LYS HD3  H  N N 245 
LYS HE2  H  N N 246 
LYS HE3  H  N N 247 
LYS HZ1  H  N N 248 
LYS HZ2  H  N N 249 
LYS HZ3  H  N N 250 
LYS HXT  H  N N 251 
MET N    N  N N 252 
MET CA   C  N S 253 
MET C    C  N N 254 
MET O    O  N N 255 
MET CB   C  N N 256 
MET CG   C  N N 257 
MET SD   S  N N 258 
MET CE   C  N N 259 
MET OXT  O  N N 260 
MET H    H  N N 261 
MET H2   H  N N 262 
MET HA   H  N N 263 
MET HB2  H  N N 264 
MET HB3  H  N N 265 
MET HG2  H  N N 266 
MET HG3  H  N N 267 
MET HE1  H  N N 268 
MET HE2  H  N N 269 
MET HE3  H  N N 270 
MET HXT  H  N N 271 
NA  NA   NA N N 272 
PHE N    N  N N 273 
PHE CA   C  N S 274 
PHE C    C  N N 275 
PHE O    O  N N 276 
PHE CB   C  N N 277 
PHE CG   C  Y N 278 
PHE CD1  C  Y N 279 
PHE CD2  C  Y N 280 
PHE CE1  C  Y N 281 
PHE CE2  C  Y N 282 
PHE CZ   C  Y N 283 
PHE OXT  O  N N 284 
PHE H    H  N N 285 
PHE H2   H  N N 286 
PHE HA   H  N N 287 
PHE HB2  H  N N 288 
PHE HB3  H  N N 289 
PHE HD1  H  N N 290 
PHE HD2  H  N N 291 
PHE HE1  H  N N 292 
PHE HE2  H  N N 293 
PHE HZ   H  N N 294 
PHE HXT  H  N N 295 
PRO N    N  N N 296 
PRO CA   C  N S 297 
PRO C    C  N N 298 
PRO O    O  N N 299 
PRO CB   C  N N 300 
PRO CG   C  N N 301 
PRO CD   C  N N 302 
PRO OXT  O  N N 303 
PRO H    H  N N 304 
PRO HA   H  N N 305 
PRO HB2  H  N N 306 
PRO HB3  H  N N 307 
PRO HG2  H  N N 308 
PRO HG3  H  N N 309 
PRO HD2  H  N N 310 
PRO HD3  H  N N 311 
PRO HXT  H  N N 312 
SER N    N  N N 313 
SER CA   C  N S 314 
SER C    C  N N 315 
SER O    O  N N 316 
SER CB   C  N N 317 
SER OG   O  N N 318 
SER OXT  O  N N 319 
SER H    H  N N 320 
SER H2   H  N N 321 
SER HA   H  N N 322 
SER HB2  H  N N 323 
SER HB3  H  N N 324 
SER HG   H  N N 325 
SER HXT  H  N N 326 
THR N    N  N N 327 
THR CA   C  N S 328 
THR C    C  N N 329 
THR O    O  N N 330 
THR CB   C  N R 331 
THR OG1  O  N N 332 
THR CG2  C  N N 333 
THR OXT  O  N N 334 
THR H    H  N N 335 
THR H2   H  N N 336 
THR HA   H  N N 337 
THR HB   H  N N 338 
THR HG1  H  N N 339 
THR HG21 H  N N 340 
THR HG22 H  N N 341 
THR HG23 H  N N 342 
THR HXT  H  N N 343 
TRP N    N  N N 344 
TRP CA   C  N S 345 
TRP C    C  N N 346 
TRP O    O  N N 347 
TRP CB   C  N N 348 
TRP CG   C  Y N 349 
TRP CD1  C  Y N 350 
TRP CD2  C  Y N 351 
TRP NE1  N  Y N 352 
TRP CE2  C  Y N 353 
TRP CE3  C  Y N 354 
TRP CZ2  C  Y N 355 
TRP CZ3  C  Y N 356 
TRP CH2  C  Y N 357 
TRP OXT  O  N N 358 
TRP H    H  N N 359 
TRP H2   H  N N 360 
TRP HA   H  N N 361 
TRP HB2  H  N N 362 
TRP HB3  H  N N 363 
TRP HD1  H  N N 364 
TRP HE1  H  N N 365 
TRP HE3  H  N N 366 
TRP HZ2  H  N N 367 
TRP HZ3  H  N N 368 
TRP HH2  H  N N 369 
TRP HXT  H  N N 370 
TYR N    N  N N 371 
TYR CA   C  N S 372 
TYR C    C  N N 373 
TYR O    O  N N 374 
TYR CB   C  N N 375 
TYR CG   C  Y N 376 
TYR CD1  C  Y N 377 
TYR CD2  C  Y N 378 
TYR CE1  C  Y N 379 
TYR CE2  C  Y N 380 
TYR CZ   C  Y N 381 
TYR OH   O  N N 382 
TYR OXT  O  N N 383 
TYR H    H  N N 384 
TYR H2   H  N N 385 
TYR HA   H  N N 386 
TYR HB2  H  N N 387 
TYR HB3  H  N N 388 
TYR HD1  H  N N 389 
TYR HD2  H  N N 390 
TYR HE1  H  N N 391 
TYR HE2  H  N N 392 
TYR HH   H  N N 393 
TYR HXT  H  N N 394 
VAL N    N  N N 395 
VAL CA   C  N S 396 
VAL C    C  N N 397 
VAL O    O  N N 398 
VAL CB   C  N N 399 
VAL CG1  C  N N 400 
VAL CG2  C  N N 401 
VAL OXT  O  N N 402 
VAL H    H  N N 403 
VAL H2   H  N N 404 
VAL HA   H  N N 405 
VAL HB   H  N N 406 
VAL HG11 H  N N 407 
VAL HG12 H  N N 408 
VAL HG13 H  N N 409 
VAL HG21 H  N N 410 
VAL HG22 H  N N 411 
VAL HG23 H  N N 412 
VAL HXT  H  N N 413 
# 
loop_
_chem_comp_bond.comp_id 
_chem_comp_bond.atom_id_1 
_chem_comp_bond.atom_id_2 
_chem_comp_bond.value_order 
_chem_comp_bond.pdbx_aromatic_flag 
_chem_comp_bond.pdbx_stereo_config 
_chem_comp_bond.pdbx_ordinal 
ALA N   CA   sing N N 1   
ALA N   H    sing N N 2   
ALA N   H2   sing N N 3   
ALA CA  C    sing N N 4   
ALA CA  CB   sing N N 5   
ALA CA  HA   sing N N 6   
ALA C   O    doub N N 7   
ALA C   OXT  sing N N 8   
ALA CB  HB1  sing N N 9   
ALA CB  HB2  sing N N 10  
ALA CB  HB3  sing N N 11  
ALA OXT HXT  sing N N 12  
ARG N   CA   sing N N 13  
ARG N   H    sing N N 14  
ARG N   H2   sing N N 15  
ARG CA  C    sing N N 16  
ARG CA  CB   sing N N 17  
ARG CA  HA   sing N N 18  
ARG C   O    doub N N 19  
ARG C   OXT  sing N N 20  
ARG CB  CG   sing N N 21  
ARG CB  HB2  sing N N 22  
ARG CB  HB3  sing N N 23  
ARG CG  CD   sing N N 24  
ARG CG  HG2  sing N N 25  
ARG CG  HG3  sing N N 26  
ARG CD  NE   sing N N 27  
ARG CD  HD2  sing N N 28  
ARG CD  HD3  sing N N 29  
ARG NE  CZ   sing N N 30  
ARG NE  HE   sing N N 31  
ARG CZ  NH1  sing N N 32  
ARG CZ  NH2  doub N N 33  
ARG NH1 HH11 sing N N 34  
ARG NH1 HH12 sing N N 35  
ARG NH2 HH21 sing N N 36  
ARG NH2 HH22 sing N N 37  
ARG OXT HXT  sing N N 38  
ASN N   CA   sing N N 39  
ASN N   H    sing N N 40  
ASN N   H2   sing N N 41  
ASN CA  C    sing N N 42  
ASN CA  CB   sing N N 43  
ASN CA  HA   sing N N 44  
ASN C   O    doub N N 45  
ASN C   OXT  sing N N 46  
ASN CB  CG   sing N N 47  
ASN CB  HB2  sing N N 48  
ASN CB  HB3  sing N N 49  
ASN CG  OD1  doub N N 50  
ASN CG  ND2  sing N N 51  
ASN ND2 HD21 sing N N 52  
ASN ND2 HD22 sing N N 53  
ASN OXT HXT  sing N N 54  
ASP N   CA   sing N N 55  
ASP N   H    sing N N 56  
ASP N   H2   sing N N 57  
ASP CA  C    sing N N 58  
ASP CA  CB   sing N N 59  
ASP CA  HA   sing N N 60  
ASP C   O    doub N N 61  
ASP C   OXT  sing N N 62  
ASP CB  CG   sing N N 63  
ASP CB  HB2  sing N N 64  
ASP CB  HB3  sing N N 65  
ASP CG  OD1  doub N N 66  
ASP CG  OD2  sing N N 67  
ASP OD2 HD2  sing N N 68  
ASP OXT HXT  sing N N 69  
BEN C1  C2   doub Y N 70  
BEN C1  C6   sing Y N 71  
BEN C1  C    sing N N 72  
BEN C2  C3   sing Y N 73  
BEN C2  H2   sing N N 74  
BEN C3  C4   doub Y N 75  
BEN C3  H3   sing N N 76  
BEN C4  C5   sing Y N 77  
BEN C4  H4   sing N N 78  
BEN C5  C6   doub Y N 79  
BEN C5  H5   sing N N 80  
BEN C6  H6   sing N N 81  
BEN C   N1   doub N E 82  
BEN C   N2   sing N N 83  
BEN N1  HN1  sing N N 84  
BEN N2  HN21 sing N N 85  
BEN N2  HN22 sing N N 86  
CYS N   CA   sing N N 87  
CYS N   H    sing N N 88  
CYS N   H2   sing N N 89  
CYS CA  C    sing N N 90  
CYS CA  CB   sing N N 91  
CYS CA  HA   sing N N 92  
CYS C   O    doub N N 93  
CYS C   OXT  sing N N 94  
CYS CB  SG   sing N N 95  
CYS CB  HB2  sing N N 96  
CYS CB  HB3  sing N N 97  
CYS SG  HG   sing N N 98  
CYS OXT HXT  sing N N 99  
FES FE1 S1   sing N N 100 
FES FE1 S2   sing N N 101 
FES FE2 S1   sing N N 102 
FES FE2 S2   sing N N 103 
GLN N   CA   sing N N 104 
GLN N   H    sing N N 105 
GLN N   H2   sing N N 106 
GLN CA  C    sing N N 107 
GLN CA  CB   sing N N 108 
GLN CA  HA   sing N N 109 
GLN C   O    doub N N 110 
GLN C   OXT  sing N N 111 
GLN CB  CG   sing N N 112 
GLN CB  HB2  sing N N 113 
GLN CB  HB3  sing N N 114 
GLN CG  CD   sing N N 115 
GLN CG  HG2  sing N N 116 
GLN CG  HG3  sing N N 117 
GLN CD  OE1  doub N N 118 
GLN CD  NE2  sing N N 119 
GLN NE2 HE21 sing N N 120 
GLN NE2 HE22 sing N N 121 
GLN OXT HXT  sing N N 122 
GLU N   CA   sing N N 123 
GLU N   H    sing N N 124 
GLU N   H2   sing N N 125 
GLU CA  C    sing N N 126 
GLU CA  CB   sing N N 127 
GLU CA  HA   sing N N 128 
GLU C   O    doub N N 129 
GLU C   OXT  sing N N 130 
GLU CB  CG   sing N N 131 
GLU CB  HB2  sing N N 132 
GLU CB  HB3  sing N N 133 
GLU CG  CD   sing N N 134 
GLU CG  HG2  sing N N 135 
GLU CG  HG3  sing N N 136 
GLU CD  OE1  doub N N 137 
GLU CD  OE2  sing N N 138 
GLU OE2 HE2  sing N N 139 
GLU OXT HXT  sing N N 140 
GLY N   CA   sing N N 141 
GLY N   H    sing N N 142 
GLY N   H2   sing N N 143 
GLY CA  C    sing N N 144 
GLY CA  HA2  sing N N 145 
GLY CA  HA3  sing N N 146 
GLY C   O    doub N N 147 
GLY C   OXT  sing N N 148 
GLY OXT HXT  sing N N 149 
HIS N   CA   sing N N 150 
HIS N   H    sing N N 151 
HIS N   H2   sing N N 152 
HIS CA  C    sing N N 153 
HIS CA  CB   sing N N 154 
HIS CA  HA   sing N N 155 
HIS C   O    doub N N 156 
HIS C   OXT  sing N N 157 
HIS CB  CG   sing N N 158 
HIS CB  HB2  sing N N 159 
HIS CB  HB3  sing N N 160 
HIS CG  ND1  sing Y N 161 
HIS CG  CD2  doub Y N 162 
HIS ND1 CE1  doub Y N 163 
HIS ND1 HD1  sing N N 164 
HIS CD2 NE2  sing Y N 165 
HIS CD2 HD2  sing N N 166 
HIS CE1 NE2  sing Y N 167 
HIS CE1 HE1  sing N N 168 
HIS NE2 HE2  sing N N 169 
HIS OXT HXT  sing N N 170 
HOH O   H1   sing N N 171 
HOH O   H2   sing N N 172 
ILE N   CA   sing N N 173 
ILE N   H    sing N N 174 
ILE N   H2   sing N N 175 
ILE CA  C    sing N N 176 
ILE CA  CB   sing N N 177 
ILE CA  HA   sing N N 178 
ILE C   O    doub N N 179 
ILE C   OXT  sing N N 180 
ILE CB  CG1  sing N N 181 
ILE CB  CG2  sing N N 182 
ILE CB  HB   sing N N 183 
ILE CG1 CD1  sing N N 184 
ILE CG1 HG12 sing N N 185 
ILE CG1 HG13 sing N N 186 
ILE CG2 HG21 sing N N 187 
ILE CG2 HG22 sing N N 188 
ILE CG2 HG23 sing N N 189 
ILE CD1 HD11 sing N N 190 
ILE CD1 HD12 sing N N 191 
ILE CD1 HD13 sing N N 192 
ILE OXT HXT  sing N N 193 
LEU N   CA   sing N N 194 
LEU N   H    sing N N 195 
LEU N   H2   sing N N 196 
LEU CA  C    sing N N 197 
LEU CA  CB   sing N N 198 
LEU CA  HA   sing N N 199 
LEU C   O    doub N N 200 
LEU C   OXT  sing N N 201 
LEU CB  CG   sing N N 202 
LEU CB  HB2  sing N N 203 
LEU CB  HB3  sing N N 204 
LEU CG  CD1  sing N N 205 
LEU CG  CD2  sing N N 206 
LEU CG  HG   sing N N 207 
LEU CD1 HD11 sing N N 208 
LEU CD1 HD12 sing N N 209 
LEU CD1 HD13 sing N N 210 
LEU CD2 HD21 sing N N 211 
LEU CD2 HD22 sing N N 212 
LEU CD2 HD23 sing N N 213 
LEU OXT HXT  sing N N 214 
LYS N   CA   sing N N 215 
LYS N   H    sing N N 216 
LYS N   H2   sing N N 217 
LYS CA  C    sing N N 218 
LYS CA  CB   sing N N 219 
LYS CA  HA   sing N N 220 
LYS C   O    doub N N 221 
LYS C   OXT  sing N N 222 
LYS CB  CG   sing N N 223 
LYS CB  HB2  sing N N 224 
LYS CB  HB3  sing N N 225 
LYS CG  CD   sing N N 226 
LYS CG  HG2  sing N N 227 
LYS CG  HG3  sing N N 228 
LYS CD  CE   sing N N 229 
LYS CD  HD2  sing N N 230 
LYS CD  HD3  sing N N 231 
LYS CE  NZ   sing N N 232 
LYS CE  HE2  sing N N 233 
LYS CE  HE3  sing N N 234 
LYS NZ  HZ1  sing N N 235 
LYS NZ  HZ2  sing N N 236 
LYS NZ  HZ3  sing N N 237 
LYS OXT HXT  sing N N 238 
MET N   CA   sing N N 239 
MET N   H    sing N N 240 
MET N   H2   sing N N 241 
MET CA  C    sing N N 242 
MET CA  CB   sing N N 243 
MET CA  HA   sing N N 244 
MET C   O    doub N N 245 
MET C   OXT  sing N N 246 
MET CB  CG   sing N N 247 
MET CB  HB2  sing N N 248 
MET CB  HB3  sing N N 249 
MET CG  SD   sing N N 250 
MET CG  HG2  sing N N 251 
MET CG  HG3  sing N N 252 
MET SD  CE   sing N N 253 
MET CE  HE1  sing N N 254 
MET CE  HE2  sing N N 255 
MET CE  HE3  sing N N 256 
MET OXT HXT  sing N N 257 
PHE N   CA   sing N N 258 
PHE N   H    sing N N 259 
PHE N   H2   sing N N 260 
PHE CA  C    sing N N 261 
PHE CA  CB   sing N N 262 
PHE CA  HA   sing N N 263 
PHE C   O    doub N N 264 
PHE C   OXT  sing N N 265 
PHE CB  CG   sing N N 266 
PHE CB  HB2  sing N N 267 
PHE CB  HB3  sing N N 268 
PHE CG  CD1  doub Y N 269 
PHE CG  CD2  sing Y N 270 
PHE CD1 CE1  sing Y N 271 
PHE CD1 HD1  sing N N 272 
PHE CD2 CE2  doub Y N 273 
PHE CD2 HD2  sing N N 274 
PHE CE1 CZ   doub Y N 275 
PHE CE1 HE1  sing N N 276 
PHE CE2 CZ   sing Y N 277 
PHE CE2 HE2  sing N N 278 
PHE CZ  HZ   sing N N 279 
PHE OXT HXT  sing N N 280 
PRO N   CA   sing N N 281 
PRO N   CD   sing N N 282 
PRO N   H    sing N N 283 
PRO CA  C    sing N N 284 
PRO CA  CB   sing N N 285 
PRO CA  HA   sing N N 286 
PRO C   O    doub N N 287 
PRO C   OXT  sing N N 288 
PRO CB  CG   sing N N 289 
PRO CB  HB2  sing N N 290 
PRO CB  HB3  sing N N 291 
PRO CG  CD   sing N N 292 
PRO CG  HG2  sing N N 293 
PRO CG  HG3  sing N N 294 
PRO CD  HD2  sing N N 295 
PRO CD  HD3  sing N N 296 
PRO OXT HXT  sing N N 297 
SER N   CA   sing N N 298 
SER N   H    sing N N 299 
SER N   H2   sing N N 300 
SER CA  C    sing N N 301 
SER CA  CB   sing N N 302 
SER CA  HA   sing N N 303 
SER C   O    doub N N 304 
SER C   OXT  sing N N 305 
SER CB  OG   sing N N 306 
SER CB  HB2  sing N N 307 
SER CB  HB3  sing N N 308 
SER OG  HG   sing N N 309 
SER OXT HXT  sing N N 310 
THR N   CA   sing N N 311 
THR N   H    sing N N 312 
THR N   H2   sing N N 313 
THR CA  C    sing N N 314 
THR CA  CB   sing N N 315 
THR CA  HA   sing N N 316 
THR C   O    doub N N 317 
THR C   OXT  sing N N 318 
THR CB  OG1  sing N N 319 
THR CB  CG2  sing N N 320 
THR CB  HB   sing N N 321 
THR OG1 HG1  sing N N 322 
THR CG2 HG21 sing N N 323 
THR CG2 HG22 sing N N 324 
THR CG2 HG23 sing N N 325 
THR OXT HXT  sing N N 326 
TRP N   CA   sing N N 327 
TRP N   H    sing N N 328 
TRP N   H2   sing N N 329 
TRP CA  C    sing N N 330 
TRP CA  CB   sing N N 331 
TRP CA  HA   sing N N 332 
TRP C   O    doub N N 333 
TRP C   OXT  sing N N 334 
TRP CB  CG   sing N N 335 
TRP CB  HB2  sing N N 336 
TRP CB  HB3  sing N N 337 
TRP CG  CD1  doub Y N 338 
TRP CG  CD2  sing Y N 339 
TRP CD1 NE1  sing Y N 340 
TRP CD1 HD1  sing N N 341 
TRP CD2 CE2  doub Y N 342 
TRP CD2 CE3  sing Y N 343 
TRP NE1 CE2  sing Y N 344 
TRP NE1 HE1  sing N N 345 
TRP CE2 CZ2  sing Y N 346 
TRP CE3 CZ3  doub Y N 347 
TRP CE3 HE3  sing N N 348 
TRP CZ2 CH2  doub Y N 349 
TRP CZ2 HZ2  sing N N 350 
TRP CZ3 CH2  sing Y N 351 
TRP CZ3 HZ3  sing N N 352 
TRP CH2 HH2  sing N N 353 
TRP OXT HXT  sing N N 354 
TYR N   CA   sing N N 355 
TYR N   H    sing N N 356 
TYR N   H2   sing N N 357 
TYR CA  C    sing N N 358 
TYR CA  CB   sing N N 359 
TYR CA  HA   sing N N 360 
TYR C   O    doub N N 361 
TYR C   OXT  sing N N 362 
TYR CB  CG   sing N N 363 
TYR CB  HB2  sing N N 364 
TYR CB  HB3  sing N N 365 
TYR CG  CD1  doub Y N 366 
TYR CG  CD2  sing Y N 367 
TYR CD1 CE1  sing Y N 368 
TYR CD1 HD1  sing N N 369 
TYR CD2 CE2  doub Y N 370 
TYR CD2 HD2  sing N N 371 
TYR CE1 CZ   doub Y N 372 
TYR CE1 HE1  sing N N 373 
TYR CE2 CZ   sing Y N 374 
TYR CE2 HE2  sing N N 375 
TYR CZ  OH   sing N N 376 
TYR OH  HH   sing N N 377 
TYR OXT HXT  sing N N 378 
VAL N   CA   sing N N 379 
VAL N   H    sing N N 380 
VAL N   H2   sing N N 381 
VAL CA  C    sing N N 382 
VAL CA  CB   sing N N 383 
VAL CA  HA   sing N N 384 
VAL C   O    doub N N 385 
VAL C   OXT  sing N N 386 
VAL CB  CG1  sing N N 387 
VAL CB  CG2  sing N N 388 
VAL CB  HB   sing N N 389 
VAL CG1 HG11 sing N N 390 
VAL CG1 HG12 sing N N 391 
VAL CG1 HG13 sing N N 392 
VAL CG2 HG21 sing N N 393 
VAL CG2 HG22 sing N N 394 
VAL CG2 HG23 sing N N 395 
VAL OXT HXT  sing N N 396 
# 
loop_
_pdbx_audit_support.funding_organization 
_pdbx_audit_support.country 
_pdbx_audit_support.grant_number 
_pdbx_audit_support.ordinal 
'German Research Foundation (DFG)' Germany 'GRK 2341' 1 
'Volkswagen Foundation'            Germany LigH2t     2 
# 
_pdbx_entity_instance_feature.ordinal        1 
_pdbx_entity_instance_feature.comp_id        FES 
_pdbx_entity_instance_feature.asym_id        ? 
_pdbx_entity_instance_feature.seq_num        ? 
_pdbx_entity_instance_feature.auth_comp_id   FES 
_pdbx_entity_instance_feature.auth_asym_id   ? 
_pdbx_entity_instance_feature.auth_seq_num   ? 
_pdbx_entity_instance_feature.feature_type   'SUBJECT OF INVESTIGATION' 
_pdbx_entity_instance_feature.details        ? 
# 
_pdbx_initial_refinement_model.id               1 
_pdbx_initial_refinement_model.entity_id_list   ? 
_pdbx_initial_refinement_model.type             'experimental model' 
_pdbx_initial_refinement_model.source_name      PDB 
_pdbx_initial_refinement_model.accession_code   6LK1 
_pdbx_initial_refinement_model.details          ? 
# 
_atom_sites.entry_id                    7AKT 
_atom_sites.Cartn_transf_matrix[1][1]   ? 
_atom_sites.Cartn_transf_matrix[1][2]   ? 
_atom_sites.Cartn_transf_matrix[1][3]   ? 
_atom_sites.Cartn_transf_matrix[2][1]   ? 
_atom_sites.Cartn_transf_matrix[2][2]   ? 
_atom_sites.Cartn_transf_matrix[2][3]   ? 
_atom_sites.Cartn_transf_matrix[3][1]   ? 
_atom_sites.Cartn_transf_matrix[3][2]   ? 
_atom_sites.Cartn_transf_matrix[3][3]   ? 
_atom_sites.Cartn_transf_vector[1]      ? 
_atom_sites.Cartn_transf_vector[2]      ? 
_atom_sites.Cartn_transf_vector[3]      ? 
_atom_sites.fract_transf_matrix[1][1]   0.01294581 
_atom_sites.fract_transf_matrix[1][2]   0.03412081 
_atom_sites.fract_transf_matrix[1][3]   0.01991761 
_atom_sites.fract_transf_matrix[2][1]   -0.00993245 
_atom_sites.fract_transf_matrix[2][2]   0.01112119 
_atom_sites.fract_transf_matrix[2][3]   -0.01259591 
_atom_sites.fract_transf_matrix[3][1]   -0.02095514 
_atom_sites.fract_transf_matrix[3][2]   0.00902051 
_atom_sites.fract_transf_matrix[3][3]   0.02448850 
_atom_sites.fract_transf_vector[1]      -0.463504 
_atom_sites.fract_transf_vector[2]      0.221981 
_atom_sites.fract_transf_vector[3]      -0.180860 
_atom_sites.solution_primary            ? 
_atom_sites.solution_secondary          ? 
_atom_sites.solution_hydrogens          ? 
_atom_sites.special_details             ? 
# 
loop_
_atom_type.symbol 
C  
CL 
FE 
N  
NA 
O  
S  
# 
loop_
_atom_site.group_PDB 
_atom_site.id 
_atom_site.type_symbol 
_atom_site.label_atom_id 
_atom_site.label_alt_id 
_atom_site.label_comp_id 
_atom_site.label_asym_id 
_atom_site.label_entity_id 
_atom_site.label_seq_id 
_atom_site.pdbx_PDB_ins_code 
_atom_site.Cartn_x 
_atom_site.Cartn_y 
_atom_site.Cartn_z 
_atom_site.occupancy 
_atom_site.B_iso_or_equiv 
_atom_site.pdbx_formal_charge 
_atom_site.auth_seq_id 
_atom_site.auth_comp_id 
_atom_site.auth_asym_id 
_atom_site.auth_atom_id 
_atom_site.pdbx_PDB_model_num 
ATOM   1   N  N   . SER A 1 3   ? -6.914  -20.929 -20.462 1.00 35.24 ? -12 SER A N   1 
ATOM   2   C  CA  . SER A 1 3   ? -6.544  -19.596 -20.006 1.00 29.05 ? -12 SER A CA  1 
ATOM   3   C  C   . SER A 1 3   ? -6.486  -18.621 -21.181 1.00 26.23 ? -12 SER A C   1 
ATOM   4   O  O   . SER A 1 3   ? -7.189  -18.794 -22.177 1.00 36.60 ? -12 SER A O   1 
ATOM   5   C  CB  . SER A 1 3   ? -5.215  -19.635 -19.266 1.00 24.55 ? -12 SER A CB  1 
ATOM   6   N  N   . TRP A 1 4   ? -5.644  -17.602 -21.064 1.00 21.41 ? -11 TRP A N   1 
ATOM   7   C  CA  . TRP A 1 4   ? -5.566  -16.524 -22.043 1.00 16.21 ? -11 TRP A CA  1 
ATOM   8   C  C   . TRP A 1 4   ? -4.153  -16.415 -22.603 1.00 14.47 ? -11 TRP A C   1 
ATOM   9   O  O   . TRP A 1 4   ? -3.176  -16.783 -21.942 1.00 15.51 ? -11 TRP A O   1 
ATOM   10  C  CB  . TRP A 1 4   ? -5.946  -15.206 -21.389 1.00 15.46 ? -11 TRP A CB  1 
ATOM   11  C  CG  . TRP A 1 4   ? -7.360  -15.207 -20.908 1.00 15.40 ? -11 TRP A CG  1 
ATOM   12  C  CD1 . TRP A 1 4   ? -8.452  -14.814 -21.621 1.00 18.79 ? -11 TRP A CD1 1 
ATOM   13  C  CD2 . TRP A 1 4   ? -7.847  -15.609 -19.618 1.00 14.39 ? -11 TRP A CD2 1 
ATOM   14  N  NE1 . TRP A 1 4   ? -9.590  -14.959 -20.864 1.00 15.84 ? -11 TRP A NE1 1 
ATOM   15  C  CE2 . TRP A 1 4   ? -9.246  -15.449 -19.632 1.00 16.45 ? -11 TRP A CE2 1 
ATOM   16  C  CE3 . TRP A 1 4   ? -7.234  -16.110 -18.461 1.00 15.04 ? -11 TRP A CE3 1 
ATOM   17  C  CZ2 . TRP A 1 4   ? -10.045 -15.757 -18.530 1.00 18.47 ? -11 TRP A CZ2 1 
ATOM   18  C  CZ3 . TRP A 1 4   ? -8.026  -16.419 -17.375 1.00 17.65 ? -11 TRP A CZ3 1 
ATOM   19  C  CH2 . TRP A 1 4   ? -9.411  -16.230 -17.408 1.00 17.88 ? -11 TRP A CH2 1 
ATOM   20  N  N   A SER A 1 5   ? -4.052  -15.897 -23.830 0.66 13.70 ? -10 SER A N   1 
ATOM   21  N  N   B SER A 1 5   ? -4.050  -15.920 -23.838 0.34 13.70 ? -10 SER A N   1 
ATOM   22  C  CA  A SER A 1 5   ? -2.780  -15.685 -24.507 0.66 13.50 ? -10 SER A CA  1 
ATOM   23  C  CA  B SER A 1 5   ? -2.767  -15.705 -24.494 0.34 13.46 ? -10 SER A CA  1 
ATOM   24  C  C   A SER A 1 5   ? -2.181  -14.321 -24.202 0.66 11.74 ? -10 SER A C   1 
ATOM   25  C  C   B SER A 1 5   ? -2.182  -14.331 -24.199 0.34 11.53 ? -10 SER A C   1 
ATOM   26  O  O   A SER A 1 5   ? -1.334  -13.828 -24.964 0.66 12.89 ? -10 SER A O   1 
ATOM   27  O  O   B SER A 1 5   ? -1.343  -13.839 -24.966 0.34 13.07 ? -10 SER A O   1 
ATOM   28  C  CB  A SER A 1 5   ? -2.952  -15.867 -26.012 0.66 16.04 ? -10 SER A CB  1 
ATOM   29  C  CB  B SER A 1 5   ? -2.892  -15.920 -26.003 0.34 15.94 ? -10 SER A CB  1 
ATOM   30  O  OG  A SER A 1 5   ? -3.502  -17.146 -26.277 0.66 17.17 ? -10 SER A OG  1 
ATOM   31  O  OG  B SER A 1 5   ? -3.995  -15.210 -26.531 0.34 15.26 ? -10 SER A OG  1 
ATOM   32  N  N   . HIS A 1 6   ? -2.607  -13.706 -23.109 1.00 13.26 ? -9  HIS A N   1 
ATOM   33  C  CA  . HIS A 1 6   ? -2.142  -12.391 -22.716 1.00 12.64 ? -9  HIS A CA  1 
ATOM   34  C  C   . HIS A 1 6   ? -2.198  -12.331 -21.207 1.00 13.23 ? -9  HIS A C   1 
ATOM   35  O  O   . HIS A 1 6   ? -2.955  -13.087 -20.582 1.00 14.39 ? -9  HIS A O   1 
ATOM   36  C  CB  . HIS A 1 6   ? -3.074  -11.314 -23.285 1.00 13.58 ? -9  HIS A CB  1 
ATOM   37  C  CG  . HIS A 1 6   ? -4.535  -11.550 -23.010 1.00 12.66 ? -9  HIS A CG  1 
ATOM   38  N  ND1 . HIS A 1 6   ? -5.142  -11.214 -21.816 1.00 14.46 ? -9  HIS A ND1 1 
ATOM   39  C  CD2 . HIS A 1 6   ? -5.507  -12.081 -23.786 1.00 13.64 ? -9  HIS A CD2 1 
ATOM   40  C  CE1 . HIS A 1 6   ? -6.429  -11.513 -21.881 1.00 14.13 ? -9  HIS A CE1 1 
ATOM   41  N  NE2 . HIS A 1 6   ? -6.678  -12.051 -23.061 1.00 15.04 ? -9  HIS A NE2 1 
ATOM   42  N  N   . PRO A 1 7   ? -1.423  -11.459 -20.587 1.00 13.03 ? -8  PRO A N   1 
ATOM   43  C  CA  . PRO A 1 7   ? -1.607  -11.233 -19.149 1.00 14.49 ? -8  PRO A CA  1 
ATOM   44  C  C   . PRO A 1 7   ? -2.967  -10.607 -18.889 1.00 13.36 ? -8  PRO A C   1 
ATOM   45  O  O   . PRO A 1 7   ? -3.660  -10.144 -19.802 1.00 14.71 ? -8  PRO A O   1 
ATOM   46  C  CB  . PRO A 1 7   ? -0.481  -10.261 -18.780 1.00 16.50 ? -8  PRO A CB  1 
ATOM   47  C  CG  . PRO A 1 7   ? 0.457   -10.236 -20.001 1.00 19.09 ? -8  PRO A CG  1 
ATOM   48  C  CD  . PRO A 1 7   ? -0.411  -10.561 -21.174 1.00 15.76 ? -8  PRO A CD  1 
ATOM   49  N  N   . GLN A 1 8   ? -3.353  -10.581 -17.625 1.00 13.67 ? -7  GLN A N   1 
ATOM   50  C  CA  . GLN A 1 8   ? -4.584  -9.891  -17.279 1.00 13.66 ? -7  GLN A CA  1 
ATOM   51  C  C   . GLN A 1 8   ? -4.415  -8.402  -17.529 1.00 13.72 ? -7  GLN A C   1 
ATOM   52  O  O   . GLN A 1 8   ? -3.452  -7.787  -17.058 1.00 15.36 ? -7  GLN A O   1 
ATOM   53  C  CB  . GLN A 1 8   ? -4.962  -10.156 -15.829 1.00 14.65 ? -7  GLN A CB  1 
ATOM   54  C  CG  . GLN A 1 8   ? -5.243  -11.611 -15.560 1.00 14.71 ? -7  GLN A CG  1 
ATOM   55  C  CD  . GLN A 1 8   ? -6.336  -12.180 -16.443 1.00 16.59 ? -7  GLN A CD  1 
ATOM   56  O  OE1 . GLN A 1 8   ? -7.446  -11.663 -16.481 1.00 20.01 ? -7  GLN A OE1 1 
ATOM   57  N  NE2 . GLN A 1 8   ? -6.029  -13.257 -17.144 1.00 22.17 ? -7  GLN A NE2 1 
ATOM   58  N  N   . PHE A 1 9   ? -5.370  -7.844  -18.289 1.00 16.10 ? -6  PHE A N   1 
ATOM   59  C  CA  . PHE A 1 9   ? -5.363  -6.428  -18.636 1.00 19.04 ? -6  PHE A CA  1 
ATOM   60  C  C   . PHE A 1 9   ? -5.238  -5.578  -17.384 1.00 18.37 ? -6  PHE A C   1 
ATOM   61  O  O   . PHE A 1 9   ? -4.473  -4.611  -17.352 1.00 20.40 ? -6  PHE A O   1 
ATOM   62  C  CB  . PHE A 1 9   ? -6.668  -6.114  -19.368 1.00 22.09 ? -6  PHE A CB  1 
ATOM   63  C  CG  . PHE A 1 9   ? -6.806  -4.682  -19.812 1.00 23.05 ? -6  PHE A CG  1 
ATOM   64  C  CD1 . PHE A 1 9   ? -6.013  -4.183  -20.828 1.00 20.68 ? -6  PHE A CD1 1 
ATOM   65  C  CD2 . PHE A 1 9   ? -7.748  -3.847  -19.226 1.00 20.64 ? -6  PHE A CD2 1 
ATOM   66  C  CE1 . PHE A 1 9   ? -6.142  -2.870  -21.246 1.00 23.23 ? -6  PHE A CE1 1 
ATOM   67  C  CE2 . PHE A 1 9   ? -7.880  -2.534  -19.637 1.00 25.18 ? -6  PHE A CE2 1 
ATOM   68  C  CZ  . PHE A 1 9   ? -7.072  -2.047  -20.653 1.00 24.22 ? -6  PHE A CZ  1 
ATOM   69  N  N   . GLU A 1 10  ? -5.948  -5.972  -16.320 1.00 20.42 ? -5  GLU A N   1 
ATOM   70  C  CA  . GLU A 1 10  ? -5.914  -5.245  -15.057 1.00 26.10 ? -5  GLU A CA  1 
ATOM   71  C  C   . GLU A 1 10  ? -4.517  -5.175  -14.452 1.00 30.42 ? -5  GLU A C   1 
ATOM   72  O  O   . GLU A 1 10  ? -4.250  -4.271  -13.652 1.00 30.15 ? -5  GLU A O   1 
ATOM   73  C  CB  . GLU A 1 10  ? -6.889  -5.885  -14.063 1.00 26.48 ? -5  GLU A CB  1 
ATOM   74  N  N   . LYS A 1 11  ? -3.615  -6.095  -14.812 1.00 19.19 ? -4  LYS A N   1 
ATOM   75  C  CA  . LYS A 1 11  ? -2.264  -6.075  -14.264 1.00 18.57 ? -4  LYS A CA  1 
ATOM   76  C  C   . LYS A 1 11  ? -1.264  -5.357  -15.156 1.00 29.03 ? -4  LYS A C   1 
ATOM   77  O  O   . LYS A 1 11  ? -0.155  -5.067  -14.699 1.00 34.34 ? -4  LYS A O   1 
ATOM   78  C  CB  . LYS A 1 11  ? -1.742  -7.497  -14.018 1.00 15.97 ? -4  LYS A CB  1 
ATOM   79  C  CG  . LYS A 1 11  ? -2.470  -8.207  -12.896 1.00 14.61 ? -4  LYS A CG  1 
ATOM   80  C  CD  . LYS A 1 11  ? -2.265  -7.517  -11.555 1.00 14.36 ? -4  LYS A CD  1 
ATOM   81  C  CE  . LYS A 1 11  ? -2.725  -8.391  -10.396 1.00 16.16 ? -4  LYS A CE  1 
ATOM   82  N  NZ  . LYS A 1 11  ? -4.203  -8.615  -10.365 1.00 16.68 ? -4  LYS A NZ  1 
ATOM   83  N  N   . ILE A 1 12  ? -1.613  -5.080  -16.409 1.00 29.81 ? -3  ILE A N   1 
ATOM   84  C  CA  . ILE A 1 12  ? -0.677  -4.458  -17.340 1.00 31.21 ? -3  ILE A CA  1 
ATOM   85  C  C   . ILE A 1 12  ? -1.011  -2.983  -17.522 1.00 42.43 ? -3  ILE A C   1 
ATOM   86  O  O   . ILE A 1 12  ? -0.121  -2.166  -17.779 1.00 43.89 ? -3  ILE A O   1 
ATOM   87  C  CB  . ILE A 1 12  ? -0.651  -5.192  -18.694 1.00 28.22 ? -3  ILE A CB  1 
ATOM   88  N  N   . GLU A 1 13  ? -2.289  -2.632  -17.389 1.00 35.41 ? -2  GLU A N   1 
ATOM   89  C  CA  . GLU A 1 13  ? -2.771  -1.304  -17.737 1.00 42.17 ? -2  GLU A CA  1 
ATOM   90  C  C   . GLU A 1 13  ? -3.374  -0.599  -16.528 1.00 44.73 ? -2  GLU A C   1 
ATOM   91  O  O   . GLU A 1 13  ? -3.740  -1.227  -15.531 1.00 53.72 ? -2  GLU A O   1 
ATOM   92  C  CB  . GLU A 1 13  ? -3.829  -1.385  -18.842 1.00 35.67 ? -2  GLU A CB  1 
ATOM   93  N  N   . GLY A 1 14  ? -3.467  0.727   -16.635 1.00 42.76 ? -1  GLY A N   1 
ATOM   94  C  CA  . GLY A 1 14  ? -4.183  1.528   -15.658 1.00 49.36 ? -1  GLY A CA  1 
ATOM   95  C  C   . GLY A 1 14  ? -3.577  1.582   -14.275 1.00 45.40 ? -1  GLY A C   1 
ATOM   96  O  O   . GLY A 1 14  ? -4.284  1.895   -13.310 1.00 41.59 ? -1  GLY A O   1 
ATOM   97  N  N   . ARG A 1 15  ? -2.284  1.308   -14.144 1.00 37.25 ? 0   ARG A N   1 
ATOM   98  C  CA  . ARG A 1 15  ? -1.679  1.253   -12.825 1.00 23.07 ? 0   ARG A CA  1 
ATOM   99  C  C   . ARG A 1 15  ? -1.486  2.651   -12.245 1.00 25.66 ? 0   ARG A C   1 
ATOM   100 O  O   . ARG A 1 15  ? -1.285  3.635   -12.960 1.00 27.97 ? 0   ARG A O   1 
ATOM   101 C  CB  . ARG A 1 15  ? -0.335  0.527   -12.884 1.00 27.42 ? 0   ARG A CB  1 
ATOM   102 C  CG  . ARG A 1 15  ? -0.437  -0.911  -13.348 1.00 24.30 ? 0   ARG A CG  1 
ATOM   103 N  N   . TYR A 1 16  ? -1.550  2.727   -10.930 1.00 16.32 ? 1   TYR A N   1 
ATOM   104 C  CA  . TYR A 1 16  ? -1.222  3.938   -10.209 1.00 12.32 ? 1   TYR A CA  1 
ATOM   105 C  C   . TYR A 1 16  ? 0.259   3.967   -9.877  1.00 12.78 ? 1   TYR A C   1 
ATOM   106 O  O   . TYR A 1 16  ? 0.896   2.926   -9.676  1.00 14.29 ? 1   TYR A O   1 
ATOM   107 C  CB  . TYR A 1 16  ? -2.015  3.977   -8.907  1.00 11.45 ? 1   TYR A CB  1 
ATOM   108 C  CG  . TYR A 1 16  ? -3.488  4.177   -9.139  1.00 11.13 ? 1   TYR A CG  1 
ATOM   109 C  CD1 . TYR A 1 16  ? -3.959  5.392   -9.617  1.00 12.06 ? 1   TYR A CD1 1 
ATOM   110 C  CD2 . TYR A 1 16  ? -4.398  3.173   -8.871  1.00 11.87 ? 1   TYR A CD2 1 
ATOM   111 C  CE1 . TYR A 1 16  ? -5.306  5.594   -9.825  1.00 13.37 ? 1   TYR A CE1 1 
ATOM   112 C  CE2 . TYR A 1 16  ? -5.744  3.371   -9.062  1.00 12.76 ? 1   TYR A CE2 1 
ATOM   113 C  CZ  . TYR A 1 16  ? -6.190  4.585   -9.528  1.00 11.46 ? 1   TYR A CZ  1 
ATOM   114 O  OH  . TYR A 1 16  ? -7.549  4.781   -9.727  1.00 13.92 ? 1   TYR A OH  1 
ATOM   115 N  N   A LYS A 1 17  ? 0.809   5.172   -9.853  0.54 11.52 ? 2   LYS A N   1 
ATOM   116 N  N   B LYS A 1 17  ? 0.789   5.173   -9.745  0.46 11.44 ? 2   LYS A N   1 
ATOM   117 C  CA  A LYS A 1 17  ? 2.155   5.370   -9.349  0.54 11.33 ? 2   LYS A CA  1 
ATOM   118 C  CA  B LYS A 1 17  ? 2.187   5.400   -9.390  0.46 11.39 ? 2   LYS A CA  1 
ATOM   119 C  C   A LYS A 1 17  ? 2.079   5.449   -7.839  0.54 11.52 ? 2   LYS A C   1 
ATOM   120 C  C   B LYS A 1 17  ? 2.262   5.593   -7.878  0.46 11.62 ? 2   LYS A C   1 
ATOM   121 O  O   A LYS A 1 17  ? 1.301   6.225   -7.282  0.54 12.39 ? 2   LYS A O   1 
ATOM   122 O  O   B LYS A 1 17  ? 1.773   6.598   -7.355  0.46 10.84 ? 2   LYS A O   1 
ATOM   123 C  CB  A LYS A 1 17  ? 2.746   6.665   -9.900  0.54 13.25 ? 2   LYS A CB  1 
ATOM   124 C  CB  B LYS A 1 17  ? 2.684   6.643   -10.127 0.46 14.34 ? 2   LYS A CB  1 
ATOM   125 C  CG  A LYS A 1 17  ? 2.742   6.730   -11.411 0.54 14.98 ? 2   LYS A CG  1 
ATOM   126 C  CG  B LYS A 1 17  ? 4.041   7.136   -9.718  0.46 15.89 ? 2   LYS A CG  1 
ATOM   127 C  CD  A LYS A 1 17  ? 3.629   7.858   -11.914 0.54 19.13 ? 2   LYS A CD  1 
ATOM   128 C  CD  B LYS A 1 17  ? 4.628   8.081   -10.756 0.46 16.08 ? 2   LYS A CD  1 
ATOM   129 N  N   . VAL A 1 18  ? 2.869   4.629   -7.176  1.00 11.70 ? 3   VAL A N   1 
ATOM   130 C  CA  . VAL A 1 18  ? 2.937   4.629   -5.721  1.00 11.10 ? 3   VAL A CA  1 
ATOM   131 C  C   . VAL A 1 18  ? 4.388   4.871   -5.332  1.00 10.71 ? 3   VAL A C   1 
ATOM   132 O  O   . VAL A 1 18  ? 5.255   4.029   -5.591  1.00 12.48 ? 3   VAL A O   1 
ATOM   133 C  CB  . VAL A 1 18  ? 2.415   3.319   -5.121  1.00 11.55 ? 3   VAL A CB  1 
ATOM   134 C  CG1 . VAL A 1 18  ? 2.509   3.369   -3.613  1.00 12.69 ? 3   VAL A CG1 1 
ATOM   135 C  CG2 . VAL A 1 18  ? 0.976   3.052   -5.550  1.00 13.72 ? 3   VAL A CG2 1 
ATOM   136 N  N   . THR A 1 19  ? 4.654   6.014   -4.719  1.00 10.32 ? 4   THR A N   1 
ATOM   137 C  CA  . THR A 1 19  ? 5.980   6.309   -4.201  1.00 11.12 ? 4   THR A CA  1 
ATOM   138 C  C   . THR A 1 19  ? 6.012   5.867   -2.750  1.00 11.46 ? 4   THR A C   1 
ATOM   139 O  O   . THR A 1 19  ? 5.280   6.417   -1.909  1.00 11.08 ? 4   THR A O   1 
ATOM   140 C  CB  . THR A 1 19  ? 6.294   7.786   -4.327  1.00 11.12 ? 4   THR A CB  1 
ATOM   141 O  OG1 . THR A 1 19  ? 6.285   8.143   -5.713  1.00 11.95 ? 4   THR A OG1 1 
ATOM   142 C  CG2 . THR A 1 19  ? 7.677   8.057   -3.780  1.00 12.75 ? 4   THR A CG2 1 
ATOM   143 N  N   . LEU A 1 20  ? 6.820   4.851   -2.473  1.00 10.81 ? 5   LEU A N   1 
ATOM   144 C  CA  . LEU A 1 20  ? 7.017   4.381   -1.116  1.00 11.13 ? 5   LEU A CA  1 
ATOM   145 C  C   . LEU A 1 20  ? 8.167   5.159   -0.529  1.00 9.27  ? 5   LEU A C   1 
ATOM   146 O  O   . LEU A 1 20  ? 9.319   5.038   -0.978  1.00 10.73 ? 5   LEU A O   1 
ATOM   147 C  CB  . LEU A 1 20  ? 7.272   2.885   -1.094  1.00 11.39 ? 5   LEU A CB  1 
ATOM   148 C  CG  . LEU A 1 20  ? 6.086   2.135   -1.684  1.00 15.05 ? 5   LEU A CG  1 
ATOM   149 C  CD1 . LEU A 1 20  ? 6.515   0.762   -2.122  1.00 20.95 ? 5   LEU A CD1 1 
ATOM   150 C  CD2 . LEU A 1 20  ? 4.927   2.077   -0.712  1.00 13.74 ? 5   LEU A CD2 1 
ATOM   151 N  N   A LYS A 1 21  ? 7.856   5.993   0.455   0.61 9.79  ? 6   LYS A N   1 
ATOM   152 N  N   B LYS A 1 21  ? 7.857   6.000   0.452   0.39 9.82  ? 6   LYS A N   1 
ATOM   153 C  CA  A LYS A 1 21  ? 8.886   6.760   1.138   0.61 10.35 ? 6   LYS A CA  1 
ATOM   154 C  CA  B LYS A 1 21  ? 8.884   6.761   1.152   0.39 10.42 ? 6   LYS A CA  1 
ATOM   155 C  C   A LYS A 1 21  ? 9.350   5.881   2.285   0.61 10.07 ? 6   LYS A C   1 
ATOM   156 C  C   B LYS A 1 21  ? 9.358   5.879   2.294   0.39 10.23 ? 6   LYS A C   1 
ATOM   157 O  O   A LYS A 1 21  ? 8.713   5.807   3.337   0.61 9.74  ? 6   LYS A O   1 
ATOM   158 O  O   B LYS A 1 21  ? 8.753   5.829   3.368   0.39 9.94  ? 6   LYS A O   1 
ATOM   159 C  CB  A LYS A 1 21  ? 8.349   8.111   1.594   0.61 11.78 ? 6   LYS A CB  1 
ATOM   160 C  CB  B LYS A 1 21  ? 8.346   8.101   1.629   0.39 11.79 ? 6   LYS A CB  1 
ATOM   161 C  CG  A LYS A 1 21  ? 9.413   8.980   2.234   0.61 12.55 ? 6   LYS A CG  1 
ATOM   162 C  CG  B LYS A 1 21  ? 9.326   8.851   2.513   0.39 13.12 ? 6   LYS A CG  1 
ATOM   163 C  CD  A LYS A 1 21  ? 8.881   10.349  2.704   0.61 17.60 ? 6   LYS A CD  1 
ATOM   164 C  CD  B LYS A 1 21  ? 8.927   10.312  2.708   0.39 17.46 ? 6   LYS A CD  1 
ATOM   165 C  CE  A LYS A 1 21  ? 8.598   11.295  1.542   0.61 15.98 ? 6   LYS A CE  1 
ATOM   166 C  CE  B LYS A 1 21  ? 8.996   11.095  1.405   0.39 14.36 ? 6   LYS A CE  1 
ATOM   167 N  NZ  A LYS A 1 21  ? 9.790   11.453  0.667   0.61 15.04 ? 6   LYS A NZ  1 
ATOM   168 N  NZ  B LYS A 1 21  ? 8.866   12.548  1.665   0.39 14.89 ? 6   LYS A NZ  1 
ATOM   169 N  N   . THR A 1 22  ? 10.411  5.129   2.034   1.00 10.77 ? 7   THR A N   1 
ATOM   170 C  CA  . THR A 1 22  ? 10.928  4.162   2.986   1.00 11.08 ? 7   THR A CA  1 
ATOM   171 C  C   . THR A 1 22  ? 12.092  4.746   3.737   1.00 10.50 ? 7   THR A C   1 
ATOM   172 O  O   . THR A 1 22  ? 12.668  5.758   3.330   1.00 10.94 ? 7   THR A O   1 
ATOM   173 C  CB  . THR A 1 22  ? 11.376  2.885   2.273   1.00 10.78 ? 7   THR A CB  1 
ATOM   174 O  OG1 . THR A 1 22  ? 12.704  3.028   1.728   1.00 11.62 ? 7   THR A OG1 1 
ATOM   175 C  CG2 . THR A 1 22  ? 10.378  2.437   1.216   1.00 11.67 ? 7   THR A CG2 1 
ATOM   176 N  N   . PRO A 1 23  ? 12.510  4.099   4.827   1.00 11.51 ? 8   PRO A N   1 
ATOM   177 C  CA  . PRO A 1 23  ? 13.713  4.576   5.526   1.00 11.32 ? 8   PRO A CA  1 
ATOM   178 C  C   . PRO A 1 23  ? 14.935  4.626   4.641   1.00 13.64 ? 8   PRO A C   1 
ATOM   179 O  O   . PRO A 1 23  ? 15.831  5.450   4.871   1.00 14.57 ? 8   PRO A O   1 
ATOM   180 C  CB  . PRO A 1 23  ? 13.866  3.566   6.669   1.00 14.41 ? 8   PRO A CB  1 
ATOM   181 C  CG  . PRO A 1 23  ? 12.485  3.085   6.922   1.00 14.00 ? 8   PRO A CG  1 
ATOM   182 C  CD  . PRO A 1 23  ? 11.816  3.035   5.576   1.00 12.89 ? 8   PRO A CD  1 
ATOM   183 N  N   A SER A 1 24  ? 14.996  3.778   3.619   0.60 13.56 ? 9   SER A N   1 
ATOM   184 N  N   B SER A 1 24  ? 14.998  3.768   3.630   0.40 13.52 ? 9   SER A N   1 
ATOM   185 C  CA  A SER A 1 24  ? 16.135  3.718   2.714   0.60 14.88 ? 9   SER A CA  1 
ATOM   186 C  CA  B SER A 1 24  ? 16.143  3.718   2.737   0.40 14.90 ? 9   SER A CA  1 
ATOM   187 C  C   A SER A 1 24  ? 15.894  4.500   1.428   0.60 14.28 ? 9   SER A C   1 
ATOM   188 C  C   B SER A 1 24  ? 16.041  4.696   1.572   0.40 15.38 ? 9   SER A C   1 
ATOM   189 O  O   A SER A 1 24  ? 16.597  4.284   0.432   0.60 16.33 ? 9   SER A O   1 
ATOM   190 O  O   B SER A 1 24  ? 17.012  4.825   0.819   0.40 17.26 ? 9   SER A O   1 
ATOM   191 C  CB  A SER A 1 24  ? 16.479  2.263   2.404   0.60 16.41 ? 9   SER A CB  1 
ATOM   192 C  CB  B SER A 1 24  ? 16.347  2.286   2.216   0.40 16.89 ? 9   SER A CB  1 
ATOM   193 O  OG  A SER A 1 24  ? 15.467  1.692   1.601   0.60 19.50 ? 9   SER A OG  1 
ATOM   194 O  OG  B SER A 1 24  ? 16.463  1.363   3.287   0.40 17.81 ? 9   SER A OG  1 
ATOM   195 N  N   . GLY A 1 25  ? 14.923  5.396   1.417   1.00 13.57 ? 10  GLY A N   1 
ATOM   196 C  CA  . GLY A 1 25  ? 14.717  6.282   0.291   1.00 13.80 ? 10  GLY A CA  1 
ATOM   197 C  C   . GLY A 1 25  ? 13.364  6.059   -0.353  1.00 12.41 ? 10  GLY A C   1 
ATOM   198 O  O   . GLY A 1 25  ? 12.610  5.153   -0.004  1.00 12.11 ? 10  GLY A O   1 
ATOM   199 N  N   . ASP A 1 26  ? 13.068  6.925   -1.301  1.00 13.08 ? 11  ASP A N   1 
ATOM   200 C  CA  . ASP A 1 26  ? 11.818  6.828   -2.038  1.00 12.26 ? 11  ASP A CA  1 
ATOM   201 C  C   . ASP A 1 26  ? 11.967  5.796   -3.138  1.00 11.54 ? 11  ASP A C   1 
ATOM   202 O  O   . ASP A 1 26  ? 12.979  5.781   -3.854  1.00 12.75 ? 11  ASP A O   1 
ATOM   203 C  CB  . ASP A 1 26  ? 11.508  8.163   -2.711  1.00 12.65 ? 11  ASP A CB  1 
ATOM   204 C  CG  . ASP A 1 26  ? 11.028  9.223   -1.755  1.00 13.07 ? 11  ASP A CG  1 
ATOM   205 O  OD1 . ASP A 1 26  ? 10.980  8.962   -0.534  1.00 16.67 ? 11  ASP A OD1 1 
ATOM   206 O  OD2 . ASP A 1 26  ? 10.674  10.316  -2.238  1.00 15.69 ? 11  ASP A OD2 1 
ATOM   207 N  N   . LYS A 1 27  ? 10.951  4.954   -3.293  1.00 11.50 ? 12  LYS A N   1 
ATOM   208 C  CA  . LYS A 1 27  ? 10.967  3.942   -4.338  1.00 11.62 ? 12  LYS A CA  1 
ATOM   209 C  C   . LYS A 1 27  ? 9.590   3.950   -4.962  1.00 10.82 ? 12  LYS A C   1 
ATOM   210 O  O   . LYS A 1 27  ? 8.600   3.602   -4.303  1.00 11.14 ? 12  LYS A O   1 
ATOM   211 C  CB  . LYS A 1 27  ? 11.300  2.583   -3.741  1.00 14.66 ? 12  LYS A CB  1 
ATOM   212 C  CG  . LYS A 1 27  ? 12.732  2.579   -3.205  1.00 24.14 ? 12  LYS A CG  1 
ATOM   213 C  CD  . LYS A 1 27  ? 12.938  1.658   -2.030  1.00 26.95 ? 12  LYS A CD  1 
ATOM   214 C  CE  . LYS A 1 27  ? 14.268  1.970   -1.350  1.00 24.32 ? 12  LYS A CE  1 
ATOM   215 N  NZ  . LYS A 1 27  ? 14.906  0.744   -0.810  1.00 29.59 ? 12  LYS A NZ  1 
ATOM   216 N  N   . THR A 1 28  ? 9.521   4.351   -6.219  1.00 11.84 ? 13  THR A N   1 
ATOM   217 C  CA  . THR A 1 28  ? 8.252   4.454   -6.902  1.00 12.21 ? 13  THR A CA  1 
ATOM   218 C  C   . THR A 1 28  ? 8.027   3.205   -7.721  1.00 11.33 ? 13  THR A C   1 
ATOM   219 O  O   . THR A 1 28  ? 8.911   2.783   -8.480  1.00 13.38 ? 13  THR A O   1 
ATOM   220 C  CB  . THR A 1 28  ? 8.210   5.690   -7.789  1.00 12.77 ? 13  THR A CB  1 
ATOM   221 O  OG1 . THR A 1 28  ? 8.309   6.853   -6.964  1.00 12.52 ? 13  THR A OG1 1 
ATOM   222 C  CG2 . THR A 1 28  ? 6.914   5.737   -8.546  1.00 14.01 ? 13  THR A CG2 1 
ATOM   223 N  N   . ILE A 1 29  ? 6.851   2.626   -7.553  1.00 12.50 ? 14  ILE A N   1 
ATOM   224 C  CA  . ILE A 1 29  ? 6.473   1.407   -8.235  1.00 13.50 ? 14  ILE A CA  1 
ATOM   225 C  C   . ILE A 1 29  ? 5.114   1.664   -8.866  1.00 12.05 ? 14  ILE A C   1 
ATOM   226 O  O   . ILE A 1 29  ? 4.407   2.624   -8.540  1.00 13.84 ? 14  ILE A O   1 
ATOM   227 C  CB  . ILE A 1 29  ? 6.400   0.211   -7.260  1.00 16.37 ? 14  ILE A CB  1 
ATOM   228 C  CG1 . ILE A 1 29  ? 5.299   0.443   -6.226  1.00 14.72 ? 14  ILE A CG1 1 
ATOM   229 C  CG2 . ILE A 1 29  ? 7.727   0.019   -6.524  1.00 17.96 ? 14  ILE A CG2 1 
ATOM   230 C  CD1 . ILE A 1 29  ? 4.967   -0.776  -5.353  1.00 18.55 ? 14  ILE A CD1 1 
ATOM   231 N  N   . GLU A 1 30  ? 4.759   0.794   -9.788  1.00 12.91 ? 15  GLU A N   1 
ATOM   232 C  CA  . GLU A 1 30  ? 3.413   0.784   -10.337 1.00 13.23 ? 15  GLU A CA  1 
ATOM   233 C  C   . GLU A 1 30  ? 2.579   -0.165  -9.500  1.00 14.48 ? 15  GLU A C   1 
ATOM   234 O  O   . GLU A 1 30  ? 3.053   -1.229  -9.095  1.00 17.94 ? 15  GLU A O   1 
ATOM   235 C  CB  . GLU A 1 30  ? 3.432   0.301   -11.789 1.00 18.00 ? 15  GLU A CB  1 
ATOM   236 N  N   . CYS A 1 31  ? 1.348   0.229   -9.205  1.00 12.78 ? 16  CYS A N   1 
ATOM   237 C  CA  . CYS A 1 31  ? 0.451   -0.637  -8.450  1.00 14.24 ? 16  CYS A CA  1 
ATOM   238 C  C   . CYS A 1 31  ? -0.883  -0.682  -9.183  1.00 14.71 ? 16  CYS A C   1 
ATOM   239 O  O   . CYS A 1 31  ? -1.547  0.366   -9.330  1.00 14.71 ? 16  CYS A O   1 
ATOM   240 C  CB  . CYS A 1 31  ? 0.296   -0.186  -6.997  1.00 13.18 ? 16  CYS A CB  1 
ATOM   241 S  SG  . CYS A 1 31  ? -0.728  -1.265  -6.007  1.00 12.93 ? 16  CYS A SG  1 
ATOM   242 N  N   . PRO A 1 32  ? -1.297  -1.843  -9.673  1.00 13.21 ? 17  PRO A N   1 
ATOM   243 C  CA  . PRO A 1 32  ? -2.623  -1.948  -10.288 1.00 17.97 ? 17  PRO A CA  1 
ATOM   244 C  C   . PRO A 1 32  ? -3.717  -1.531  -9.313  1.00 15.49 ? 17  PRO A C   1 
ATOM   245 O  O   . PRO A 1 32  ? -3.597  -1.676  -8.096  1.00 13.05 ? 17  PRO A O   1 
ATOM   246 C  CB  . PRO A 1 32  ? -2.733  -3.437  -10.626 1.00 18.41 ? 17  PRO A CB  1 
ATOM   247 C  CG  . PRO A 1 32  ? -1.328  -3.910  -10.726 1.00 19.41 ? 17  PRO A CG  1 
ATOM   248 C  CD  . PRO A 1 32  ? -0.551  -3.104  -9.728  1.00 16.00 ? 17  PRO A CD  1 
ATOM   249 N  N   . ALA A 1 33  ? -4.827  -1.045  -9.866  1.00 15.08 ? 18  ALA A N   1 
ATOM   250 C  CA  . ALA A 1 33  ? -5.957  -0.668  -9.038  1.00 16.23 ? 18  ALA A CA  1 
ATOM   251 C  C   . ALA A 1 33  ? -6.514  -1.849  -8.245  1.00 14.60 ? 18  ALA A C   1 
ATOM   252 O  O   . ALA A 1 33  ? -7.114  -1.650  -7.185  1.00 15.77 ? 18  ALA A O   1 
ATOM   253 C  CB  . ALA A 1 33  ? -7.038  -0.057  -9.933  1.00 17.95 ? 18  ALA A CB  1 
ATOM   254 N  N   . ASP A 1 34  ? -6.301  -3.080  -8.706  1.00 14.19 ? 19  ASP A N   1 
ATOM   255 C  CA  . ASP A 1 34  ? -6.859  -4.246  -8.048  1.00 13.86 ? 19  ASP A CA  1 
ATOM   256 C  C   . ASP A 1 34  ? -5.893  -4.875  -7.062  1.00 14.03 ? 19  ASP A C   1 
ATOM   257 O  O   . ASP A 1 34  ? -6.120  -6.008  -6.635  1.00 14.81 ? 19  ASP A O   1 
ATOM   258 C  CB  . ASP A 1 34  ? -7.282  -5.279  -9.100  1.00 15.21 ? 19  ASP A CB  1 
ATOM   259 C  CG  . ASP A 1 34  ? -6.091  -5.875  -9.871  1.00 14.37 ? 19  ASP A CG  1 
ATOM   260 O  OD1 . ASP A 1 34  ? -4.928  -5.610  -9.555  1.00 15.43 ? 19  ASP A OD1 1 
ATOM   261 O  OD2 . ASP A 1 34  ? -6.320  -6.659  -10.811 1.00 18.35 ? 19  ASP A OD2 1 
ATOM   262 N  N   . THR A 1 35  ? -4.816  -4.181  -6.716  1.00 12.88 ? 20  THR A N   1 
ATOM   263 C  CA  . THR A 1 35  ? -3.727  -4.777  -5.966  1.00 13.44 ? 20  THR A CA  1 
ATOM   264 C  C   . THR A 1 35  ? -3.449  -3.958  -4.723  1.00 11.18 ? 20  THR A C   1 
ATOM   265 O  O   . THR A 1 35  ? -3.347  -2.733  -4.793  1.00 12.60 ? 20  THR A O   1 
ATOM   266 C  CB  . THR A 1 35  ? -2.469  -4.845  -6.838  1.00 12.06 ? 20  THR A CB  1 
ATOM   267 O  OG1 . THR A 1 35  ? -2.696  -5.751  -7.919  1.00 15.44 ? 20  THR A OG1 1 
ATOM   268 C  CG2 . THR A 1 35  ? -1.258  -5.345  -6.051  1.00 14.14 ? 20  THR A CG2 1 
ATOM   269 N  N   . TYR A 1 36  ? -3.284  -4.650  -3.598  1.00 11.94 ? 21  TYR A N   1 
ATOM   270 C  CA  . TYR A 1 36  ? -2.896  -4.000  -2.357  1.00 10.29 ? 21  TYR A CA  1 
ATOM   271 C  C   . TYR A 1 36  ? -1.463  -3.481  -2.453  1.00 10.29 ? 21  TYR A C   1 
ATOM   272 O  O   . TYR A 1 36  ? -0.585  -4.114  -3.050  1.00 11.06 ? 21  TYR A O   1 
ATOM   273 C  CB  . TYR A 1 36  ? -2.994  -4.986  -1.205  1.00 12.24 ? 21  TYR A CB  1 
ATOM   274 C  CG  . TYR A 1 36  ? -4.361  -5.499  -0.847  1.00 12.47 ? 21  TYR A CG  1 
ATOM   275 C  CD1 . TYR A 1 36  ? -5.472  -4.677  -0.788  1.00 14.39 ? 21  TYR A CD1 1 
ATOM   276 C  CD2 . TYR A 1 36  ? -4.514  -6.815  -0.460  1.00 13.86 ? 21  TYR A CD2 1 
ATOM   277 C  CE1 . TYR A 1 36  ? -6.714  -5.179  -0.365  1.00 15.38 ? 21  TYR A CE1 1 
ATOM   278 C  CE2 . TYR A 1 36  ? -5.744  -7.328  -0.068  1.00 16.71 ? 21  TYR A CE2 1 
ATOM   279 C  CZ  . TYR A 1 36  ? -6.828  -6.509  -0.015  1.00 15.64 ? 21  TYR A CZ  1 
ATOM   280 O  OH  . TYR A 1 36  ? -8.043  -7.030  0.397   1.00 20.41 ? 21  TYR A OH  1 
ATOM   281 N  N   A ILE A 1 37  ? -1.221  -2.326  -1.841  0.61 9.95  ? 22  ILE A N   1 
ATOM   282 N  N   B ILE A 1 37  ? -1.238  -2.304  -1.854  0.39 9.92  ? 22  ILE A N   1 
ATOM   283 C  CA  A ILE A 1 37  ? 0.085   -1.677  -1.938  0.61 10.66 ? 22  ILE A CA  1 
ATOM   284 C  CA  B ILE A 1 37  ? 0.077   -1.657  -1.878  0.39 10.61 ? 22  ILE A CA  1 
ATOM   285 C  C   A ILE A 1 37  ? 1.212   -2.597  -1.474  0.61 10.91 ? 22  ILE A C   1 
ATOM   286 C  C   B ILE A 1 37  ? 1.176   -2.638  -1.503  0.39 10.84 ? 22  ILE A C   1 
ATOM   287 O  O   A ILE A 1 37  ? 2.275   -2.660  -2.109  0.61 10.67 ? 22  ILE A O   1 
ATOM   288 O  O   B ILE A 1 37  ? 2.182   -2.771  -2.212  0.39 10.87 ? 22  ILE A O   1 
ATOM   289 C  CB  A ILE A 1 37  ? 0.039   -0.344  -1.183  0.61 10.48 ? 22  ILE A CB  1 
ATOM   290 C  CB  B ILE A 1 37  ? 0.094   -0.438  -0.943  0.39 10.21 ? 22  ILE A CB  1 
ATOM   291 C  CG1 A ILE A 1 37  ? -0.773  0.663   -2.009  0.61 11.99 ? 22  ILE A CG1 1 
ATOM   292 C  CG1 B ILE A 1 37  ? -0.923  0.596   -1.406  0.39 9.97  ? 22  ILE A CG1 1 
ATOM   293 C  CG2 A ILE A 1 37  ? 1.454   0.147   -0.832  0.61 11.89 ? 22  ILE A CG2 1 
ATOM   294 C  CG2 B ILE A 1 37  ? 1.485   0.185   -0.929  0.39 11.91 ? 22  ILE A CG2 1 
ATOM   295 C  CD1 A ILE A 1 37  ? -1.240  1.873   -1.209  0.61 13.04 ? 22  ILE A CD1 1 
ATOM   296 C  CD1 B ILE A 1 37  ? -0.594  1.165   -2.778  0.39 13.91 ? 22  ILE A CD1 1 
ATOM   297 N  N   . LEU A 1 38  ? 1.015   -3.310  -0.361  1.00 11.06 ? 23  LEU A N   1 
ATOM   298 C  CA  . LEU A 1 38  ? 2.055   -4.222  0.101   1.00 9.87  ? 23  LEU A CA  1 
ATOM   299 C  C   . LEU A 1 38  ? 2.354   -5.299  -0.926  1.00 9.88  ? 23  LEU A C   1 
ATOM   300 O  O   . LEU A 1 38  ? 3.519   -5.671  -1.120  1.00 10.75 ? 23  LEU A O   1 
ATOM   301 C  CB  . LEU A 1 38  ? 1.631   -4.892  1.401   1.00 11.26 ? 23  LEU A CB  1 
ATOM   302 C  CG  . LEU A 1 38  ? 2.623   -5.916  1.948   1.00 10.59 ? 23  LEU A CG  1 
ATOM   303 C  CD1 . LEU A 1 38  ? 3.932   -5.196  2.314   1.00 12.88 ? 23  LEU A CD1 1 
ATOM   304 C  CD2 . LEU A 1 38  ? 2.037   -6.611  3.158   1.00 12.25 ? 23  LEU A CD2 1 
ATOM   305 N  N   . ASP A 1 39  ? 1.315   -5.838  -1.556  1.00 10.61 ? 24  ASP A N   1 
ATOM   306 C  CA  . ASP A 1 39  ? 1.507   -6.914  -2.518  1.00 11.04 ? 24  ASP A CA  1 
ATOM   307 C  C   . ASP A 1 39  ? 2.311   -6.432  -3.713  1.00 11.84 ? 24  ASP A C   1 
ATOM   308 O  O   . ASP A 1 39  ? 3.233   -7.115  -4.167  1.00 12.37 ? 24  ASP A O   1 
ATOM   309 C  CB  . ASP A 1 39  ? 0.157   -7.489  -2.946  1.00 11.29 ? 24  ASP A CB  1 
ATOM   310 C  CG  . ASP A 1 39  ? -0.567  -8.195  -1.841  1.00 12.14 ? 24  ASP A CG  1 
ATOM   311 O  OD1 . ASP A 1 39  ? 0.035   -8.507  -0.802  1.00 14.28 ? 24  ASP A OD1 1 
ATOM   312 O  OD2 . ASP A 1 39  ? -1.769  -8.476  -2.005  1.00 13.48 ? 24  ASP A OD2 1 
ATOM   313 N  N   . ALA A 1 40  ? 2.008   -5.236  -4.220  1.00 11.07 ? 25  ALA A N   1 
ATOM   314 C  CA  . ALA A 1 40  ? 2.799   -4.698  -5.324  1.00 12.47 ? 25  ALA A CA  1 
ATOM   315 C  C   . ALA A 1 40  ? 4.240   -4.459  -4.894  1.00 11.74 ? 25  ALA A C   1 
ATOM   316 O  O   . ALA A 1 40  ? 5.178   -4.732  -5.654  1.00 13.96 ? 25  ALA A O   1 
ATOM   317 C  CB  . ALA A 1 40  ? 2.182   -3.390  -5.792  1.00 12.93 ? 25  ALA A CB  1 
ATOM   318 N  N   . ALA A 1 41  ? 4.444   -3.954  -3.681  1.00 11.67 ? 26  ALA A N   1 
ATOM   319 C  CA  . ALA A 1 41  ? 5.797   -3.661  -3.220  1.00 12.52 ? 26  ALA A CA  1 
ATOM   320 C  C   . ALA A 1 41  ? 6.601   -4.940  -3.060  1.00 13.28 ? 26  ALA A C   1 
ATOM   321 O  O   . ALA A 1 41  ? 7.777   -5.004  -3.453  1.00 14.89 ? 26  ALA A O   1 
ATOM   322 C  CB  . ALA A 1 41  ? 5.726   -2.910  -1.890  1.00 12.78 ? 26  ALA A CB  1 
ATOM   323 N  N   A GLU A 1 42  ? 5.988   -5.975  -2.491  0.52 13.02 ? 27  GLU A N   1 
ATOM   324 N  N   B GLU A 1 42  ? 5.988   -5.973  -2.487  0.48 13.04 ? 27  GLU A N   1 
ATOM   325 C  CA  A GLU A 1 42  ? 6.727   -7.211  -2.280  0.52 13.27 ? 27  GLU A CA  1 
ATOM   326 C  CA  B GLU A 1 42  ? 6.715   -7.217  -2.281  0.48 13.27 ? 27  GLU A CA  1 
ATOM   327 C  C   A GLU A 1 42  ? 7.037   -7.893  -3.607  0.52 17.92 ? 27  GLU A C   1 
ATOM   328 C  C   B GLU A 1 42  ? 7.041   -7.881  -3.611  0.48 17.95 ? 27  GLU A C   1 
ATOM   329 O  O   A GLU A 1 42  ? 8.106   -8.496  -3.766  0.52 20.49 ? 27  GLU A O   1 
ATOM   330 O  O   B GLU A 1 42  ? 8.122   -8.460  -3.776  0.48 20.59 ? 27  GLU A O   1 
ATOM   331 C  CB  A GLU A 1 42  ? 5.964   -8.128  -1.324  0.52 15.38 ? 27  GLU A CB  1 
ATOM   332 C  CB  B GLU A 1 42  ? 5.908   -8.146  -1.376  0.48 15.45 ? 27  GLU A CB  1 
ATOM   333 C  CG  A GLU A 1 42  ? 5.765   -7.558  0.080   0.52 18.24 ? 27  GLU A CG  1 
ATOM   334 C  CG  B GLU A 1 42  ? 5.733   -7.633  0.046   0.48 18.34 ? 27  GLU A CG  1 
ATOM   335 C  CD  A GLU A 1 42  ? 7.068   -7.350  0.831   0.52 17.06 ? 27  GLU A CD  1 
ATOM   336 C  CD  B GLU A 1 42  ? 6.964   -7.843  0.902   0.48 20.44 ? 27  GLU A CD  1 
ATOM   337 O  OE1 A GLU A 1 42  ? 7.769   -8.347  1.109   0.52 18.79 ? 27  GLU A OE1 1 
ATOM   338 O  OE1 B GLU A 1 42  ? 7.863   -8.598  0.481   0.48 20.37 ? 27  GLU A OE1 1 
ATOM   339 O  OE2 A GLU A 1 42  ? 7.386   -6.190  1.153   0.52 23.06 ? 27  GLU A OE2 1 
ATOM   340 O  OE2 B GLU A 1 42  ? 7.023   -7.260  2.002   0.48 19.07 ? 27  GLU A OE2 1 
ATOM   341 N  N   . GLU A 1 43  ? 6.126   -7.790  -4.578  1.00 17.33 ? 28  GLU A N   1 
ATOM   342 C  CA  . GLU A 1 43  ? 6.405   -8.315  -5.912  1.00 22.74 ? 28  GLU A CA  1 
ATOM   343 C  C   . GLU A 1 43  ? 7.541   -7.553  -6.580  1.00 24.12 ? 28  GLU A C   1 
ATOM   344 O  O   . GLU A 1 43  ? 8.339   -8.139  -7.321  1.00 27.31 ? 28  GLU A O   1 
ATOM   345 C  CB  . GLU A 1 43  ? 5.147   -8.257  -6.775  1.00 24.14 ? 28  GLU A CB  1 
ATOM   346 C  CG  . GLU A 1 43  ? 4.032   -9.169  -6.287  1.00 28.58 ? 28  GLU A CG  1 
ATOM   347 C  CD  . GLU A 1 43  ? 4.051   -10.526 -6.952  1.00 36.50 ? 28  GLU A CD  1 
ATOM   348 O  OE1 . GLU A 1 43  ? 3.143   -11.326 -6.652  1.00 26.79 ? 28  GLU A OE1 1 
ATOM   349 O  OE2 . GLU A 1 43  ? 4.967   -10.790 -7.767  1.00 34.68 ? 28  GLU A OE2 1 
ATOM   350 N  N   . ALA A 1 44  ? 7.627   -6.246  -6.342  1.00 20.84 ? 29  ALA A N   1 
ATOM   351 C  CA  . ALA A 1 44  ? 8.703   -5.426  -6.883  1.00 22.01 ? 29  ALA A CA  1 
ATOM   352 C  C   . ALA A 1 44  ? 10.019  -5.616  -6.142  1.00 26.25 ? 29  ALA A C   1 
ATOM   353 O  O   . ALA A 1 44  ? 10.977  -4.882  -6.423  1.00 27.25 ? 29  ALA A O   1 
ATOM   354 C  CB  . ALA A 1 44  ? 8.302   -3.948  -6.882  1.00 25.37 ? 29  ALA A CB  1 
ATOM   355 N  N   . GLY A 1 45  ? 10.086  -6.569  -5.209  1.00 24.87 ? 30  GLY A N   1 
ATOM   356 C  CA  . GLY A 1 45  ? 11.315  -6.895  -4.519  1.00 23.63 ? 30  GLY A CA  1 
ATOM   357 C  C   . GLY A 1 45  ? 11.589  -6.091  -3.271  1.00 24.43 ? 30  GLY A C   1 
ATOM   358 O  O   . GLY A 1 45  ? 12.641  -6.293  -2.646  1.00 26.71 ? 30  GLY A O   1 
ATOM   359 N  N   . LEU A 1 46  ? 10.694  -5.182  -2.888  1.00 19.08 ? 31  LEU A N   1 
ATOM   360 C  CA  . LEU A 1 46  ? 10.889  -4.458  -1.644  1.00 17.74 ? 31  LEU A CA  1 
ATOM   361 C  C   . LEU A 1 46  ? 10.582  -5.368  -0.461  1.00 20.41 ? 31  LEU A C   1 
ATOM   362 O  O   . LEU A 1 46  ? 9.931   -6.408  -0.588  1.00 24.08 ? 31  LEU A O   1 
ATOM   363 C  CB  . LEU A 1 46  ? 10.007  -3.216  -1.593  1.00 18.62 ? 31  LEU A CB  1 
ATOM   364 C  CG  . LEU A 1 46  ? 10.353  -2.252  -2.718  1.00 21.32 ? 31  LEU A CG  1 
ATOM   365 C  CD1 . LEU A 1 46  ? 9.349   -1.129  -2.760  1.00 21.96 ? 31  LEU A CD1 1 
ATOM   366 C  CD2 . LEU A 1 46  ? 11.760  -1.708  -2.532  1.00 25.04 ? 31  LEU A CD2 1 
ATOM   367 N  N   . ASP A 1 47  ? 11.074  -4.967  0.701   1.00 17.54 ? 32  ASP A N   1 
ATOM   368 C  CA  . ASP A 1 47  ? 10.887  -5.768  1.904   1.00 18.09 ? 32  ASP A CA  1 
ATOM   369 C  C   . ASP A 1 47  ? 10.141  -4.981  2.971   1.00 19.91 ? 32  ASP A C   1 
ATOM   370 O  O   . ASP A 1 47  ? 10.660  -4.756  4.063   1.00 24.49 ? 32  ASP A O   1 
ATOM   371 C  CB  . ASP A 1 47  ? 12.245  -6.233  2.432   1.00 23.48 ? 32  ASP A CB  1 
ATOM   372 C  CG  . ASP A 1 47  ? 12.130  -7.355  3.437   1.00 30.76 ? 32  ASP A CG  1 
ATOM   373 O  OD1 . ASP A 1 47  ? 11.033  -7.936  3.578   1.00 28.95 ? 32  ASP A OD1 1 
ATOM   374 O  OD2 . ASP A 1 47  ? 13.154  -7.660  4.081   1.00 31.35 ? 32  ASP A OD2 1 
ATOM   375 N  N   . LEU A 1 48  ? 8.909   -4.595  2.676   1.00 13.59 ? 33  LEU A N   1 
ATOM   376 C  CA  . LEU A 1 48  ? 8.140   -3.791  3.608   1.00 13.56 ? 33  LEU A CA  1 
ATOM   377 C  C   . LEU A 1 48  ? 7.646   -4.662  4.760   1.00 11.81 ? 33  LEU A C   1 
ATOM   378 O  O   . LEU A 1 48  ? 7.434   -5.869  4.591   1.00 14.00 ? 33  LEU A O   1 
ATOM   379 C  CB  . LEU A 1 48  ? 6.945   -3.185  2.891   1.00 12.63 ? 33  LEU A CB  1 
ATOM   380 C  CG  . LEU A 1 48  ? 7.319   -2.180  1.804   1.00 13.38 ? 33  LEU A CG  1 
ATOM   381 C  CD1 . LEU A 1 48  ? 6.060   -1.467  1.413   1.00 15.71 ? 33  LEU A CD1 1 
ATOM   382 C  CD2 . LEU A 1 48  ? 8.382   -1.186  2.276   1.00 16.30 ? 33  LEU A CD2 1 
ATOM   383 N  N   . PRO A 1 49  ? 7.436   -4.073  5.934   1.00 12.31 ? 34  PRO A N   1 
ATOM   384 C  CA  . PRO A 1 49  ? 7.014   -4.875  7.096   1.00 12.21 ? 34  PRO A CA  1 
ATOM   385 C  C   . PRO A 1 49  ? 5.561   -5.335  7.018   1.00 12.10 ? 34  PRO A C   1 
ATOM   386 O  O   . PRO A 1 49  ? 4.692   -4.668  6.447   1.00 11.92 ? 34  PRO A O   1 
ATOM   387 C  CB  . PRO A 1 49  ? 7.212   -3.919  8.276   1.00 13.43 ? 34  PRO A CB  1 
ATOM   388 C  CG  . PRO A 1 49  ? 7.049   -2.552  7.662   1.00 13.55 ? 34  PRO A CG  1 
ATOM   389 C  CD  . PRO A 1 49  ? 7.687   -2.667  6.289   1.00 13.11 ? 34  PRO A CD  1 
ATOM   390 N  N   . TYR A 1 50  ? 5.308   -6.505  7.595   1.00 11.38 ? 35  TYR A N   1 
ATOM   391 C  CA  . TYR A 1 50  ? 3.958   -7.037  7.720   1.00 11.69 ? 35  TYR A CA  1 
ATOM   392 C  C   . TYR A 1 50  ? 3.980   -8.208  8.698   1.00 10.85 ? 35  TYR A C   1 
ATOM   393 O  O   . TYR A 1 50  ? 5.042   -8.743  9.045   1.00 11.30 ? 35  TYR A O   1 
ATOM   394 C  CB  . TYR A 1 50  ? 3.399   -7.493  6.375   1.00 11.66 ? 35  TYR A CB  1 
ATOM   395 C  CG  . TYR A 1 50  ? 4.114   -8.658  5.754   1.00 11.67 ? 35  TYR A CG  1 
ATOM   396 C  CD1 . TYR A 1 50  ? 5.176   -8.455  4.881   1.00 12.81 ? 35  TYR A CD1 1 
ATOM   397 C  CD2 . TYR A 1 50  ? 3.719   -9.963  6.038   1.00 11.83 ? 35  TYR A CD2 1 
ATOM   398 C  CE1 . TYR A 1 50  ? 5.825   -9.527  4.305   1.00 14.61 ? 35  TYR A CE1 1 
ATOM   399 C  CE2 . TYR A 1 50  ? 4.354   -11.030 5.468   1.00 13.33 ? 35  TYR A CE2 1 
ATOM   400 C  CZ  . TYR A 1 50  ? 5.404   -10.805 4.595   1.00 15.11 ? 35  TYR A CZ  1 
ATOM   401 O  OH  . TYR A 1 50  ? 6.047   -11.895 4.033   1.00 16.81 ? 35  TYR A OH  1 
ATOM   402 N  N   . SER A 1 51  ? 2.788   -8.624  9.114   1.00 10.85 ? 36  SER A N   1 
ATOM   403 C  CA  . SER A 1 51  ? 2.666   -9.834  9.915   1.00 11.78 ? 36  SER A CA  1 
ATOM   404 C  C   . SER A 1 51  ? 1.370   -10.559 9.574   1.00 12.16 ? 36  SER A C   1 
ATOM   405 O  O   . SER A 1 51  ? 1.417   -11.660 9.024   1.00 14.64 ? 36  SER A O   1 
ATOM   406 C  CB  . SER A 1 51  ? 2.772   -9.527  11.403  1.00 13.27 ? 36  SER A CB  1 
ATOM   407 O  OG  . SER A 1 51  ? 2.721   -10.727 12.157  1.00 12.48 ? 36  SER A OG  1 
ATOM   408 N  N   . CYS A 1 52  ? 0.211   -9.968  9.856   1.00 11.15 ? 37  CYS A N   1 
ATOM   409 C  CA  . CYS A 1 52  ? -1.042  -10.711 9.715   1.00 11.87 ? 37  CYS A CA  1 
ATOM   410 C  C   . CYS A 1 52  ? -1.553  -10.795 8.278   1.00 12.87 ? 37  CYS A C   1 
ATOM   411 O  O   . CYS A 1 52  ? -2.232  -11.763 7.944   1.00 12.31 ? 37  CYS A O   1 
ATOM   412 C  CB  . CYS A 1 52  ? -2.105  -10.114 10.635  1.00 11.01 ? 37  CYS A CB  1 
ATOM   413 S  SG  . CYS A 1 52  ? -2.856  -8.570  10.009  1.00 10.15 ? 37  CYS A SG  1 
ATOM   414 N  N   . ARG A 1 53  ? -1.247  -9.813  7.416   1.00 11.57 ? 38  ARG A N   1 
ATOM   415 C  CA  . ARG A 1 53  ? -1.788  -9.700  6.050   1.00 11.43 ? 38  ARG A CA  1 
ATOM   416 C  C   . ARG A 1 53  ? -3.301  -9.698  6.006   1.00 12.00 ? 38  ARG A C   1 
ATOM   417 O  O   . ARG A 1 53  ? -3.888  -9.974  4.955   1.00 13.62 ? 38  ARG A O   1 
ATOM   418 C  CB  . ARG A 1 53  ? -1.211  -10.744 5.097   1.00 12.10 ? 38  ARG A CB  1 
ATOM   419 C  CG  . ARG A 1 53  ? 0.286   -10.564 4.895   1.00 14.01 ? 38  ARG A CG  1 
ATOM   420 C  CD  . ARG A 1 53  ? 0.808   -11.546 3.851   1.00 15.11 ? 38  ARG A CD  1 
ATOM   421 N  NE  . ARG A 1 53  ? 0.348   -11.174 2.521   1.00 13.74 ? 38  ARG A NE  1 
ATOM   422 C  CZ  . ARG A 1 53  ? 0.397   -11.978 1.462   1.00 13.69 ? 38  ARG A CZ  1 
ATOM   423 N  NH1 . ARG A 1 53  ? 0.843   -13.223 1.580   1.00 14.33 ? 38  ARG A NH1 1 
ATOM   424 N  NH2 . ARG A 1 53  ? -0.049  -11.534 0.295   1.00 15.47 ? 38  ARG A NH2 1 
ATOM   425 N  N   . GLY A 1 54  ? -3.938  -9.317  7.105   1.00 10.85 ? 39  GLY A N   1 
ATOM   426 C  CA  . GLY A 1 54  ? -5.379  -9.406  7.184   1.00 12.97 ? 39  GLY A CA  1 
ATOM   427 C  C   . GLY A 1 54  ? -6.032  -8.174  7.763   1.00 11.13 ? 39  GLY A C   1 
ATOM   428 O  O   . GLY A 1 54  ? -7.215  -8.215  8.102   1.00 12.43 ? 39  GLY A O   1 
ATOM   429 N  N   . GLY A 1 55  ? -5.295  -7.083  7.925   1.00 9.89  ? 40  GLY A N   1 
ATOM   430 C  CA  . GLY A 1 55  ? -5.902  -5.852  8.379   1.00 9.97  ? 40  GLY A CA  1 
ATOM   431 C  C   . GLY A 1 55  ? -6.144  -5.768  9.869   1.00 10.52 ? 40  GLY A C   1 
ATOM   432 O  O   . GLY A 1 55  ? -6.866  -4.859  10.297  1.00 11.10 ? 40  GLY A O   1 
ATOM   433 N  N   . VAL A 1 56  ? -5.543  -6.649  10.680  1.00 10.14 ? 41  VAL A N   1 
ATOM   434 C  CA  . VAL A 1 56  ? -5.837  -6.723  12.105  1.00 10.33 ? 41  VAL A CA  1 
ATOM   435 C  C   . VAL A 1 56  ? -4.614  -6.417  12.960  1.00 10.83 ? 41  VAL A C   1 
ATOM   436 O  O   . VAL A 1 56  ? -4.622  -6.706  14.164  1.00 13.11 ? 41  VAL A O   1 
ATOM   437 C  CB  . VAL A 1 56  ? -6.505  -8.053  12.500  1.00 10.11 ? 41  VAL A CB  1 
ATOM   438 C  CG1 . VAL A 1 56  ? -7.855  -8.197  11.820  1.00 12.34 ? 41  VAL A CG1 1 
ATOM   439 C  CG2 . VAL A 1 56  ? -5.611  -9.223  12.157  1.00 11.72 ? 41  VAL A CG2 1 
ATOM   440 N  N   . CYS A 1 57  ? -3.579  -5.804  12.400  1.00 10.70 ? 42  CYS A N   1 
ATOM   441 C  CA  . CYS A 1 57  ? -2.415  -5.444  13.193  1.00 10.86 ? 42  CYS A CA  1 
ATOM   442 C  C   . CYS A 1 57  ? -1.853  -4.123  12.679  1.00 10.42 ? 42  CYS A C   1 
ATOM   443 O  O   . CYS A 1 57  ? -2.439  -3.483  11.807  1.00 11.94 ? 42  CYS A O   1 
ATOM   444 C  CB  . CYS A 1 57  ? -1.399  -6.597  13.227  1.00 11.69 ? 42  CYS A CB  1 
ATOM   445 S  SG  . CYS A 1 57  ? -0.222  -6.694  11.825  1.00 10.31 ? 42  CYS A SG  1 
ATOM   446 N  N   . SER A 1 58  ? -0.736  -3.679  13.260  1.00 11.25 ? 43  SER A N   1 
ATOM   447 C  CA  . SER A 1 58  ? -0.116  -2.431  12.829  1.00 11.04 ? 43  SER A CA  1 
ATOM   448 C  C   . SER A 1 58  ? 1.191   -2.625  12.072  1.00 10.95 ? 43  SER A C   1 
ATOM   449 O  O   . SER A 1 58  ? 1.835   -1.640  11.701  1.00 11.89 ? 43  SER A O   1 
ATOM   450 C  CB  . SER A 1 58  ? 0.106   -1.514  14.031  1.00 15.24 ? 43  SER A CB  1 
ATOM   451 O  OG  . SER A 1 58  ? 0.825   -2.201  15.034  1.00 17.40 ? 43  SER A OG  1 
ATOM   452 N  N   A SER A 1 59  ? 1.580   -3.871  11.801  0.63 10.65 ? 44  SER A N   1 
ATOM   453 N  N   B SER A 1 59  ? 1.590   -3.870  11.809  0.37 10.85 ? 44  SER A N   1 
ATOM   454 C  CA  A SER A 1 59  ? 2.920   -4.135  11.301  0.63 11.80 ? 44  SER A CA  1 
ATOM   455 C  CA  B SER A 1 59  ? 2.931   -4.127  11.301  0.37 11.91 ? 44  SER A CA  1 
ATOM   456 C  C   A SER A 1 59  ? 3.179   -3.417  9.981   0.63 11.15 ? 44  SER A C   1 
ATOM   457 C  C   B SER A 1 59  ? 3.182   -3.412  9.977   0.37 11.29 ? 44  SER A C   1 
ATOM   458 O  O   A SER A 1 59  ? 4.281   -2.900  9.747   0.63 12.71 ? 44  SER A O   1 
ATOM   459 O  O   B SER A 1 59  ? 4.273   -2.875  9.748   0.37 12.69 ? 44  SER A O   1 
ATOM   460 C  CB  A SER A 1 59  ? 3.110   -5.636  11.121  0.63 11.39 ? 44  SER A CB  1 
ATOM   461 C  CB  B SER A 1 59  ? 3.143   -5.630  11.149  0.37 11.52 ? 44  SER A CB  1 
ATOM   462 O  OG  A SER A 1 59  ? 4.396   -5.898  10.604  0.63 13.01 ? 44  SER A OG  1 
ATOM   463 O  OG  B SER A 1 59  ? 3.213   -6.242  12.423  0.37 14.01 ? 44  SER A OG  1 
ATOM   464 N  N   . CYS A 1 60  ? 2.198   -3.417  9.086   1.00 11.23 ? 45  CYS A N   1 
ATOM   465 C  CA  . CYS A 1 60  ? 2.341   -2.855  7.754   1.00 11.01 ? 45  CYS A CA  1 
ATOM   466 C  C   . CYS A 1 60  ? 1.918   -1.396  7.675   1.00 10.49 ? 45  CYS A C   1 
ATOM   467 O  O   . CYS A 1 60  ? 1.754   -0.874  6.566   1.00 10.02 ? 45  CYS A O   1 
ATOM   468 C  CB  . CYS A 1 60  ? 1.489   -3.671  6.781   1.00 11.25 ? 45  CYS A CB  1 
ATOM   469 S  SG  . CYS A 1 60  ? -0.263  -3.383  7.118   1.00 9.90  ? 45  CYS A SG  1 
ATOM   470 N  N   . ALA A 1 61  ? 1.759   -0.718  8.804   1.00 10.66 ? 46  ALA A N   1 
ATOM   471 C  CA  . ALA A 1 61  ? 1.216   0.631   8.777   1.00 10.22 ? 46  ALA A CA  1 
ATOM   472 C  C   . ALA A 1 61  ? 2.128   1.580   8.015   1.00 9.82  ? 46  ALA A C   1 
ATOM   473 O  O   . ALA A 1 61  ? 3.364   1.531   8.116   1.00 10.90 ? 46  ALA A O   1 
ATOM   474 C  CB  . ALA A 1 61  ? 1.020   1.145   10.195  1.00 11.14 ? 46  ALA A CB  1 
ATOM   475 N  N   . GLY A 1 62  ? 1.475   2.449   7.256   1.00 9.92  ? 47  GLY A N   1 
ATOM   476 C  CA  . GLY A 1 62  ? 2.123   3.550   6.584   1.00 9.73  ? 47  GLY A CA  1 
ATOM   477 C  C   . GLY A 1 62  ? 1.315   4.803   6.836   1.00 9.27  ? 47  GLY A C   1 
ATOM   478 O  O   . GLY A 1 62  ? 0.276   4.766   7.502   1.00 9.87  ? 47  GLY A O   1 
ATOM   479 N  N   . LYS A 1 63  ? 1.790   5.906   6.275   1.00 10.36 ? 48  LYS A N   1 
ATOM   480 C  CA  . LYS A 1 63  ? 1.042   7.152   6.311   1.00 10.80 ? 48  LYS A CA  1 
ATOM   481 C  C   . LYS A 1 63  ? 0.940   7.687   4.901   1.00 11.50 ? 48  LYS A C   1 
ATOM   482 O  O   . LYS A 1 63  ? 1.938   7.737   4.170   1.00 12.27 ? 48  LYS A O   1 
ATOM   483 C  CB  . LYS A 1 63  ? 1.731   8.198   7.194   1.00 15.20 ? 48  LYS A CB  1 
ATOM   484 C  CG  . LYS A 1 63  ? 0.746   9.271   7.680   1.00 24.32 ? 48  LYS A CG  1 
ATOM   485 C  CD  . LYS A 1 63  ? 1.311   10.078  8.846   1.00 24.80 ? 48  LYS A CD  1 
ATOM   486 N  N   . VAL A 1 64  ? -0.268  8.054   4.504   1.00 11.05 ? 49  VAL A N   1 
ATOM   487 C  CA  . VAL A 1 64  ? -0.491  8.580   3.167   1.00 10.03 ? 49  VAL A CA  1 
ATOM   488 C  C   . VAL A 1 64  ? -0.028  10.027  3.177   1.00 11.13 ? 49  VAL A C   1 
ATOM   489 O  O   . VAL A 1 64  ? -0.648  10.878  3.830   1.00 14.97 ? 49  VAL A O   1 
ATOM   490 C  CB  . VAL A 1 64  ? -1.965  8.455   2.784   1.00 11.82 ? 49  VAL A CB  1 
ATOM   491 C  CG1 . VAL A 1 64  ? -2.187  8.954   1.367   1.00 14.92 ? 49  VAL A CG1 1 
ATOM   492 C  CG2 . VAL A 1 64  ? -2.419  6.994   2.895   1.00 14.16 ? 49  VAL A CG2 1 
ATOM   493 N  N   . ALA A 1 65  ? 1.049   10.317  2.442   1.00 10.66 ? 50  ALA A N   1 
ATOM   494 C  CA  . ALA A 1 65  ? 1.557   11.672  2.295   1.00 12.10 ? 50  ALA A CA  1 
ATOM   495 C  C   . ALA A 1 65  ? 0.884   12.403  1.160   1.00 14.45 ? 50  ALA A C   1 
ATOM   496 O  O   . ALA A 1 65  ? 0.801   13.639  1.188   1.00 16.13 ? 50  ALA A O   1 
ATOM   497 C  CB  . ALA A 1 65  ? 3.069   11.666  2.049   1.00 14.40 ? 50  ALA A CB  1 
ATOM   498 N  N   . ALA A 1 66  ? 0.390   11.666  0.173   1.00 11.64 ? 51  ALA A N   1 
ATOM   499 C  CA  . ALA A 1 66  ? -0.289  12.247  -0.979  1.00 12.64 ? 51  ALA A CA  1 
ATOM   500 C  C   . ALA A 1 66  ? -1.158  11.157  -1.573  1.00 11.05 ? 51  ALA A C   1 
ATOM   501 O  O   . ALA A 1 66  ? -0.770  9.990   -1.577  1.00 11.16 ? 51  ALA A O   1 
ATOM   502 C  CB  . ALA A 1 66  ? 0.701   12.759  -2.034  1.00 12.52 ? 51  ALA A CB  1 
ATOM   503 N  N   . GLY A 1 67  ? -2.311  11.551  -2.094  1.00 11.82 ? 52  GLY A N   1 
ATOM   504 C  CA  . GLY A 1 67  ? -3.173  10.610  -2.771  1.00 12.18 ? 52  GLY A CA  1 
ATOM   505 C  C   . GLY A 1 67  ? -4.161  9.961   -1.831  1.00 10.53 ? 52  GLY A C   1 
ATOM   506 O  O   . GLY A 1 67  ? -4.313  10.348  -0.681  1.00 10.81 ? 52  GLY A O   1 
ATOM   507 N  N   . THR A 1 68  ? -4.875  8.966   -2.364  1.00 11.08 ? 53  THR A N   1 
ATOM   508 C  CA  . THR A 1 68  ? -5.933  8.274   -1.640  1.00 10.44 ? 53  THR A CA  1 
ATOM   509 C  C   . THR A 1 68  ? -5.789  6.774   -1.809  1.00 9.98  ? 53  THR A C   1 
ATOM   510 O  O   . THR A 1 68  ? -5.211  6.289   -2.781  1.00 10.64 ? 53  THR A O   1 
ATOM   511 C  CB  . THR A 1 68  ? -7.339  8.721   -2.096  1.00 12.35 ? 53  THR A CB  1 
ATOM   512 O  OG1 . THR A 1 68  ? -7.441  8.634   -3.514  1.00 11.69 ? 53  THR A OG1 1 
ATOM   513 C  CG2 . THR A 1 68  ? -7.597  10.173  -1.687  1.00 14.25 ? 53  THR A CG2 1 
ATOM   514 N  N   . VAL A 1 69  ? -6.364  6.061   -0.844  1.00 10.01 ? 54  VAL A N   1 
ATOM   515 C  CA  . VAL A 1 69  ? -6.435  4.611   -0.869  1.00 10.17 ? 54  VAL A CA  1 
ATOM   516 C  C   . VAL A 1 69  ? -7.846  4.162   -0.516  1.00 10.38 ? 54  VAL A C   1 
ATOM   517 O  O   . VAL A 1 69  ? -8.647  4.903   0.051   1.00 12.14 ? 54  VAL A O   1 
ATOM   518 C  CB  . VAL A 1 69  ? -5.420  3.984   0.114   1.00 11.44 ? 54  VAL A CB  1 
ATOM   519 C  CG1 . VAL A 1 69  ? -3.999  4.426   -0.239  1.00 12.00 ? 54  VAL A CG1 1 
ATOM   520 C  CG2 . VAL A 1 69  ? -5.765  4.367   1.542   1.00 13.27 ? 54  VAL A CG2 1 
ATOM   521 N  N   . ASP A 1 70  ? -8.124  2.912   -0.842  1.00 11.01 ? 55  ASP A N   1 
ATOM   522 C  CA  . ASP A 1 70  ? -9.295  2.175   -0.387  1.00 11.68 ? 55  ASP A CA  1 
ATOM   523 C  C   . ASP A 1 70  ? -8.764  1.071   0.524   1.00 11.67 ? 55  ASP A C   1 
ATOM   524 O  O   . ASP A 1 70  ? -8.150  0.112   0.058   1.00 11.61 ? 55  ASP A O   1 
ATOM   525 C  CB  . ASP A 1 70  ? -10.019 1.600   -1.606  1.00 12.75 ? 55  ASP A CB  1 
ATOM   526 C  CG  . ASP A 1 70  ? -11.038 0.535   -1.251  1.00 16.08 ? 55  ASP A CG  1 
ATOM   527 O  OD1 . ASP A 1 70  ? -11.375 0.368   -0.073  1.00 14.20 ? 55  ASP A OD1 1 
ATOM   528 O  OD2 . ASP A 1 70  ? -11.524 -0.126  -2.200  1.00 23.56 ? 55  ASP A OD2 1 
ATOM   529 N  N   . GLN A 1 71  ? -9.017  1.190   1.812   1.00 11.70 ? 56  GLN A N   1 
ATOM   530 C  CA  . GLN A 1 71  ? -8.653  0.161   2.771   1.00 12.14 ? 56  GLN A CA  1 
ATOM   531 C  C   . GLN A 1 71  ? -9.898  -0.337  3.504   1.00 12.28 ? 56  GLN A C   1 
ATOM   532 O  O   . GLN A 1 71  ? -9.890  -0.552  4.719   1.00 13.18 ? 56  GLN A O   1 
ATOM   533 C  CB  . GLN A 1 71  ? -7.542  0.648   3.692   1.00 13.36 ? 56  GLN A CB  1 
ATOM   534 C  CG  . GLN A 1 71  ? -7.832  1.915   4.436   1.00 13.06 ? 56  GLN A CG  1 
ATOM   535 C  CD  . GLN A 1 71  ? -6.663  2.350   5.316   1.00 13.02 ? 56  GLN A CD  1 
ATOM   536 O  OE1 . GLN A 1 71  ? -5.947  1.520   5.865   1.00 11.72 ? 56  GLN A OE1 1 
ATOM   537 N  NE2 . GLN A 1 71  ? -6.485  3.661   5.472   1.00 15.21 ? 56  GLN A NE2 1 
ATOM   538 N  N   A SER A 1 72  ? -10.983 -0.531  2.752   0.59 13.44 ? 57  SER A N   1 
ATOM   539 N  N   B SER A 1 72  ? -10.980 -0.541  2.738   0.41 13.47 ? 57  SER A N   1 
ATOM   540 C  CA  A SER A 1 72  ? -12.251 -0.966  3.329   0.59 14.70 ? 57  SER A CA  1 
ATOM   541 C  CA  B SER A 1 72  ? -12.255 -1.003  3.286   0.41 14.83 ? 57  SER A CA  1 
ATOM   542 C  C   A SER A 1 72  ? -12.139 -2.297  4.063   0.59 12.81 ? 57  SER A C   1 
ATOM   543 C  C   B SER A 1 72  ? -12.098 -2.273  4.103   0.41 12.94 ? 57  SER A C   1 
ATOM   544 O  O   A SER A 1 72  ? -12.973 -2.587  4.931   0.59 15.10 ? 57  SER A O   1 
ATOM   545 O  O   B SER A 1 72  ? -12.861 -2.509  5.048   0.41 15.53 ? 57  SER A O   1 
ATOM   546 C  CB  A SER A 1 72  ? -13.314 -1.070  2.225   0.59 15.74 ? 57  SER A CB  1 
ATOM   547 C  CB  B SER A 1 72  ? -13.231 -1.311  2.145   0.41 15.26 ? 57  SER A CB  1 
ATOM   548 O  OG  A SER A 1 72  ? -13.118 -2.221  1.423   0.59 16.40 ? 57  SER A OG  1 
ATOM   549 O  OG  B SER A 1 72  ? -13.416 -0.204  1.289   0.41 21.52 ? 57  SER A OG  1 
ATOM   550 N  N   . ASP A 1 73  ? -11.130 -3.109  3.747   1.00 14.24 ? 58  ASP A N   1 
ATOM   551 C  CA  . ASP A 1 73  ? -10.954 -4.393  4.402   1.00 18.32 ? 58  ASP A CA  1 
ATOM   552 C  C   . ASP A 1 73  ? -10.217 -4.281  5.733   1.00 17.04 ? 58  ASP A C   1 
ATOM   553 O  O   . ASP A 1 73  ? -10.081 -5.289  6.434   1.00 21.20 ? 58  ASP A O   1 
ATOM   554 C  CB  . ASP A 1 73  ? -10.175 -5.360  3.485   1.00 21.39 ? 58  ASP A CB  1 
ATOM   555 C  CG  . ASP A 1 73  ? -10.866 -5.604  2.140   1.00 31.00 ? 58  ASP A CG  1 
ATOM   556 O  OD1 . ASP A 1 73  ? -12.093 -5.840  2.143   1.00 26.89 ? 58  ASP A OD1 1 
ATOM   557 O  OD2 . ASP A 1 73  ? -10.186 -5.581  1.079   1.00 22.25 ? 58  ASP A OD2 1 
ATOM   558 N  N   . GLN A 1 74  ? -9.729  -3.103  6.095   1.00 12.62 ? 59  GLN A N   1 
ATOM   559 C  CA  . GLN A 1 74  ? -8.931  -2.962  7.303   1.00 13.12 ? 59  GLN A CA  1 
ATOM   560 C  C   . GLN A 1 74  ? -9.815  -2.984  8.539   1.00 13.17 ? 59  GLN A C   1 
ATOM   561 O  O   . GLN A 1 74  ? -10.996 -2.629  8.489   1.00 13.89 ? 59  GLN A O   1 
ATOM   562 C  CB  . GLN A 1 74  ? -8.117  -1.664  7.251   1.00 11.99 ? 59  GLN A CB  1 
ATOM   563 C  CG  . GLN A 1 74  ? -8.842  -0.441  7.743   1.00 12.57 ? 59  GLN A CG  1 
ATOM   564 C  CD  . GLN A 1 74  ? -8.694  -0.250  9.236   1.00 12.11 ? 59  GLN A CD  1 
ATOM   565 O  OE1 . GLN A 1 74  ? -7.653  -0.528  9.799   1.00 12.90 ? 59  GLN A OE1 1 
ATOM   566 N  NE2 . GLN A 1 74  ? -9.745  0.203   9.879   1.00 15.80 ? 59  GLN A NE2 1 
ATOM   567 N  N   . SER A 1 75  ? -9.234  -3.409  9.652   1.00 11.98 ? 60  SER A N   1 
ATOM   568 C  CA  . SER A 1 75  ? -9.932  -3.458  10.936  1.00 15.71 ? 60  SER A CA  1 
ATOM   569 C  C   . SER A 1 75  ? -9.220  -2.690  12.033  1.00 16.23 ? 60  SER A C   1 
ATOM   570 O  O   . SER A 1 75  ? -9.868  -2.086  12.892  1.00 17.21 ? 60  SER A O   1 
ATOM   571 C  CB  . SER A 1 75  ? -10.085 -4.912  11.440  1.00 19.04 ? 60  SER A CB  1 
ATOM   572 O  OG  . SER A 1 75  ? -10.766 -5.732  10.522  1.00 23.12 ? 60  SER A OG  1 
ATOM   573 N  N   . PHE A 1 76  ? -7.911  -2.671  12.014  1.00 13.56 ? 61  PHE A N   1 
ATOM   574 C  CA  . PHE A 1 76  ? -7.167  -2.294  13.197  1.00 13.14 ? 61  PHE A CA  1 
ATOM   575 C  C   . PHE A 1 76  ? -7.220  -0.795  13.463  1.00 11.68 ? 61  PHE A C   1 
ATOM   576 O  O   . PHE A 1 76  ? -7.288  -0.380  14.631  1.00 13.50 ? 61  PHE A O   1 
ATOM   577 C  CB  . PHE A 1 76  ? -5.727  -2.768  13.013  1.00 13.14 ? 61  PHE A CB  1 
ATOM   578 C  CG  . PHE A 1 76  ? -4.808  -2.352  14.109  1.00 15.08 ? 61  PHE A CG  1 
ATOM   579 C  CD1 . PHE A 1 76  ? -4.559  -3.203  15.168  1.00 20.62 ? 61  PHE A CD1 1 
ATOM   580 C  CD2 . PHE A 1 76  ? -4.195  -1.110  14.084  1.00 18.17 ? 61  PHE A CD2 1 
ATOM   581 C  CE1 . PHE A 1 76  ? -3.710  -2.822  16.185  1.00 23.23 ? 61  PHE A CE1 1 
ATOM   582 C  CE2 . PHE A 1 76  ? -3.355  -0.723  15.107  1.00 23.40 ? 61  PHE A CE2 1 
ATOM   583 C  CZ  . PHE A 1 76  ? -3.110  -1.584  16.153  1.00 21.72 ? 61  PHE A CZ  1 
ATOM   584 N  N   . LEU A 1 77  ? -7.146  0.033   12.421  1.00 11.21 ? 62  LEU A N   1 
ATOM   585 C  CA  . LEU A 1 77  ? -7.087  1.473   12.631  1.00 11.73 ? 62  LEU A CA  1 
ATOM   586 C  C   . LEU A 1 77  ? -8.439  2.006   13.068  1.00 10.28 ? 62  LEU A C   1 
ATOM   587 O  O   . LEU A 1 77  ? -9.478  1.579   12.567  1.00 11.37 ? 62  LEU A O   1 
ATOM   588 C  CB  . LEU A 1 77  ? -6.705  2.165   11.332  1.00 11.08 ? 62  LEU A CB  1 
ATOM   589 C  CG  . LEU A 1 77  ? -5.314  1.834   10.798  1.00 11.37 ? 62  LEU A CG  1 
ATOM   590 C  CD1 . LEU A 1 77  ? -5.112  2.514   9.450   1.00 12.67 ? 62  LEU A CD1 1 
ATOM   591 C  CD2 . LEU A 1 77  ? -4.193  2.246   11.743  1.00 13.11 ? 62  LEU A CD2 1 
ATOM   592 N  N   . ASP A 1 78  ? -8.420  2.967   13.993  1.00 10.15 ? 63  ASP A N   1 
ATOM   593 C  CA  . ASP A 1 78  ? -9.664  3.632   14.333  1.00 10.97 ? 63  ASP A CA  1 
ATOM   594 C  C   . ASP A 1 78  ? -9.965  4.721   13.300  1.00 10.79 ? 63  ASP A C   1 
ATOM   595 O  O   . ASP A 1 78  ? -9.158  5.023   12.399  1.00 11.21 ? 63  ASP A O   1 
ATOM   596 C  CB  . ASP A 1 78  ? -9.686  4.072   15.806  1.00 13.40 ? 63  ASP A CB  1 
ATOM   597 C  CG  . ASP A 1 78  ? -8.761  5.234   16.116  1.00 14.72 ? 63  ASP A CG  1 
ATOM   598 O  OD1 . ASP A 1 78  ? -8.556  6.124   15.285  1.00 16.66 ? 63  ASP A OD1 1 
ATOM   599 O  OD2 . ASP A 1 78  ? -8.276  5.269   17.267  1.00 20.49 ? 63  ASP A OD2 1 
ATOM   600 N  N   . ASP A 1 79  ? -11.162 5.311   13.421  1.00 11.08 ? 64  ASP A N   1 
ATOM   601 C  CA  . ASP A 1 79  ? -11.607 6.266   12.407  1.00 12.34 ? 64  ASP A CA  1 
ATOM   602 C  C   . ASP A 1 79  ? -10.687 7.473   12.356  1.00 13.07 ? 64  ASP A C   1 
ATOM   603 O  O   . ASP A 1 79  ? -10.438 8.025   11.280  1.00 13.19 ? 64  ASP A O   1 
ATOM   604 C  CB  . ASP A 1 79  ? -13.025 6.771   12.705  1.00 12.13 ? 64  ASP A CB  1 
ATOM   605 C  CG  . ASP A 1 79  ? -14.107 5.698   12.603  1.00 12.68 ? 64  ASP A CG  1 
ATOM   606 O  OD1 . ASP A 1 79  ? -13.879 4.566   12.102  1.00 14.00 ? 64  ASP A OD1 1 
ATOM   607 O  OD2 . ASP A 1 79  ? -15.226 6.029   13.060  1.00 14.01 ? 64  ASP A OD2 1 
ATOM   608 N  N   . ALA A 1 80  ? -10.228 7.945   13.508  1.00 12.95 ? 65  ALA A N   1 
ATOM   609 C  CA  . ALA A 1 80  ? -9.347  9.109   13.522  1.00 13.66 ? 65  ALA A CA  1 
ATOM   610 C  C   . ALA A 1 80  ? -8.008  8.803   12.870  1.00 13.36 ? 65  ALA A C   1 
ATOM   611 O  O   . ALA A 1 80  ? -7.491  9.622   12.099  1.00 14.00 ? 65  ALA A O   1 
ATOM   612 C  CB  . ALA A 1 80  ? -9.127  9.601   14.948  1.00 14.77 ? 65  ALA A CB  1 
ATOM   613 N  N   . GLN A 1 81  ? -7.425  7.649   13.175  1.00 12.75 ? 66  GLN A N   1 
ATOM   614 C  CA  . GLN A 1 81  ? -6.156  7.270   12.557  1.00 12.09 ? 66  GLN A CA  1 
ATOM   615 C  C   . GLN A 1 81  ? -6.281  7.244   11.046  1.00 12.28 ? 66  GLN A C   1 
ATOM   616 O  O   . GLN A 1 81  ? -5.413  7.763   10.327  1.00 11.79 ? 66  GLN A O   1 
ATOM   617 C  CB  . GLN A 1 81  ? -5.690  5.915   13.089  1.00 12.53 ? 66  GLN A CB  1 
ATOM   618 C  CG  . GLN A 1 81  ? -5.251  5.991   14.544  1.00 14.48 ? 66  GLN A CG  1 
ATOM   619 C  CD  . GLN A 1 81  ? -5.133  4.639   15.215  1.00 14.05 ? 66  GLN A CD  1 
ATOM   620 O  OE1 . GLN A 1 81  ? -5.795  3.666   14.857  1.00 14.12 ? 66  GLN A OE1 1 
ATOM   621 N  NE2 . GLN A 1 81  ? -4.274  4.573   16.225  1.00 16.51 ? 66  GLN A NE2 1 
ATOM   622 N  N   . MET A 1 82  ? -7.376  6.691   10.536  1.00 12.10 ? 67  MET A N   1 
ATOM   623 C  CA  . MET A 1 82  ? -7.558  6.729   9.096   1.00 12.49 ? 67  MET A CA  1 
ATOM   624 C  C   . MET A 1 82  ? -7.786  8.144   8.589   1.00 12.20 ? 67  MET A C   1 
ATOM   625 O  O   . MET A 1 82  ? -7.239  8.516   7.540   1.00 13.60 ? 67  MET A O   1 
ATOM   626 C  CB  . MET A 1 82  ? -8.670  5.798   8.686   1.00 14.22 ? 67  MET A CB  1 
ATOM   627 C  CG  . MET A 1 82  ? -8.255  4.368   8.896   1.00 15.96 ? 67  MET A CG  1 
ATOM   628 S  SD  . MET A 1 82  ? -9.417  3.249   8.123   1.00 21.24 ? 67  MET A SD  1 
ATOM   629 C  CE  . MET A 1 82  ? -9.901  4.245   6.680   1.00 22.52 ? 67  MET A CE  1 
ATOM   630 N  N   . GLY A 1 83  ? -8.557  8.955   9.319   1.00 12.96 ? 68  GLY A N   1 
ATOM   631 C  CA  . GLY A 1 83  ? -8.717  10.348  8.943   1.00 14.96 ? 68  GLY A CA  1 
ATOM   632 C  C   . GLY A 1 83  ? -7.410  11.108  8.915   1.00 15.88 ? 68  GLY A C   1 
ATOM   633 O  O   . GLY A 1 83  ? -7.247  12.037  8.115   1.00 18.48 ? 68  GLY A O   1 
ATOM   634 N  N   . ASN A 1 84  ? -6.462  10.713  9.748   1.00 13.59 ? 69  ASN A N   1 
ATOM   635 C  CA  . ASN A 1 84  ? -5.160  11.362  9.823   1.00 15.43 ? 69  ASN A CA  1 
ATOM   636 C  C   . ASN A 1 84  ? -4.122  10.752  8.895   1.00 15.55 ? 69  ASN A C   1 
ATOM   637 O  O   . ASN A 1 84  ? -2.936  11.101  8.992   1.00 20.17 ? 69  ASN A O   1 
ATOM   638 C  CB  . ASN A 1 84  ? -4.632  11.308  11.249  1.00 18.94 ? 69  ASN A CB  1 
ATOM   639 C  CG  . ASN A 1 84  ? -5.407  12.198  12.176  1.00 22.85 ? 69  ASN A CG  1 
ATOM   640 O  OD1 . ASN A 1 84  ? -5.860  13.263  11.772  1.00 24.45 ? 69  ASN A OD1 1 
ATOM   641 N  ND2 . ASN A 1 84  ? -5.553  11.776  13.430  1.00 24.92 ? 69  ASN A ND2 1 
ATOM   642 N  N   . GLY A 1 85  ? -4.526  9.866   8.006   1.00 13.52 ? 70  GLY A N   1 
ATOM   643 C  CA  . GLY A 1 85  ? -3.657  9.414   6.944   1.00 14.89 ? 70  GLY A CA  1 
ATOM   644 C  C   . GLY A 1 85  ? -3.029  8.061   7.156   1.00 12.03 ? 70  GLY A C   1 
ATOM   645 O  O   . GLY A 1 85  ? -2.282  7.611   6.284   1.00 11.58 ? 70  GLY A O   1 
ATOM   646 N  N   . PHE A 1 86  ? -3.290  7.385   8.271   1.00 10.54 ? 71  PHE A N   1 
ATOM   647 C  CA  . PHE A 1 86  ? -2.685  6.075   8.429   1.00 10.33 ? 71  PHE A CA  1 
ATOM   648 C  C   . PHE A 1 86  ? -3.336  5.067   7.505   1.00 10.66 ? 71  PHE A C   1 
ATOM   649 O  O   . PHE A 1 86  ? -4.527  5.169   7.162   1.00 11.49 ? 71  PHE A O   1 
ATOM   650 C  CB  . PHE A 1 86  ? -2.779  5.612   9.870   1.00 10.93 ? 71  PHE A CB  1 
ATOM   651 C  CG  . PHE A 1 86  ? -1.807  6.297   10.748  1.00 13.62 ? 71  PHE A CG  1 
ATOM   652 C  CD1 . PHE A 1 86  ? -0.474  5.923   10.735  1.00 16.34 ? 71  PHE A CD1 1 
ATOM   653 C  CD2 . PHE A 1 86  ? -2.204  7.330   11.572  1.00 14.99 ? 71  PHE A CD2 1 
ATOM   654 C  CE1 . PHE A 1 86  ? 0.448   6.558   11.547  1.00 18.82 ? 71  PHE A CE1 1 
ATOM   655 C  CE2 . PHE A 1 86  ? -1.302  7.975   12.382  1.00 15.53 ? 71  PHE A CE2 1 
ATOM   656 C  CZ  . PHE A 1 86  ? 0.033   7.593   12.369  1.00 20.47 ? 71  PHE A CZ  1 
ATOM   657 N  N   . VAL A 1 87  ? -2.534  4.089   7.086   1.00 9.79  ? 72  VAL A N   1 
ATOM   658 C  CA  . VAL A 1 87  ? -2.985  3.088   6.136   1.00 10.47 ? 72  VAL A CA  1 
ATOM   659 C  C   . VAL A 1 87  ? -2.345  1.758   6.486   1.00 10.34 ? 72  VAL A C   1 
ATOM   660 O  O   . VAL A 1 87  ? -1.159  1.693   6.826   1.00 10.45 ? 72  VAL A O   1 
ATOM   661 C  CB  . VAL A 1 87  ? -2.660  3.521   4.687   1.00 9.64  ? 72  VAL A CB  1 
ATOM   662 C  CG1 . VAL A 1 87  ? -1.182  3.903   4.523   1.00 11.48 ? 72  VAL A CG1 1 
ATOM   663 C  CG2 . VAL A 1 87  ? -3.030  2.456   3.703   1.00 11.15 ? 72  VAL A CG2 1 
ATOM   664 N  N   . LEU A 1 88  ? -3.138  0.702   6.428   1.00 9.50  ? 73  LEU A N   1 
ATOM   665 C  CA  . LEU A 1 88  ? -2.611  -0.658  6.539   1.00 9.54  ? 73  LEU A CA  1 
ATOM   666 C  C   . LEU A 1 88  ? -2.303  -1.123  5.122   1.00 8.47  ? 73  LEU A C   1 
ATOM   667 O  O   . LEU A 1 88  ? -3.199  -1.468  4.351   1.00 9.69  ? 73  LEU A O   1 
ATOM   668 C  CB  . LEU A 1 88  ? -3.598  -1.561  7.266   1.00 10.09 ? 73  LEU A CB  1 
ATOM   669 C  CG  . LEU A 1 88  ? -3.967  -1.096  8.663   1.00 10.60 ? 73  LEU A CG  1 
ATOM   670 C  CD1 . LEU A 1 88  ? -4.808  -2.179  9.343   1.00 11.13 ? 73  LEU A CD1 1 
ATOM   671 C  CD2 . LEU A 1 88  ? -2.724  -0.767  9.496   1.00 12.21 ? 73  LEU A CD2 1 
ATOM   672 N  N   . THR A 1 89  ? -1.022  -1.069  4.759   1.00 8.57  ? 74  THR A N   1 
ATOM   673 C  CA  . THR A 1 89  ? -0.630  -1.335  3.377   1.00 9.42  ? 74  THR A CA  1 
ATOM   674 C  C   . THR A 1 89  ? -0.987  -2.738  2.901   1.00 9.96  ? 74  THR A C   1 
ATOM   675 O  O   . THR A 1 89  ? -1.107  -2.941  1.687   1.00 9.85  ? 74  THR A O   1 
ATOM   676 C  CB  . THR A 1 89  ? 0.861   -1.073  3.134   1.00 9.42  ? 74  THR A CB  1 
ATOM   677 O  OG1 . THR A 1 89  ? 1.656   -1.875  4.008   1.00 9.80  ? 74  THR A OG1 1 
ATOM   678 C  CG2 . THR A 1 89  ? 1.193   0.404   3.340   1.00 11.47 ? 74  THR A CG2 1 
ATOM   679 N  N   . CYS A 1 90  ? -1.180  -3.697  3.806   1.00 9.65  ? 75  CYS A N   1 
ATOM   680 C  CA  . CYS A 1 90  ? -1.505  -5.045  3.354   1.00 10.38 ? 75  CYS A CA  1 
ATOM   681 C  C   . CYS A 1 90  ? -2.935  -5.187  2.855   1.00 10.36 ? 75  CYS A C   1 
ATOM   682 O  O   . CYS A 1 90  ? -3.249  -6.198  2.220   1.00 11.74 ? 75  CYS A O   1 
ATOM   683 C  CB  . CYS A 1 90  ? -1.275  -6.057  4.482   1.00 10.00 ? 75  CYS A CB  1 
ATOM   684 S  SG  . CYS A 1 90  ? -2.541  -5.996  5.785   1.00 9.72  ? 75  CYS A SG  1 
ATOM   685 N  N   . VAL A 1 91  ? -3.801  -4.214  3.123   1.00 10.23 ? 76  VAL A N   1 
ATOM   686 C  CA  . VAL A 1 91  ? -5.192  -4.299  2.684   1.00 10.60 ? 76  VAL A CA  1 
ATOM   687 C  C   . VAL A 1 91  ? -5.649  -2.993  2.047   1.00 9.75  ? 76  VAL A C   1 
ATOM   688 O  O   . VAL A 1 91  ? -6.844  -2.684  2.050   1.00 12.20 ? 76  VAL A O   1 
ATOM   689 C  CB  . VAL A 1 91  ? -6.157  -4.703  3.811   1.00 11.77 ? 76  VAL A CB  1 
ATOM   690 C  CG1 . VAL A 1 91  ? -6.015  -6.180  4.152   1.00 12.82 ? 76  VAL A CG1 1 
ATOM   691 C  CG2 . VAL A 1 91  ? -5.969  -3.808  5.025   1.00 11.42 ? 76  VAL A CG2 1 
ATOM   692 N  N   . ALA A 1 92  ? -4.724  -2.223  1.484   1.00 10.66 ? 77  ALA A N   1 
ATOM   693 C  CA  . ALA A 1 92  ? -5.049  -0.916  0.922   1.00 10.59 ? 77  ALA A CA  1 
ATOM   694 C  C   . ALA A 1 92  ? -4.779  -0.934  -0.564  1.00 10.69 ? 77  ALA A C   1 
ATOM   695 O  O   . ALA A 1 92  ? -3.644  -1.160  -0.988  1.00 11.08 ? 77  ALA A O   1 
ATOM   696 C  CB  . ALA A 1 92  ? -4.189  0.167   1.549   1.00 11.89 ? 77  ALA A CB  1 
ATOM   697 N  N   . TYR A 1 93  ? -5.808  -0.643  -1.340  1.00 10.27 ? 78  TYR A N   1 
ATOM   698 C  CA  . TYR A 1 93  ? -5.661  -0.416  -2.770  1.00 9.94  ? 78  TYR A CA  1 
ATOM   699 C  C   . TYR A 1 93  ? -5.403  1.060   -3.008  1.00 10.71 ? 78  TYR A C   1 
ATOM   700 O  O   . TYR A 1 93  ? -6.069  1.905   -2.408  1.00 11.03 ? 78  TYR A O   1 
ATOM   701 C  CB  . TYR A 1 93  ? -6.965  -0.765  -3.492  1.00 12.88 ? 78  TYR A CB  1 
ATOM   702 C  CG  . TYR A 1 93  ? -7.420  -2.185  -3.365  1.00 13.31 ? 78  TYR A CG  1 
ATOM   703 C  CD1 . TYR A 1 93  ? -6.779  -3.194  -4.058  1.00 15.61 ? 78  TYR A CD1 1 
ATOM   704 C  CD2 . TYR A 1 93  ? -8.490  -2.520  -2.554  1.00 15.66 ? 78  TYR A CD2 1 
ATOM   705 C  CE1 . TYR A 1 93  ? -7.177  -4.514  -3.943  1.00 19.46 ? 78  TYR A CE1 1 
ATOM   706 C  CE2 . TYR A 1 93  ? -8.925  -3.855  -2.445  1.00 16.45 ? 78  TYR A CE2 1 
ATOM   707 C  CZ  . TYR A 1 93  ? -8.242  -4.841  -3.139  1.00 16.97 ? 78  TYR A CZ  1 
ATOM   708 O  OH  . TYR A 1 93  ? -8.619  -6.173  -3.042  1.00 20.85 ? 78  TYR A OH  1 
ATOM   709 N  N   . PRO A 1 94  ? -4.514  1.443   -3.922  1.00 10.80 ? 79  PRO A N   1 
ATOM   710 C  CA  . PRO A 1 94  ? -4.429  2.858   -4.295  1.00 10.26 ? 79  PRO A CA  1 
ATOM   711 C  C   . PRO A 1 94  ? -5.684  3.242   -5.069  1.00 11.05 ? 79  PRO A C   1 
ATOM   712 O  O   . PRO A 1 94  ? -6.221  2.444   -5.837  1.00 11.56 ? 79  PRO A O   1 
ATOM   713 C  CB  . PRO A 1 94  ? -3.188  2.910   -5.192  1.00 12.44 ? 79  PRO A CB  1 
ATOM   714 C  CG  . PRO A 1 94  ? -3.143  1.543   -5.811  1.00 13.92 ? 79  PRO A CG  1 
ATOM   715 C  CD  . PRO A 1 94  ? -3.664  0.589   -4.766  1.00 11.37 ? 79  PRO A CD  1 
ATOM   716 N  N   . THR A 1 95  ? -6.158  4.464   -4.853  1.00 10.36 ? 80  THR A N   1 
ATOM   717 C  CA  . THR A 1 95  ? -7.210  5.029   -5.686  1.00 10.12 ? 80  THR A CA  1 
ATOM   718 C  C   . THR A 1 95  ? -6.772  6.328   -6.335  1.00 10.32 ? 80  THR A C   1 
ATOM   719 O  O   . THR A 1 95  ? -7.605  7.078   -6.857  1.00 11.74 ? 80  THR A O   1 
ATOM   720 C  CB  . THR A 1 95  ? -8.519  5.174   -4.925  1.00 11.23 ? 80  THR A CB  1 
ATOM   721 O  OG1 . THR A 1 95  ? -8.297  5.955   -3.752  1.00 10.62 ? 80  THR A OG1 1 
ATOM   722 C  CG2 . THR A 1 95  ? -9.090  3.822   -4.556  1.00 11.67 ? 80  THR A CG2 1 
ATOM   723 N  N   . SER A 1 96  ? -5.466  6.571   -6.355  1.00 10.54 ? 81  SER A N   1 
ATOM   724 C  CA  . SER A 1 96  ? -4.841  7.664   -7.084  1.00 10.40 ? 81  SER A CA  1 
ATOM   725 C  C   . SER A 1 96  ? -3.352  7.384   -7.063  1.00 10.54 ? 81  SER A C   1 
ATOM   726 O  O   . SER A 1 96  ? -2.894  6.507   -6.326  1.00 10.81 ? 81  SER A O   1 
ATOM   727 C  CB  . SER A 1 96  ? -5.122  9.002   -6.429  1.00 11.01 ? 81  SER A CB  1 
ATOM   728 O  OG  . SER A 1 96  ? -4.378  9.151   -5.230  1.00 12.33 ? 81  SER A OG  1 
ATOM   729 N  N   . ASP A 1 97  ? -2.585  8.133   -7.861  1.00 11.02 ? 82  ASP A N   1 
ATOM   730 C  CA  . ASP A 1 97  ? -1.147  8.152   -7.631  1.00 10.39 ? 82  ASP A CA  1 
ATOM   731 C  C   . ASP A 1 97  ? -0.957  8.603   -6.197  1.00 11.32 ? 82  ASP A C   1 
ATOM   732 O  O   . ASP A 1 97  ? -1.655  9.497   -5.716  1.00 12.03 ? 82  ASP A O   1 
ATOM   733 C  CB  . ASP A 1 97  ? -0.466  9.128   -8.593  1.00 12.53 ? 82  ASP A CB  1 
ATOM   734 C  CG  . ASP A 1 97  ? -0.503  8.655   -10.028 1.00 11.92 ? 82  ASP A CG  1 
ATOM   735 O  OD1 . ASP A 1 97  ? -0.265  9.498   -10.922 1.00 16.74 ? 82  ASP A OD1 1 
ATOM   736 O  OD2 . ASP A 1 97  ? -0.763  7.474   -10.294 1.00 11.84 ? 82  ASP A OD2 1 
ATOM   737 N  N   A CYS A 1 98  ? -0.016  7.995   -5.490  0.63 11.07 ? 83  CYS A N   1 
ATOM   738 N  N   B CYS A 1 98  ? -0.048  7.926   -5.486  0.37 11.05 ? 83  CYS A N   1 
ATOM   739 C  CA  A CYS A 1 98  ? 0.045   8.316   -4.084  0.63 9.62  ? 83  CYS A CA  1 
ATOM   740 C  CA  B CYS A 1 98  ? 0.076   8.040   -4.041  0.37 10.88 ? 83  CYS A CA  1 
ATOM   741 C  C   A CYS A 1 98  ? 1.462   8.118   -3.586  0.63 9.95  ? 83  CYS A C   1 
ATOM   742 C  C   B CYS A 1 98  ? 1.532   8.204   -3.648  0.37 9.79  ? 83  CYS A C   1 
ATOM   743 O  O   A CYS A 1 98  ? 2.287   7.441   -4.207  0.63 10.28 ? 83  CYS A O   1 
ATOM   744 O  O   B CYS A 1 98  ? 2.450   7.826   -4.378  0.37 10.05 ? 83  CYS A O   1 
ATOM   745 C  CB  A CYS A 1 98  ? -0.954  7.463   -3.294  0.63 9.07  ? 83  CYS A CB  1 
ATOM   746 C  CB  B CYS A 1 98  ? -0.394  6.762   -3.337  0.37 13.11 ? 83  CYS A CB  1 
ATOM   747 S  SG  A CYS A 1 98  ? -0.767  5.706   -3.525  0.63 10.45 ? 83  CYS A SG  1 
ATOM   748 S  SG  B CYS A 1 98  ? -2.146  6.616   -3.064  0.37 12.45 ? 83  CYS A SG  1 
ATOM   749 N  N   . THR A 1 99  ? 1.723   8.748   -2.451  1.00 10.34 ? 84  THR A N   1 
ATOM   750 C  CA  . THR A 1 99  ? 2.994   8.634   -1.746  1.00 10.96 ? 84  THR A CA  1 
ATOM   751 C  C   . THR A 1 99  ? 2.664   8.113   -0.362  1.00 10.98 ? 84  THR A C   1 
ATOM   752 O  O   . THR A 1 99  ? 1.828   8.708   0.336   1.00 10.90 ? 84  THR A O   1 
ATOM   753 C  CB  . THR A 1 99  ? 3.670   9.987   -1.636  1.00 11.01 ? 84  THR A CB  1 
ATOM   754 O  OG1 . THR A 1 99  ? 3.874   10.488  -2.958  1.00 14.07 ? 84  THR A OG1 1 
ATOM   755 C  CG2 . THR A 1 99  ? 5.017   9.881   -0.890  1.00 13.69 ? 84  THR A CG2 1 
ATOM   756 N  N   . ILE A 1 100 ? 3.288   7.000   0.012   1.00 10.31 ? 85  ILE A N   1 
ATOM   757 C  CA  . ILE A 1 100 ? 3.024   6.318   1.265   1.00 10.68 ? 85  ILE A CA  1 
ATOM   758 C  C   . ILE A 1 100 ? 4.342   6.255   2.005   1.00 10.10 ? 85  ILE A C   1 
ATOM   759 O  O   . ILE A 1 100 ? 5.297   5.640   1.515   1.00 10.08 ? 85  ILE A O   1 
ATOM   760 C  CB  . ILE A 1 100 ? 2.502   4.897   1.019   1.00 11.36 ? 85  ILE A CB  1 
ATOM   761 C  CG1 . ILE A 1 100 ? 1.346   4.859   0.020   1.00 19.55 ? 85  ILE A CG1 1 
ATOM   762 C  CG2 . ILE A 1 100 ? 2.207   4.208   2.358   1.00 13.26 ? 85  ILE A CG2 1 
ATOM   763 C  CD1 . ILE A 1 100 ? 0.155   5.519   0.502   1.00 17.81 ? 85  ILE A CD1 1 
ATOM   764 N  N   . GLN A 1 101 ? 4.401   6.865   3.173   1.00 9.80  ? 86  GLN A N   1 
ATOM   765 C  CA  . GLN A 1 101 ? 5.565   6.677   4.021   1.00 10.25 ? 86  GLN A CA  1 
ATOM   766 C  C   . GLN A 1 101 ? 5.416   5.358   4.764   1.00 9.60  ? 86  GLN A C   1 
ATOM   767 O  O   . GLN A 1 101 ? 4.394   5.113   5.419   1.00 10.68 ? 86  GLN A O   1 
ATOM   768 C  CB  . GLN A 1 101 ? 5.697   7.815   5.019   1.00 12.62 ? 86  GLN A CB  1 
ATOM   769 C  CG  . GLN A 1 101 ? 7.004   7.757   5.767   1.00 15.15 ? 86  GLN A CG  1 
ATOM   770 C  CD  . GLN A 1 101 ? 7.200   8.944   6.681   1.00 25.57 ? 86  GLN A CD  1 
ATOM   771 O  OE1 . GLN A 1 101 ? 6.309   9.790   6.806   1.00 27.65 ? 86  GLN A OE1 1 
ATOM   772 N  NE2 . GLN A 1 101 ? 8.367   9.022   7.321   1.00 20.12 ? 86  GLN A NE2 1 
ATOM   773 N  N   . THR A 1 102 ? 6.425   4.514   4.652   1.00 10.69 ? 87  THR A N   1 
ATOM   774 C  CA  . THR A 1 102 ? 6.330   3.186   5.227   1.00 10.55 ? 87  THR A CA  1 
ATOM   775 C  C   . THR A 1 102 ? 6.899   3.155   6.642   1.00 11.44 ? 87  THR A C   1 
ATOM   776 O  O   . THR A 1 102 ? 7.434   4.145   7.141   1.00 11.73 ? 87  THR A O   1 
ATOM   777 C  CB  . THR A 1 102 ? 7.047   2.183   4.328   1.00 10.97 ? 87  THR A CB  1 
ATOM   778 O  OG1 . THR A 1 102 ? 8.458   2.460   4.319   1.00 11.53 ? 87  THR A OG1 1 
ATOM   779 C  CG2 . THR A 1 102 ? 6.500   2.229   2.900   1.00 12.32 ? 87  THR A CG2 1 
ATOM   780 N  N   . HIS A 1 103 ? 6.774   1.996   7.298   1.00 11.92 ? 88  HIS A N   1 
ATOM   781 C  CA  . HIS A 1 103 ? 7.411   1.768   8.601   1.00 13.01 ? 88  HIS A CA  1 
ATOM   782 C  C   . HIS A 1 103 ? 6.881   2.733   9.653   1.00 14.81 ? 88  HIS A C   1 
ATOM   783 O  O   . HIS A 1 103 ? 7.637   3.245   10.482  1.00 14.31 ? 88  HIS A O   1 
ATOM   784 C  CB  . HIS A 1 103 ? 8.943   1.853   8.527   1.00 14.95 ? 88  HIS A CB  1 
ATOM   785 C  CG  . HIS A 1 103 ? 9.575   0.812   7.664   1.00 15.80 ? 88  HIS A CG  1 
ATOM   786 N  ND1 . HIS A 1 103 ? 9.546   0.861   6.288   1.00 14.65 ? 88  HIS A ND1 1 
ATOM   787 C  CD2 . HIS A 1 103 ? 10.304  -0.284  7.991   1.00 16.13 ? 88  HIS A CD2 1 
ATOM   788 C  CE1 . HIS A 1 103 ? 10.212  -0.172  5.802   1.00 16.46 ? 88  HIS A CE1 1 
ATOM   789 N  NE2 . HIS A 1 103 ? 10.677  -0.884  6.817   1.00 17.10 ? 88  HIS A NE2 1 
ATOM   790 N  N   . GLN A 1 104 ? 5.572   2.979   9.641   1.00 12.22 ? 89  GLN A N   1 
ATOM   791 C  CA  . GLN A 1 104 ? 4.968   3.975   10.517  1.00 13.15 ? 89  GLN A CA  1 
ATOM   792 C  C   . GLN A 1 104 ? 4.249   3.373   11.716  1.00 13.69 ? 89  GLN A C   1 
ATOM   793 O  O   . GLN A 1 104 ? 3.551   4.096   12.429  1.00 13.97 ? 89  GLN A O   1 
ATOM   794 C  CB  . GLN A 1 104 ? 4.011   4.855   9.717   1.00 12.87 ? 89  GLN A CB  1 
ATOM   795 C  CG  . GLN A 1 104 ? 4.781   5.679   8.694   1.00 13.05 ? 89  GLN A CG  1 
ATOM   796 C  CD  . GLN A 1 104 ? 5.804   6.565   9.355   1.00 16.14 ? 89  GLN A CD  1 
ATOM   797 O  OE1 . GLN A 1 104 ? 5.450   7.430   10.153  1.00 19.34 ? 89  GLN A OE1 1 
ATOM   798 N  NE2 . GLN A 1 104 ? 7.072   6.370   9.027   1.00 15.77 ? 89  GLN A NE2 1 
ATOM   799 N  N   . GLU A 1 105 ? 4.434   2.077   11.948  1.00 14.63 ? 90  GLU A N   1 
ATOM   800 C  CA  . GLU A 1 105 ? 3.798   1.408   13.082  1.00 15.47 ? 90  GLU A CA  1 
ATOM   801 C  C   . GLU A 1 105 ? 3.973   2.175   14.394  1.00 15.55 ? 90  GLU A C   1 
ATOM   802 O  O   . GLU A 1 105 ? 3.020   2.324   15.168  1.00 16.73 ? 90  GLU A O   1 
ATOM   803 C  CB  . GLU A 1 105 ? 4.363   -0.002  13.203  1.00 20.19 ? 90  GLU A CB  1 
ATOM   804 C  CG  . GLU A 1 105 ? 3.900   -0.754  14.434  1.00 20.68 ? 90  GLU A CG  1 
ATOM   805 C  CD  . GLU A 1 105 ? 4.170   -2.232  14.330  1.00 17.17 ? 90  GLU A CD  1 
ATOM   806 O  OE1 . GLU A 1 105 ? 5.299   -2.634  13.940  1.00 23.53 ? 90  GLU A OE1 1 
ATOM   807 O  OE2 . GLU A 1 105 ? 3.237   -2.999  14.662  1.00 20.00 ? 90  GLU A OE2 1 
ATOM   808 N  N   . GLU A 1 106 ? 5.187   2.657   14.674  1.00 16.05 ? 91  GLU A N   1 
ATOM   809 C  CA  . GLU A 1 106 ? 5.436   3.330   15.948  1.00 18.39 ? 91  GLU A CA  1 
ATOM   810 C  C   . GLU A 1 106 ? 4.675   4.641   16.086  1.00 21.29 ? 91  GLU A C   1 
ATOM   811 O  O   . GLU A 1 106 ? 4.448   5.086   17.218  1.00 28.42 ? 91  GLU A O   1 
ATOM   812 C  CB  . GLU A 1 106 ? 6.936   3.571   16.122  1.00 22.51 ? 91  GLU A CB  1 
ATOM   813 C  CG  . GLU A 1 106 ? 7.771   2.302   16.123  1.00 24.24 ? 91  GLU A CG  1 
ATOM   814 C  CD  . GLU A 1 106 ? 9.249   2.575   15.906  1.00 37.56 ? 91  GLU A CD  1 
ATOM   815 O  OE1 . GLU A 1 106 ? 9.579   3.551   15.193  1.00 43.27 ? 91  GLU A OE1 1 
ATOM   816 O  OE2 . GLU A 1 106 ? 10.081  1.815   16.446  1.00 27.59 ? 91  GLU A OE2 1 
ATOM   817 N  N   . ALA A 1 107 ? 4.262   5.265   14.977  1.00 20.60 ? 92  ALA A N   1 
ATOM   818 C  CA  . ALA A 1 107 ? 3.559   6.541   15.046  1.00 22.86 ? 92  ALA A CA  1 
ATOM   819 C  C   . ALA A 1 107 ? 2.133   6.404   15.554  1.00 26.04 ? 92  ALA A C   1 
ATOM   820 O  O   . ALA A 1 107 ? 1.471   7.421   15.786  1.00 24.44 ? 92  ALA A O   1 
ATOM   821 C  CB  . ALA A 1 107 ? 3.542   7.211   13.673  1.00 21.69 ? 92  ALA A CB  1 
ATOM   822 N  N   . LEU A 1 108 ? 1.645   5.184   15.720  1.00 21.61 ? 93  LEU A N   1 
ATOM   823 C  CA  . LEU A 1 108 ? 0.262   4.980   16.115  1.00 26.71 ? 93  LEU A CA  1 
ATOM   824 C  C   . LEU A 1 108 ? 0.130   5.094   17.630  1.00 31.35 ? 93  LEU A C   1 
ATOM   825 O  O   . LEU A 1 108 ? 0.892   4.468   18.374  1.00 35.07 ? 93  LEU A O   1 
ATOM   826 C  CB  . LEU A 1 108 ? -0.222  3.617   15.610  1.00 18.57 ? 93  LEU A CB  1 
ATOM   827 C  CG  . LEU A 1 108 ? -0.457  3.540   14.085  1.00 15.95 ? 93  LEU A CG  1 
ATOM   828 C  CD1 . LEU A 1 108 ? -0.593  2.115   13.592  1.00 22.72 ? 93  LEU A CD1 1 
ATOM   829 C  CD2 . LEU A 1 108 ? -1.691  4.334   13.718  1.00 20.12 ? 93  LEU A CD2 1 
ATOM   830 N  N   . TYR A 1 109 ? -0.815  5.926   18.076  1.00 33.49 ? 94  TYR A N   1 
ATOM   831 C  CA  . TYR A 1 109 ? -1.134  6.091   19.498  1.00 36.95 ? 94  TYR A CA  1 
ATOM   832 C  C   . TYR A 1 109 ? -2.606  5.788   19.772  1.00 40.39 ? 94  TYR A C   1 
ATOM   833 O  O   . TYR A 1 109 ? -2.933  5.056   20.706  1.00 36.30 ? 94  TYR A O   1 
ATOM   834 C  CB  . TYR A 1 109 ? -0.816  7.516   19.971  1.00 30.92 ? 94  TYR A CB  1 
ATOM   835 C  CG  . TYR A 1 109 ? 0.655   7.765   20.197  1.00 36.58 ? 94  TYR A CG  1 
ATOM   836 C  CD1 . TYR A 1 109 ? 1.240   7.506   21.432  1.00 33.06 ? 94  TYR A CD1 1 
ATOM   837 C  CD2 . TYR A 1 109 ? 1.463   8.253   19.174  1.00 35.51 ? 94  TYR A CD2 1 
ATOM   838 C  CE1 . TYR A 1 109 ? 2.586   7.729   21.642  1.00 38.15 ? 94  TYR A CE1 1 
ATOM   839 C  CE2 . TYR A 1 109 ? 2.812   8.479   19.376  1.00 34.72 ? 94  TYR A CE2 1 
ATOM   840 C  CZ  . TYR A 1 109 ? 3.367   8.214   20.612  1.00 35.06 ? 94  TYR A CZ  1 
ATOM   841 O  OH  . TYR A 1 109 ? 4.710   8.431   20.820  1.00 34.52 ? 94  TYR A OH  1 
ATOM   842 O  OXT . TYR A 1 109 ? -3.500  6.271   19.071  1.00 43.69 ? 94  TYR A OXT 1 
HETATM 843 FE FE1 . FES B 2 .   ? -1.340  -6.818  9.866   1.00 9.86  ? 101 FES A FE1 1 
HETATM 844 FE FE2 . FES B 2 .   ? -1.263  -5.386  7.586   1.00 9.62  ? 101 FES A FE2 1 
HETATM 845 S  S1  . FES B 2 .   ? 0.176   -6.890  8.233   1.00 10.18 ? 101 FES A S1  1 
HETATM 846 S  S2  . FES B 2 .   ? -2.673  -5.222  9.218   1.00 10.15 ? 101 FES A S2  1 
HETATM 847 C  C1  . BEN C 3 .   ? -3.743  -12.245 0.448   1.00 10.87 ? 102 BEN A C1  1 
HETATM 848 C  C2  . BEN C 3 .   ? -3.394  -12.171 1.789   1.00 12.42 ? 102 BEN A C2  1 
HETATM 849 C  C3  . BEN C 3 .   ? -3.938  -13.061 2.696   1.00 12.93 ? 102 BEN A C3  1 
HETATM 850 C  C4  . BEN C 3 .   ? -4.837  -14.033 2.261   1.00 13.63 ? 102 BEN A C4  1 
HETATM 851 C  C5  . BEN C 3 .   ? -5.213  -14.129 0.935   1.00 12.76 ? 102 BEN A C5  1 
HETATM 852 C  C6  . BEN C 3 .   ? -4.660  -13.220 0.043   1.00 11.24 ? 102 BEN A C6  1 
HETATM 853 C  C   . BEN C 3 .   ? -3.217  -11.326 -0.492  1.00 11.28 ? 102 BEN A C   1 
HETATM 854 N  N1  . BEN C 3 .   ? -2.925  -11.714 -1.721  1.00 11.55 ? 102 BEN A N1  1 
HETATM 855 N  N2  . BEN C 3 .   ? -3.050  -10.051 -0.174  1.00 12.54 ? 102 BEN A N2  1 
HETATM 856 C  C1  . BEN D 3 .   ? -9.047  -3.745  -23.709 1.00 19.73 ? 103 BEN A C1  1 
HETATM 857 C  C2  . BEN D 3 .   ? -8.358  -4.852  -23.228 1.00 23.39 ? 103 BEN A C2  1 
HETATM 858 C  C3  . BEN D 3 .   ? -7.783  -5.751  -24.116 1.00 20.44 ? 103 BEN A C3  1 
HETATM 859 C  C4  . BEN D 3 .   ? -7.904  -5.548  -25.481 1.00 16.92 ? 103 BEN A C4  1 
HETATM 860 C  C5  . BEN D 3 .   ? -8.592  -4.444  -25.952 1.00 14.93 ? 103 BEN A C5  1 
HETATM 861 C  C6  . BEN D 3 .   ? -9.166  -3.541  -25.071 1.00 15.08 ? 103 BEN A C6  1 
HETATM 862 C  C   . BEN D 3 .   ? -9.622  -2.855  -22.794 1.00 30.98 ? 103 BEN A C   1 
HETATM 863 N  N1  . BEN D 3 .   ? -9.370  -1.554  -22.835 1.00 27.85 ? 103 BEN A N1  1 
HETATM 864 N  N2  . BEN D 3 .   ? -10.453 -3.323  -21.879 1.00 26.37 ? 103 BEN A N2  1 
HETATM 865 NA NA  . NA  E 4 .   ? -8.823  -7.320  -11.445 1.00 30.63 ? 104 NA  A NA  1 
HETATM 866 CL CL  . CL  F 5 .   ? 8.496   -7.522  8.939   1.00 18.46 ? 105 CL  A CL  1 
HETATM 867 O  O   . HOH G 6 .   ? -1.780  7.119   -12.474 1.00 31.15 ? 201 HOH A O   1 
HETATM 868 O  O   . HOH G 6 .   ? -9.491  -6.697  8.658   1.00 18.09 ? 202 HOH A O   1 
HETATM 869 O  O   . HOH G 6 .   ? -13.003 -7.602  0.601   1.00 32.03 ? 203 HOH A O   1 
HETATM 870 O  O   . HOH G 6 .   ? -11.332 -2.749  -0.316  1.00 24.91 ? 204 HOH A O   1 
HETATM 871 O  O   . HOH G 6 .   ? 6.251   11.334  -3.595  1.00 21.40 ? 205 HOH A O   1 
HETATM 872 O  O   . HOH G 6 .   ? -3.354  -7.547  -3.895  1.00 15.72 ? 206 HOH A O   1 
HETATM 873 O  O   . HOH G 6 .   ? 17.726  2.586   -1.256  1.00 28.92 ? 207 HOH A O   1 
HETATM 874 O  O   . HOH G 6 .   ? 1.917   -5.505  14.611  1.00 23.25 ? 208 HOH A O   1 
HETATM 875 O  O   . HOH G 6 .   ? -5.919  7.152   5.694   1.00 15.83 ? 209 HOH A O   1 
HETATM 876 O  O   . HOH G 6 .   ? 9.001   -8.002  5.278   1.00 17.96 ? 210 HOH A O   1 
HETATM 877 O  O   . HOH G 6 .   ? -5.703  10.271  1.592   1.00 29.40 ? 211 HOH A O   1 
HETATM 878 O  O   . HOH G 6 .   ? 7.517   2.389   13.006  1.00 25.10 ? 212 HOH A O   1 
HETATM 879 O  O   . HOH G 6 .   ? 5.229   -2.694  -9.622  1.00 26.38 ? 213 HOH A O   1 
HETATM 880 O  O   . HOH G 6 .   ? -8.212  0.756   -6.438  1.00 17.31 ? 214 HOH A O   1 
HETATM 881 O  O   . HOH G 6 .   ? -2.762  7.329   16.722  1.00 28.89 ? 215 HOH A O   1 
HETATM 882 O  O   . HOH G 6 .   ? 0.127   -2.833  17.551  1.00 19.53 ? 216 HOH A O   1 
HETATM 883 O  O   . HOH G 6 .   ? -10.578 -0.144  -4.723  1.00 24.32 ? 217 HOH A O   1 
HETATM 884 O  O   . HOH G 6 .   ? -3.583  -8.871  2.348   1.00 18.54 ? 218 HOH A O   1 
HETATM 885 O  O   . HOH G 6 .   ? 9.779   -8.976  -1.408  1.00 25.75 ? 219 HOH A O   1 
HETATM 886 O  O   . HOH G 6 .   ? -15.873 8.591   12.499  1.00 16.77 ? 220 HOH A O   1 
HETATM 887 O  O   . HOH G 6 .   ? -0.698  -8.529  1.799   1.00 17.86 ? 221 HOH A O   1 
HETATM 888 O  O   . HOH G 6 .   ? -9.443  -2.992  1.343   1.00 21.02 ? 222 HOH A O   1 
HETATM 889 O  O   . HOH G 6 .   ? -3.645  12.541  0.769   1.00 27.46 ? 223 HOH A O   1 
HETATM 890 O  O   . HOH G 6 .   ? -6.229  1.425   16.357  1.00 19.31 ? 224 HOH A O   1 
HETATM 891 O  O   . HOH G 6 .   ? -10.809 -6.477  -1.405  1.00 25.18 ? 225 HOH A O   1 
HETATM 892 O  O   . HOH G 6 .   ? -4.549  -1.085  -12.930 1.00 32.26 ? 226 HOH A O   1 
HETATM 893 O  O   . HOH G 6 .   ? -1.616  -11.630 -15.793 1.00 17.69 ? 227 HOH A O   1 
HETATM 894 O  O   . HOH G 6 .   ? 5.386   4.947   19.791  1.00 29.00 ? 228 HOH A O   1 
HETATM 895 O  O   . HOH G 6 .   ? 7.218   10.450  -6.870  1.00 20.58 ? 229 HOH A O   1 
HETATM 896 O  O   . HOH G 6 .   ? -7.725  -0.576  -24.804 1.00 23.22 ? 230 HOH A O   1 
HETATM 897 O  O   . HOH G 6 .   ? 6.489   -2.681  11.466  1.00 24.81 ? 231 HOH A O   1 
HETATM 898 O  O   . HOH G 6 .   ? 12.279  12.047  -0.826  1.00 19.34 ? 232 HOH A O   1 
HETATM 899 O  O   . HOH G 6 .   ? -0.529  -16.061 -21.722 1.00 15.57 ? 233 HOH A O   1 
HETATM 900 O  O   . HOH G 6 .   ? 4.461   -2.337  4.999   1.00 11.27 ? 234 HOH A O   1 
HETATM 901 O  O   . HOH G 6 .   ? 2.254   10.798  -5.173  1.00 23.55 ? 235 HOH A O   1 
HETATM 902 O  O   . HOH G 6 .   ? -3.530  -14.194 -18.109 1.00 24.48 ? 236 HOH A O   1 
HETATM 903 O  O   . HOH G 6 .   ? -9.798  4.994   2.577   1.00 16.81 ? 237 HOH A O   1 
HETATM 904 O  O   . HOH G 6 .   ? -9.595  2.913   -9.500  1.00 24.09 ? 238 HOH A O   1 
HETATM 905 O  O   . HOH G 6 .   ? 5.843   -5.540  13.116  1.00 28.55 ? 239 HOH A O   1 
HETATM 906 O  O   . HOH G 6 .   ? 4.896   -0.057  9.854   1.00 15.47 ? 240 HOH A O   1 
HETATM 907 O  O   . HOH G 6 .   ? 8.211   -11.539 2.274   1.00 19.62 ? 241 HOH A O   1 
HETATM 908 O  O   . HOH G 6 .   ? 8.233   11.659  -1.831  1.00 18.03 ? 242 HOH A O   1 
HETATM 909 O  O   . HOH G 6 .   ? -3.285  11.884  3.819   1.00 35.76 ? 243 HOH A O   1 
HETATM 910 O  O   . HOH G 6 .   ? 13.018  9.390   1.373   1.00 16.41 ? 244 HOH A O   1 
HETATM 911 O  O   . HOH G 6 .   ? 4.398   -13.602 -5.542  1.00 31.30 ? 245 HOH A O   1 
HETATM 912 O  O   . HOH G 6 .   ? -12.349 2.200   12.320  1.00 18.67 ? 246 HOH A O   1 
HETATM 913 O  O   . HOH G 6 .   ? 13.780  0.646   3.832   1.00 21.90 ? 247 HOH A O   1 
HETATM 914 O  O   . HOH G 6 .   ? 3.667   8.634   -6.804  1.00 21.19 ? 248 HOH A O   1 
HETATM 915 O  O   . HOH G 6 .   ? -4.298  9.502   14.580  1.00 26.37 ? 249 HOH A O   1 
HETATM 916 O  O   . HOH G 6 .   ? 4.922   0.229   6.043   1.00 12.06 ? 250 HOH A O   1 
HETATM 917 O  O   . HOH G 6 .   ? -8.161  -7.797  -16.270 1.00 24.64 ? 251 HOH A O   1 
HETATM 918 O  O   . HOH G 6 .   ? 11.566  3.603   -9.200  1.00 29.08 ? 252 HOH A O   1 
HETATM 919 O  O   . HOH G 6 .   ? 14.918  8.808   -2.442  1.00 15.66 ? 253 HOH A O   1 
HETATM 920 O  O   . HOH G 6 .   ? -7.800  -9.288  -18.908 1.00 20.24 ? 254 HOH A O   1 
HETATM 921 O  O   . HOH G 6 .   ? -3.646  -16.869 -19.084 1.00 34.29 ? 255 HOH A O   1 
HETATM 922 O  O   . HOH G 6 .   ? 4.871   -5.302  -8.483  1.00 31.23 ? 256 HOH A O   1 
HETATM 923 O  O   . HOH G 6 .   ? -6.326  -3.258  -11.621 1.00 26.19 ? 257 HOH A O   1 
HETATM 924 O  O   . HOH G 6 .   ? -11.844 1.137   6.097   1.00 25.47 ? 258 HOH A O   1 
HETATM 925 O  O   . HOH G 6 .   ? 7.456   9.413   20.449  1.00 18.75 ? 259 HOH A O   1 
HETATM 926 O  O   . HOH G 6 .   ? -3.457  2.201   17.765  1.00 31.18 ? 260 HOH A O   1 
HETATM 927 O  O   . HOH G 6 .   ? -7.496  7.685   1.352   1.00 15.39 ? 261 HOH A O   1 
HETATM 928 O  O   . HOH G 6 .   ? 7.004   -0.908  -10.732 1.00 29.10 ? 262 HOH A O   1 
HETATM 929 O  O   . HOH G 6 .   ? -12.441 0.266   8.549   1.00 30.47 ? 263 HOH A O   1 
HETATM 930 O  O   . HOH G 6 .   ? 5.139   -14.593 5.030   1.00 12.27 ? 264 HOH A O   1 
HETATM 931 O  O   . HOH G 6 .   ? -13.055 4.742   9.204   1.00 24.37 ? 265 HOH A O   1 
HETATM 932 O  O   . HOH G 6 .   ? 1.387   -6.526  -12.504 1.00 29.10 ? 266 HOH A O   1 
HETATM 933 O  O   . HOH G 6 .   ? -6.554  11.353  -4.607  1.00 26.52 ? 267 HOH A O   1 
HETATM 934 O  O   . HOH G 6 .   ? 2.610   -14.313 3.880   1.00 28.73 ? 268 HOH A O   1 
HETATM 935 O  O   . HOH G 6 .   ? -10.071 7.654   0.262   1.00 18.23 ? 269 HOH A O   1 
HETATM 936 O  O   . HOH G 6 .   ? -7.557  6.122   3.761   1.00 17.49 ? 270 HOH A O   1 
HETATM 937 O  O   . HOH G 6 .   ? 3.609   10.726  5.394   1.00 24.28 ? 271 HOH A O   1 
HETATM 938 O  O   . HOH G 6 .   ? 2.768   15.044  3.419   1.00 34.98 ? 272 HOH A O   1 
HETATM 939 O  O   . HOH G 6 .   ? -7.805  -5.542  14.957  1.00 27.16 ? 273 HOH A O   1 
HETATM 940 O  O   . HOH G 6 .   ? -8.358  13.348  15.432  1.00 24.03 ? 274 HOH A O   1 
HETATM 941 O  O   . HOH G 6 .   ? -4.270  8.610   -12.180 1.00 23.94 ? 275 HOH A O   1 
HETATM 942 O  O   . HOH G 6 .   ? -0.410  -9.174  -6.476  1.00 20.58 ? 276 HOH A O   1 
HETATM 943 O  O   . HOH G 6 .   ? 12.127  -1.012  2.724   1.00 29.18 ? 277 HOH A O   1 
HETATM 944 O  O   . HOH G 6 .   ? 8.202   -1.030  11.182  1.00 33.47 ? 278 HOH A O   1 
# 
